data_1U61
# 
_entry.id   1U61 
# 
_audit_conform.dict_name       mmcif_pdbx.dic 
_audit_conform.dict_version    5.397 
_audit_conform.dict_location   http://mmcif.pdb.org/dictionaries/ascii/mmcif_pdbx.dic 
# 
loop_
_database_2.database_id 
_database_2.database_code 
_database_2.pdbx_database_accession 
_database_2.pdbx_DOI 
PDB   1U61         pdb_00001u61 10.2210/pdb1u61/pdb 
RCSB  RCSB023289   ?            ?                   
WWPDB D_1000023289 ?            ?                   
# 
loop_
_pdbx_audit_revision_history.ordinal 
_pdbx_audit_revision_history.data_content_type 
_pdbx_audit_revision_history.major_revision 
_pdbx_audit_revision_history.minor_revision 
_pdbx_audit_revision_history.revision_date 
1 'Structure model' 1 0 2004-09-21 
2 'Structure model' 1 1 2008-04-30 
3 'Structure model' 1 2 2011-07-13 
4 'Structure model' 1 3 2024-10-09 
# 
_pdbx_audit_revision_details.ordinal             1 
_pdbx_audit_revision_details.revision_ordinal    1 
_pdbx_audit_revision_details.data_content_type   'Structure model' 
_pdbx_audit_revision_details.provider            repository 
_pdbx_audit_revision_details.type                'Initial release' 
_pdbx_audit_revision_details.description         ? 
_pdbx_audit_revision_details.details             ? 
# 
loop_
_pdbx_audit_revision_group.ordinal 
_pdbx_audit_revision_group.revision_ordinal 
_pdbx_audit_revision_group.data_content_type 
_pdbx_audit_revision_group.group 
1 2 'Structure model' 'Version format compliance' 
2 3 'Structure model' Advisory                    
3 3 'Structure model' 'Version format compliance' 
4 4 'Structure model' 'Data collection'           
5 4 'Structure model' 'Database references'       
6 4 'Structure model' 'Derived calculations'      
7 4 'Structure model' 'Structure summary'         
# 
loop_
_pdbx_audit_revision_category.ordinal 
_pdbx_audit_revision_category.revision_ordinal 
_pdbx_audit_revision_category.data_content_type 
_pdbx_audit_revision_category.category 
1 4 'Structure model' chem_comp_atom            
2 4 'Structure model' chem_comp_bond            
3 4 'Structure model' database_2                
4 4 'Structure model' pdbx_entry_details        
5 4 'Structure model' pdbx_modification_feature 
6 4 'Structure model' struct_conn               
7 4 'Structure model' struct_ref_seq_dif        
# 
loop_
_pdbx_audit_revision_item.ordinal 
_pdbx_audit_revision_item.revision_ordinal 
_pdbx_audit_revision_item.data_content_type 
_pdbx_audit_revision_item.item 
1 4 'Structure model' '_database_2.pdbx_DOI'                
2 4 'Structure model' '_database_2.pdbx_database_accession' 
3 4 'Structure model' '_struct_conn.pdbx_leaving_atom_flag' 
4 4 'Structure model' '_struct_ref_seq_dif.details'         
# 
_pdbx_database_status.status_code                     REL 
_pdbx_database_status.entry_id                        1U61 
_pdbx_database_status.recvd_initial_deposition_date   2004-07-29 
_pdbx_database_status.deposit_site                    RCSB 
_pdbx_database_status.process_site                    RCSB 
_pdbx_database_status.SG_entry                        Y 
_pdbx_database_status.status_code_sf                  REL 
_pdbx_database_status.status_code_mr                  ? 
_pdbx_database_status.pdb_format_compatible           Y 
_pdbx_database_status.status_code_cs                  ? 
_pdbx_database_status.status_code_nmr_data            ? 
_pdbx_database_status.methods_development_category    ? 
# 
_pdbx_database_related.db_name        TargetDB 
_pdbx_database_related.db_id          APC22682 
_pdbx_database_related.details        . 
_pdbx_database_related.content_type   unspecified 
# 
loop_
_audit_author.name 
_audit_author.pdbx_ordinal 
'Osipiuk, J.'                                   1 
'Quartey, P.'                                   2 
'Moy, S.'                                       3 
'Collart, F.'                                   4 
'Joachimiak, A.'                                5 
'Midwest Center for Structural Genomics (MCSG)' 6 
# 
_citation.id                        primary 
_citation.title                     'X-ray crystal structure of conserved hypothetical protein from Bacillus cereus' 
_citation.journal_abbrev            'To be Published' 
_citation.journal_volume            ? 
_citation.page_first                ? 
_citation.page_last                 ? 
_citation.year                      ? 
_citation.journal_id_ASTM           ? 
_citation.country                   ? 
_citation.journal_id_ISSN           ? 
_citation.journal_id_CSD            0353 
_citation.book_publisher            ? 
_citation.pdbx_database_id_PubMed   ? 
_citation.pdbx_database_id_DOI      ? 
# 
loop_
_citation_author.citation_id 
_citation_author.name 
_citation_author.ordinal 
_citation_author.identifier_ORCID 
primary 'Osipiuk, J.'    1 ? 
primary 'Quartey, P.'    2 ? 
primary 'Moy, S.'        3 ? 
primary 'Collart, F.'    4 ? 
primary 'Joachimiak, A.' 5 ? 
# 
loop_
_entity.id 
_entity.type 
_entity.src_method 
_entity.pdbx_description 
_entity.formula_weight 
_entity.pdbx_number_of_molecules 
_entity.pdbx_ec 
_entity.pdbx_mutation 
_entity.pdbx_fragment 
_entity.details 
1 polymer man 'hypothetical protein' 15678.324 1  ? ? ? ? 
2 water   nat water                  18.015    77 ? ? ? ? 
# 
_entity_poly.entity_id                      1 
_entity_poly.type                           'polypeptide(L)' 
_entity_poly.nstd_linkage                   no 
_entity_poly.nstd_monomer                   yes 
_entity_poly.pdbx_seq_one_letter_code       
;SNA(MSE)IDAKQLNSLALAY(MSE)GDAVYEQYIRYHLLQKGKVRPNQLHRLGTSFVSAKAQAKVVYHLLETAFLTEEE
EAVLRRGRNANSGTVPKNTDVQTYRHSTAFEALIGYHHLLNNRERLDEIVYKAIAVLEEQEGGTSS
;
_entity_poly.pdbx_seq_one_letter_code_can   
;SNAMIDAKQLNSLALAYMGDAVYEQYIRYHLLQKGKVRPNQLHRLGTSFVSAKAQAKVVYHLLETAFLTEEEEAVLRRGR
NANSGTVPKNTDVQTYRHSTAFEALIGYHHLLNNRERLDEIVYKAIAVLEEQEGGTSS
;
_entity_poly.pdbx_strand_id                 A 
_entity_poly.pdbx_target_identifier         APC22682 
# 
_pdbx_entity_nonpoly.entity_id   2 
_pdbx_entity_nonpoly.name        water 
_pdbx_entity_nonpoly.comp_id     HOH 
# 
loop_
_entity_poly_seq.entity_id 
_entity_poly_seq.num 
_entity_poly_seq.mon_id 
_entity_poly_seq.hetero 
1 1   SER n 
1 2   ASN n 
1 3   ALA n 
1 4   MSE n 
1 5   ILE n 
1 6   ASP n 
1 7   ALA n 
1 8   LYS n 
1 9   GLN n 
1 10  LEU n 
1 11  ASN n 
1 12  SER n 
1 13  LEU n 
1 14  ALA n 
1 15  LEU n 
1 16  ALA n 
1 17  TYR n 
1 18  MSE n 
1 19  GLY n 
1 20  ASP n 
1 21  ALA n 
1 22  VAL n 
1 23  TYR n 
1 24  GLU n 
1 25  GLN n 
1 26  TYR n 
1 27  ILE n 
1 28  ARG n 
1 29  TYR n 
1 30  HIS n 
1 31  LEU n 
1 32  LEU n 
1 33  GLN n 
1 34  LYS n 
1 35  GLY n 
1 36  LYS n 
1 37  VAL n 
1 38  ARG n 
1 39  PRO n 
1 40  ASN n 
1 41  GLN n 
1 42  LEU n 
1 43  HIS n 
1 44  ARG n 
1 45  LEU n 
1 46  GLY n 
1 47  THR n 
1 48  SER n 
1 49  PHE n 
1 50  VAL n 
1 51  SER n 
1 52  ALA n 
1 53  LYS n 
1 54  ALA n 
1 55  GLN n 
1 56  ALA n 
1 57  LYS n 
1 58  VAL n 
1 59  VAL n 
1 60  TYR n 
1 61  HIS n 
1 62  LEU n 
1 63  LEU n 
1 64  GLU n 
1 65  THR n 
1 66  ALA n 
1 67  PHE n 
1 68  LEU n 
1 69  THR n 
1 70  GLU n 
1 71  GLU n 
1 72  GLU n 
1 73  GLU n 
1 74  ALA n 
1 75  VAL n 
1 76  LEU n 
1 77  ARG n 
1 78  ARG n 
1 79  GLY n 
1 80  ARG n 
1 81  ASN n 
1 82  ALA n 
1 83  ASN n 
1 84  SER n 
1 85  GLY n 
1 86  THR n 
1 87  VAL n 
1 88  PRO n 
1 89  LYS n 
1 90  ASN n 
1 91  THR n 
1 92  ASP n 
1 93  VAL n 
1 94  GLN n 
1 95  THR n 
1 96  TYR n 
1 97  ARG n 
1 98  HIS n 
1 99  SER n 
1 100 THR n 
1 101 ALA n 
1 102 PHE n 
1 103 GLU n 
1 104 ALA n 
1 105 LEU n 
1 106 ILE n 
1 107 GLY n 
1 108 TYR n 
1 109 HIS n 
1 110 HIS n 
1 111 LEU n 
1 112 LEU n 
1 113 ASN n 
1 114 ASN n 
1 115 ARG n 
1 116 GLU n 
1 117 ARG n 
1 118 LEU n 
1 119 ASP n 
1 120 GLU n 
1 121 ILE n 
1 122 VAL n 
1 123 TYR n 
1 124 LYS n 
1 125 ALA n 
1 126 ILE n 
1 127 ALA n 
1 128 VAL n 
1 129 LEU n 
1 130 GLU n 
1 131 GLU n 
1 132 GLN n 
1 133 GLU n 
1 134 GLY n 
1 135 GLY n 
1 136 THR n 
1 137 SER n 
1 138 SER n 
# 
_entity_src_gen.entity_id                          1 
_entity_src_gen.pdbx_src_id                        1 
_entity_src_gen.pdbx_alt_source_flag               sample 
_entity_src_gen.pdbx_seq_type                      ? 
_entity_src_gen.pdbx_beg_seq_num                   ? 
_entity_src_gen.pdbx_end_seq_num                   ? 
_entity_src_gen.gene_src_common_name               ? 
_entity_src_gen.gene_src_genus                     Bacillus 
_entity_src_gen.pdbx_gene_src_gene                 BC0111 
_entity_src_gen.gene_src_species                   ? 
_entity_src_gen.gene_src_strain                    ? 
_entity_src_gen.gene_src_tissue                    ? 
_entity_src_gen.gene_src_tissue_fraction           ? 
_entity_src_gen.gene_src_details                   ? 
_entity_src_gen.pdbx_gene_src_fragment             ? 
_entity_src_gen.pdbx_gene_src_scientific_name      'Bacillus cereus' 
_entity_src_gen.pdbx_gene_src_ncbi_taxonomy_id     1396 
_entity_src_gen.pdbx_gene_src_variant              ? 
_entity_src_gen.pdbx_gene_src_cell_line            ? 
_entity_src_gen.pdbx_gene_src_atcc                 14579 
_entity_src_gen.pdbx_gene_src_organ                ? 
_entity_src_gen.pdbx_gene_src_organelle            ? 
_entity_src_gen.pdbx_gene_src_cell                 ? 
_entity_src_gen.pdbx_gene_src_cellular_location    ? 
_entity_src_gen.host_org_common_name               ? 
_entity_src_gen.pdbx_host_org_scientific_name      'Escherichia coli BL21(DE3)' 
_entity_src_gen.pdbx_host_org_ncbi_taxonomy_id     469008 
_entity_src_gen.host_org_genus                     Escherichia 
_entity_src_gen.pdbx_host_org_gene                 ? 
_entity_src_gen.pdbx_host_org_organ                ? 
_entity_src_gen.host_org_species                   'Escherichia coli' 
_entity_src_gen.pdbx_host_org_tissue               ? 
_entity_src_gen.pdbx_host_org_tissue_fraction      ? 
_entity_src_gen.pdbx_host_org_strain               'BL21(DE3)' 
_entity_src_gen.pdbx_host_org_variant              ? 
_entity_src_gen.pdbx_host_org_cell_line            ? 
_entity_src_gen.pdbx_host_org_atcc                 ? 
_entity_src_gen.pdbx_host_org_culture_collection   ? 
_entity_src_gen.pdbx_host_org_cell                 ? 
_entity_src_gen.pdbx_host_org_organelle            ? 
_entity_src_gen.pdbx_host_org_cellular_location    ? 
_entity_src_gen.pdbx_host_org_vector_type          plasmid 
_entity_src_gen.pdbx_host_org_vector               ? 
_entity_src_gen.host_org_details                   ? 
_entity_src_gen.expression_system_id               ? 
_entity_src_gen.plasmid_name                       pMCSG7 
_entity_src_gen.plasmid_details                    ? 
_entity_src_gen.pdbx_description                   ? 
# 
loop_
_chem_comp.id 
_chem_comp.type 
_chem_comp.mon_nstd_flag 
_chem_comp.name 
_chem_comp.pdbx_synonyms 
_chem_comp.formula 
_chem_comp.formula_weight 
ALA 'L-peptide linking' y ALANINE          ? 'C3 H7 N O2'     89.093  
ARG 'L-peptide linking' y ARGININE         ? 'C6 H15 N4 O2 1' 175.209 
ASN 'L-peptide linking' y ASPARAGINE       ? 'C4 H8 N2 O3'    132.118 
ASP 'L-peptide linking' y 'ASPARTIC ACID'  ? 'C4 H7 N O4'     133.103 
GLN 'L-peptide linking' y GLUTAMINE        ? 'C5 H10 N2 O3'   146.144 
GLU 'L-peptide linking' y 'GLUTAMIC ACID'  ? 'C5 H9 N O4'     147.129 
GLY 'peptide linking'   y GLYCINE          ? 'C2 H5 N O2'     75.067  
HIS 'L-peptide linking' y HISTIDINE        ? 'C6 H10 N3 O2 1' 156.162 
HOH non-polymer         . WATER            ? 'H2 O'           18.015  
ILE 'L-peptide linking' y ISOLEUCINE       ? 'C6 H13 N O2'    131.173 
LEU 'L-peptide linking' y LEUCINE          ? 'C6 H13 N O2'    131.173 
LYS 'L-peptide linking' y LYSINE           ? 'C6 H15 N2 O2 1' 147.195 
MET 'L-peptide linking' y METHIONINE       ? 'C5 H11 N O2 S'  149.211 
MSE 'L-peptide linking' n SELENOMETHIONINE ? 'C5 H11 N O2 Se' 196.106 
PHE 'L-peptide linking' y PHENYLALANINE    ? 'C9 H11 N O2'    165.189 
PRO 'L-peptide linking' y PROLINE          ? 'C5 H9 N O2'     115.130 
SER 'L-peptide linking' y SERINE           ? 'C3 H7 N O3'     105.093 
THR 'L-peptide linking' y THREONINE        ? 'C4 H9 N O3'     119.119 
TYR 'L-peptide linking' y TYROSINE         ? 'C9 H11 N O3'    181.189 
VAL 'L-peptide linking' y VALINE           ? 'C5 H11 N O2'    117.146 
# 
loop_
_pdbx_poly_seq_scheme.asym_id 
_pdbx_poly_seq_scheme.entity_id 
_pdbx_poly_seq_scheme.seq_id 
_pdbx_poly_seq_scheme.mon_id 
_pdbx_poly_seq_scheme.ndb_seq_num 
_pdbx_poly_seq_scheme.pdb_seq_num 
_pdbx_poly_seq_scheme.auth_seq_num 
_pdbx_poly_seq_scheme.pdb_mon_id 
_pdbx_poly_seq_scheme.auth_mon_id 
_pdbx_poly_seq_scheme.pdb_strand_id 
_pdbx_poly_seq_scheme.pdb_ins_code 
_pdbx_poly_seq_scheme.hetero 
A 1 1   SER 1   -2  ?   ?   ?   A . n 
A 1 2   ASN 2   -1  ?   ?   ?   A . n 
A 1 3   ALA 3   0   ?   ?   ?   A . n 
A 1 4   MSE 4   1   ?   ?   ?   A . n 
A 1 5   ILE 5   2   2   ILE ILE A . n 
A 1 6   ASP 6   3   3   ASP ASP A . n 
A 1 7   ALA 7   4   4   ALA ALA A . n 
A 1 8   LYS 8   5   5   LYS LYS A . n 
A 1 9   GLN 9   6   6   GLN GLN A . n 
A 1 10  LEU 10  7   7   LEU LEU A . n 
A 1 11  ASN 11  8   8   ASN ASN A . n 
A 1 12  SER 12  9   9   SER SER A . n 
A 1 13  LEU 13  10  10  LEU LEU A . n 
A 1 14  ALA 14  11  11  ALA ALA A . n 
A 1 15  LEU 15  12  12  LEU LEU A . n 
A 1 16  ALA 16  13  13  ALA ALA A . n 
A 1 17  TYR 17  14  14  TYR TYR A . n 
A 1 18  MSE 18  15  15  MSE MSE A . n 
A 1 19  GLY 19  16  16  GLY GLY A . n 
A 1 20  ASP 20  17  17  ASP ASP A . n 
A 1 21  ALA 21  18  18  ALA ALA A . n 
A 1 22  VAL 22  19  19  VAL VAL A . n 
A 1 23  TYR 23  20  20  TYR TYR A . n 
A 1 24  GLU 24  21  21  GLU GLU A . n 
A 1 25  GLN 25  22  22  GLN GLN A . n 
A 1 26  TYR 26  23  23  TYR TYR A . n 
A 1 27  ILE 27  24  24  ILE ILE A . n 
A 1 28  ARG 28  25  25  ARG ARG A . n 
A 1 29  TYR 29  26  26  TYR TYR A . n 
A 1 30  HIS 30  27  27  HIS HIS A . n 
A 1 31  LEU 31  28  28  LEU LEU A . n 
A 1 32  LEU 32  29  29  LEU LEU A . n 
A 1 33  GLN 33  30  30  GLN GLN A . n 
A 1 34  LYS 34  31  31  LYS LYS A . n 
A 1 35  GLY 35  32  32  GLY GLY A . n 
A 1 36  LYS 36  33  33  LYS LYS A . n 
A 1 37  VAL 37  34  34  VAL VAL A . n 
A 1 38  ARG 38  35  35  ARG ARG A . n 
A 1 39  PRO 39  36  36  PRO PRO A . n 
A 1 40  ASN 40  37  37  ASN ASN A . n 
A 1 41  GLN 41  38  38  GLN GLN A . n 
A 1 42  LEU 42  39  39  LEU LEU A . n 
A 1 43  HIS 43  40  40  HIS HIS A . n 
A 1 44  ARG 44  41  41  ARG ARG A . n 
A 1 45  LEU 45  42  42  LEU LEU A . n 
A 1 46  GLY 46  43  43  GLY GLY A . n 
A 1 47  THR 47  44  44  THR THR A . n 
A 1 48  SER 48  45  45  SER SER A . n 
A 1 49  PHE 49  46  46  PHE PHE A . n 
A 1 50  VAL 50  47  47  VAL VAL A . n 
A 1 51  SER 51  48  48  SER SER A . n 
A 1 52  ALA 52  49  49  ALA ALA A . n 
A 1 53  LYS 53  50  50  LYS LYS A . n 
A 1 54  ALA 54  51  51  ALA ALA A . n 
A 1 55  GLN 55  52  52  GLN GLN A . n 
A 1 56  ALA 56  53  53  ALA ALA A . n 
A 1 57  LYS 57  54  54  LYS LYS A . n 
A 1 58  VAL 58  55  55  VAL VAL A . n 
A 1 59  VAL 59  56  56  VAL VAL A . n 
A 1 60  TYR 60  57  57  TYR TYR A . n 
A 1 61  HIS 61  58  58  HIS HIS A . n 
A 1 62  LEU 62  59  59  LEU LEU A . n 
A 1 63  LEU 63  60  60  LEU LEU A . n 
A 1 64  GLU 64  61  61  GLU GLU A . n 
A 1 65  THR 65  62  62  THR THR A . n 
A 1 66  ALA 66  63  63  ALA ALA A . n 
A 1 67  PHE 67  64  64  PHE PHE A . n 
A 1 68  LEU 68  65  65  LEU LEU A . n 
A 1 69  THR 69  66  66  THR THR A . n 
A 1 70  GLU 70  67  67  GLU GLU A . n 
A 1 71  GLU 71  68  68  GLU GLU A . n 
A 1 72  GLU 72  69  69  GLU GLU A . n 
A 1 73  GLU 73  70  70  GLU GLU A . n 
A 1 74  ALA 74  71  71  ALA ALA A . n 
A 1 75  VAL 75  72  72  VAL VAL A . n 
A 1 76  LEU 76  73  73  LEU LEU A . n 
A 1 77  ARG 77  74  74  ARG ARG A . n 
A 1 78  ARG 78  75  75  ARG ARG A . n 
A 1 79  GLY 79  76  76  GLY GLY A . n 
A 1 80  ARG 80  77  77  ARG ARG A . n 
A 1 81  ASN 81  78  78  ASN ASN A . n 
A 1 82  ALA 82  79  79  ALA ALA A . n 
A 1 83  ASN 83  80  80  ASN ASN A . n 
A 1 84  SER 84  81  81  SER SER A . n 
A 1 85  GLY 85  82  82  GLY GLY A . n 
A 1 86  THR 86  83  83  THR THR A . n 
A 1 87  VAL 87  84  84  VAL VAL A . n 
A 1 88  PRO 88  85  85  PRO PRO A . n 
A 1 89  LYS 89  86  86  LYS LYS A . n 
A 1 90  ASN 90  87  87  ASN ASN A . n 
A 1 91  THR 91  88  88  THR THR A . n 
A 1 92  ASP 92  89  89  ASP ASP A . n 
A 1 93  VAL 93  90  90  VAL VAL A . n 
A 1 94  GLN 94  91  91  GLN GLN A . n 
A 1 95  THR 95  92  92  THR THR A . n 
A 1 96  TYR 96  93  93  TYR TYR A . n 
A 1 97  ARG 97  94  94  ARG ARG A . n 
A 1 98  HIS 98  95  95  HIS HIS A . n 
A 1 99  SER 99  96  96  SER SER A . n 
A 1 100 THR 100 97  97  THR THR A . n 
A 1 101 ALA 101 98  98  ALA ALA A . n 
A 1 102 PHE 102 99  99  PHE PHE A . n 
A 1 103 GLU 103 100 100 GLU GLU A . n 
A 1 104 ALA 104 101 101 ALA ALA A . n 
A 1 105 LEU 105 102 102 LEU LEU A . n 
A 1 106 ILE 106 103 103 ILE ILE A . n 
A 1 107 GLY 107 104 104 GLY GLY A . n 
A 1 108 TYR 108 105 105 TYR TYR A . n 
A 1 109 HIS 109 106 106 HIS HIS A . n 
A 1 110 HIS 110 107 107 HIS HIS A . n 
A 1 111 LEU 111 108 108 LEU LEU A . n 
A 1 112 LEU 112 109 109 LEU LEU A . n 
A 1 113 ASN 113 110 110 ASN ASN A . n 
A 1 114 ASN 114 111 111 ASN ASN A . n 
A 1 115 ARG 115 112 112 ARG ARG A . n 
A 1 116 GLU 116 113 113 GLU GLU A . n 
A 1 117 ARG 117 114 114 ARG ARG A . n 
A 1 118 LEU 118 115 115 LEU LEU A . n 
A 1 119 ASP 119 116 116 ASP ASP A . n 
A 1 120 GLU 120 117 117 GLU GLU A . n 
A 1 121 ILE 121 118 118 ILE ILE A . n 
A 1 122 VAL 122 119 119 VAL VAL A . n 
A 1 123 TYR 123 120 120 TYR TYR A . n 
A 1 124 LYS 124 121 121 LYS LYS A . n 
A 1 125 ALA 125 122 122 ALA ALA A . n 
A 1 126 ILE 126 123 123 ILE ILE A . n 
A 1 127 ALA 127 124 124 ALA ALA A . n 
A 1 128 VAL 128 125 125 VAL VAL A . n 
A 1 129 LEU 129 126 126 LEU LEU A . n 
A 1 130 GLU 130 127 127 GLU GLU A . n 
A 1 131 GLU 131 128 128 GLU GLU A . n 
A 1 132 GLN 132 129 ?   ?   ?   A . n 
A 1 133 GLU 133 130 ?   ?   ?   A . n 
A 1 134 GLY 134 131 ?   ?   ?   A . n 
A 1 135 GLY 135 132 ?   ?   ?   A . n 
A 1 136 THR 136 133 ?   ?   ?   A . n 
A 1 137 SER 137 134 ?   ?   ?   A . n 
A 1 138 SER 138 135 ?   ?   ?   A . n 
# 
loop_
_pdbx_nonpoly_scheme.asym_id 
_pdbx_nonpoly_scheme.entity_id 
_pdbx_nonpoly_scheme.mon_id 
_pdbx_nonpoly_scheme.ndb_seq_num 
_pdbx_nonpoly_scheme.pdb_seq_num 
_pdbx_nonpoly_scheme.auth_seq_num 
_pdbx_nonpoly_scheme.pdb_mon_id 
_pdbx_nonpoly_scheme.auth_mon_id 
_pdbx_nonpoly_scheme.pdb_strand_id 
_pdbx_nonpoly_scheme.pdb_ins_code 
B 2 HOH 1  136 1  HOH HOH A . 
B 2 HOH 2  137 2  HOH HOH A . 
B 2 HOH 3  138 3  HOH HOH A . 
B 2 HOH 4  139 4  HOH HOH A . 
B 2 HOH 5  140 5  HOH HOH A . 
B 2 HOH 6  141 6  HOH HOH A . 
B 2 HOH 7  142 7  HOH HOH A . 
B 2 HOH 8  143 8  HOH HOH A . 
B 2 HOH 9  144 9  HOH HOH A . 
B 2 HOH 10 145 10 HOH HOH A . 
B 2 HOH 11 146 11 HOH HOH A . 
B 2 HOH 12 147 12 HOH HOH A . 
B 2 HOH 13 148 13 HOH HOH A . 
B 2 HOH 14 149 15 HOH HOH A . 
B 2 HOH 15 150 16 HOH HOH A . 
B 2 HOH 16 151 17 HOH HOH A . 
B 2 HOH 17 152 18 HOH HOH A . 
B 2 HOH 18 153 19 HOH HOH A . 
B 2 HOH 19 154 20 HOH HOH A . 
B 2 HOH 20 155 21 HOH HOH A . 
B 2 HOH 21 156 22 HOH HOH A . 
B 2 HOH 22 157 23 HOH HOH A . 
B 2 HOH 23 158 24 HOH HOH A . 
B 2 HOH 24 159 25 HOH HOH A . 
B 2 HOH 25 160 26 HOH HOH A . 
B 2 HOH 26 161 27 HOH HOH A . 
B 2 HOH 27 162 28 HOH HOH A . 
B 2 HOH 28 163 29 HOH HOH A . 
B 2 HOH 29 164 30 HOH HOH A . 
B 2 HOH 30 165 31 HOH HOH A . 
B 2 HOH 31 166 32 HOH HOH A . 
B 2 HOH 32 167 33 HOH HOH A . 
B 2 HOH 33 168 34 HOH HOH A . 
B 2 HOH 34 169 35 HOH HOH A . 
B 2 HOH 35 170 36 HOH HOH A . 
B 2 HOH 36 171 37 HOH HOH A . 
B 2 HOH 37 172 38 HOH HOH A . 
B 2 HOH 38 173 39 HOH HOH A . 
B 2 HOH 39 174 40 HOH HOH A . 
B 2 HOH 40 175 41 HOH HOH A . 
B 2 HOH 41 176 42 HOH HOH A . 
B 2 HOH 42 177 43 HOH HOH A . 
B 2 HOH 43 178 44 HOH HOH A . 
B 2 HOH 44 179 45 HOH HOH A . 
B 2 HOH 45 180 46 HOH HOH A . 
B 2 HOH 46 181 47 HOH HOH A . 
B 2 HOH 47 182 48 HOH HOH A . 
B 2 HOH 48 183 49 HOH HOH A . 
B 2 HOH 49 184 50 HOH HOH A . 
B 2 HOH 50 185 51 HOH HOH A . 
B 2 HOH 51 186 52 HOH HOH A . 
B 2 HOH 52 187 53 HOH HOH A . 
B 2 HOH 53 188 54 HOH HOH A . 
B 2 HOH 54 189 55 HOH HOH A . 
B 2 HOH 55 190 56 HOH HOH A . 
B 2 HOH 56 191 57 HOH HOH A . 
B 2 HOH 57 192 58 HOH HOH A . 
B 2 HOH 58 193 59 HOH HOH A . 
B 2 HOH 59 194 60 HOH HOH A . 
B 2 HOH 60 195 61 HOH HOH A . 
B 2 HOH 61 196 62 HOH HOH A . 
B 2 HOH 62 197 63 HOH HOH A . 
B 2 HOH 63 198 64 HOH HOH A . 
B 2 HOH 64 199 65 HOH HOH A . 
B 2 HOH 65 200 66 HOH HOH A . 
B 2 HOH 66 201 67 HOH HOH A . 
B 2 HOH 67 202 68 HOH HOH A . 
B 2 HOH 68 203 69 HOH HOH A . 
B 2 HOH 69 204 70 HOH HOH A . 
B 2 HOH 70 205 71 HOH HOH A . 
B 2 HOH 71 206 72 HOH HOH A . 
B 2 HOH 72 207 73 HOH HOH A . 
B 2 HOH 73 208 74 HOH HOH A . 
B 2 HOH 74 209 75 HOH HOH A . 
B 2 HOH 75 210 76 HOH HOH A . 
B 2 HOH 76 211 77 HOH HOH A . 
B 2 HOH 77 212 78 HOH HOH A . 
# 
loop_
_software.name 
_software.classification 
_software.version 
_software.citation_id 
_software.pdbx_ordinal 
REFMAC    refinement       5.1.24 ? 1 
HKL-2000  'data reduction' .      ? 2 
SCALEPACK 'data scaling'   .      ? 3 
SHELXD    phasing          .      ? 4 
SOLVE     phasing          .      ? 5 
# 
_cell.entry_id           1U61 
_cell.length_a           168.978 
_cell.length_b           168.978 
_cell.length_c           168.978 
_cell.angle_alpha        90.00 
_cell.angle_beta         90.00 
_cell.angle_gamma        90.00 
_cell.Z_PDB              48 
_cell.pdbx_unique_axis   ? 
_cell.length_a_esd       ? 
_cell.length_b_esd       ? 
_cell.length_c_esd       ? 
_cell.angle_alpha_esd    ? 
_cell.angle_beta_esd     ? 
_cell.angle_gamma_esd    ? 
# 
_symmetry.entry_id                         1U61 
_symmetry.space_group_name_H-M             'I 41 3 2' 
_symmetry.pdbx_full_space_group_name_H-M   ? 
_symmetry.cell_setting                     ? 
_symmetry.Int_Tables_number                214 
_symmetry.space_group_name_Hall            ? 
# 
_exptl.entry_id          1U61 
_exptl.method            'X-RAY DIFFRACTION' 
_exptl.crystals_number   1 
# 
_exptl_crystal.id                    1 
_exptl_crystal.density_meas          ? 
_exptl_crystal.density_Matthews      6.5 
_exptl_crystal.density_percent_sol   80.8 
_exptl_crystal.description           ? 
_exptl_crystal.F_000                 ? 
_exptl_crystal.preparation           ? 
# 
_exptl_crystal_grow.crystal_id      1 
_exptl_crystal_grow.method          'VAPOR DIFFUSION, HANGING DROP' 
_exptl_crystal_grow.temp            294 
_exptl_crystal_grow.temp_details    ? 
_exptl_crystal_grow.pH              6.5 
_exptl_crystal_grow.pdbx_details    'Ammonium sulfate, cacodylate buffer, pH 6.5, VAPOR DIFFUSION, HANGING DROP, temperature 294K' 
_exptl_crystal_grow.pdbx_pH_range   . 
# 
_diffrn.id                     1 
_diffrn.ambient_temp           100 
_diffrn.ambient_temp_details   ? 
_diffrn.crystal_id             1 
# 
_diffrn_detector.diffrn_id              1 
_diffrn_detector.detector               CCD 
_diffrn_detector.type                   SBC-2 
_diffrn_detector.pdbx_collection_date   2004-06-12 
_diffrn_detector.details                ? 
# 
_diffrn_radiation.diffrn_id                        1 
_diffrn_radiation.wavelength_id                    1 
_diffrn_radiation.pdbx_monochromatic_or_laue_m_l   M 
_diffrn_radiation.monochromator                    'double crystal' 
_diffrn_radiation.pdbx_diffrn_protocol             'SINGLE WAVELENGTH' 
_diffrn_radiation.pdbx_scattering_type             x-ray 
# 
_diffrn_radiation_wavelength.id           1 
_diffrn_radiation_wavelength.wavelength   0.97930 
_diffrn_radiation_wavelength.wt           1.0 
# 
_diffrn_source.diffrn_id                   1 
_diffrn_source.source                      SYNCHROTRON 
_diffrn_source.type                        'APS BEAMLINE 19-ID' 
_diffrn_source.pdbx_synchrotron_site       APS 
_diffrn_source.pdbx_synchrotron_beamline   19-ID 
_diffrn_source.pdbx_wavelength             ? 
_diffrn_source.pdbx_wavelength_list        0.97930 
# 
_reflns.entry_id                     1U61 
_reflns.observed_criterion_sigma_F   0 
_reflns.observed_criterion_sigma_I   0 
_reflns.d_resolution_high            2.15 
_reflns.d_resolution_low             40 
_reflns.number_all                   22651 
_reflns.number_obs                   22642 
_reflns.percent_possible_obs         100.0 
_reflns.pdbx_Rmerge_I_obs            0.099 
_reflns.pdbx_Rsym_value              ? 
_reflns.pdbx_netI_over_sigmaI        76 
_reflns.B_iso_Wilson_estimate        ? 
_reflns.pdbx_redundancy              82.0 
_reflns.R_free_details               ? 
_reflns.limit_h_max                  ? 
_reflns.limit_h_min                  ? 
_reflns.limit_k_max                  ? 
_reflns.limit_k_min                  ? 
_reflns.limit_l_max                  ? 
_reflns.limit_l_min                  ? 
_reflns.observed_criterion_F_max     ? 
_reflns.observed_criterion_F_min     ? 
_reflns.pdbx_chi_squared             ? 
_reflns.pdbx_scaling_rejects         ? 
_reflns.pdbx_ordinal                 1 
_reflns.pdbx_diffrn_id               1 
# 
_reflns_shell.d_res_high             2.15 
_reflns_shell.d_res_low              2.20 
_reflns_shell.percent_possible_all   99.7 
_reflns_shell.Rmerge_I_obs           0.69 
_reflns_shell.pdbx_Rsym_value        ? 
_reflns_shell.meanI_over_sigI_obs    7.4 
_reflns_shell.pdbx_redundancy        43.8 
_reflns_shell.percent_possible_obs   ? 
_reflns_shell.number_unique_all      1560 
_reflns_shell.number_measured_all    ? 
_reflns_shell.number_measured_obs    ? 
_reflns_shell.number_unique_obs      ? 
_reflns_shell.pdbx_chi_squared       ? 
_reflns_shell.pdbx_ordinal           1 
_reflns_shell.pdbx_diffrn_id         1 
# 
_refine.entry_id                                 1U61 
_refine.ls_number_reflns_obs                     22604 
_refine.ls_number_reflns_all                     22604 
_refine.pdbx_ls_sigma_I                          0 
_refine.pdbx_ls_sigma_F                          0 
_refine.pdbx_data_cutoff_high_absF               ? 
_refine.pdbx_data_cutoff_low_absF                ? 
_refine.pdbx_data_cutoff_high_rms_absF           ? 
_refine.ls_d_res_low                             40.00 
_refine.ls_d_res_high                            2.15 
_refine.ls_percent_reflns_obs                    99.88 
_refine.ls_R_factor_obs                          0.20729 
_refine.ls_R_factor_all                          0.20729 
_refine.ls_R_factor_R_work                       0.20374 
_refine.ls_R_factor_R_free                       0.2164 
_refine.ls_R_factor_R_free_error                 ? 
_refine.ls_R_factor_R_free_error_details         ? 
_refine.ls_percent_reflns_R_free                 ? 
_refine.ls_number_reflns_R_free                  1894 
_refine.ls_number_parameters                     ? 
_refine.ls_number_restraints                     ? 
_refine.occupancy_min                            ? 
_refine.occupancy_max                            ? 
_refine.correlation_coeff_Fo_to_Fc               0.939 
_refine.correlation_coeff_Fo_to_Fc_free          ? 
_refine.B_iso_mean                               22.129 
_refine.aniso_B[1][1]                            ? 
_refine.aniso_B[2][2]                            ? 
_refine.aniso_B[3][3]                            ? 
_refine.aniso_B[1][2]                            ? 
_refine.aniso_B[1][3]                            ? 
_refine.aniso_B[2][3]                            ? 
_refine.solvent_model_details                    'BABINET MODEL WITH MASK' 
_refine.solvent_model_param_ksol                 ? 
_refine.solvent_model_param_bsol                 ? 
_refine.pdbx_solvent_vdw_probe_radii             1.40 
_refine.pdbx_solvent_ion_probe_radii             0.80 
_refine.pdbx_solvent_shrinkage_radii             0.80 
_refine.pdbx_ls_cross_valid_method               THROUGHOUT 
_refine.details                                  'HYDROGENS HAVE BEEN ADDED IN THE RIDING POSITIONS' 
_refine.pdbx_starting_model                      ? 
_refine.pdbx_method_to_determine_struct          SAD 
_refine.pdbx_isotropic_thermal_model             ? 
_refine.pdbx_stereochemistry_target_values       'MAXIMUM LIKELIHOOD' 
_refine.pdbx_stereochem_target_val_spec_case     ? 
_refine.pdbx_R_Free_selection_details            RANDOM 
_refine.pdbx_overall_ESU_R                       0.110 
_refine.pdbx_overall_ESU_R_Free                  ? 
_refine.overall_SU_ML                            0.057 
_refine.overall_SU_B                             2.128 
_refine.ls_redundancy_reflns_obs                 ? 
_refine.B_iso_min                                ? 
_refine.B_iso_max                                ? 
_refine.overall_SU_R_Cruickshank_DPI             ? 
_refine.overall_SU_R_free                        ? 
_refine.ls_wR_factor_R_free                      ? 
_refine.ls_wR_factor_R_work                      ? 
_refine.overall_FOM_free_R_set                   ? 
_refine.overall_FOM_work_R_set                   ? 
_refine.pdbx_refine_id                           'X-RAY DIFFRACTION' 
_refine.pdbx_TLS_residual_ADP_flag               'LIKELY RESIDUAL' 
_refine.pdbx_diffrn_id                           1 
_refine.pdbx_overall_phase_error                 ? 
_refine.pdbx_overall_SU_R_free_Cruickshank_DPI   ? 
_refine.pdbx_overall_SU_R_Blow_DPI               ? 
_refine.pdbx_overall_SU_R_free_Blow_DPI          ? 
# 
_refine_hist.pdbx_refine_id                   'X-RAY DIFFRACTION' 
_refine_hist.cycle_id                         LAST 
_refine_hist.pdbx_number_atoms_protein        1025 
_refine_hist.pdbx_number_atoms_nucleic_acid   0 
_refine_hist.pdbx_number_atoms_ligand         0 
_refine_hist.number_atoms_solvent             77 
_refine_hist.number_atoms_total               1102 
_refine_hist.d_res_high                       2.15 
_refine_hist.d_res_low                        40.00 
# 
loop_
_refine_ls_restr.type 
_refine_ls_restr.dev_ideal 
_refine_ls_restr.dev_ideal_target 
_refine_ls_restr.weight 
_refine_ls_restr.number 
_refine_ls_restr.pdbx_refine_id 
_refine_ls_restr.pdbx_restraint_function 
r_bond_refined_d         0.017 0.021 ? 1043 'X-RAY DIFFRACTION' ? 
r_bond_other_d           0.002 0.020 ? 953  'X-RAY DIFFRACTION' ? 
r_angle_refined_deg      1.467 1.946 ? 1410 'X-RAY DIFFRACTION' ? 
r_angle_other_deg        0.873 3.000 ? 2204 'X-RAY DIFFRACTION' ? 
r_dihedral_angle_1_deg   8.656 5.000 ? 126  'X-RAY DIFFRACTION' ? 
r_chiral_restr           0.091 0.200 ? 159  'X-RAY DIFFRACTION' ? 
r_gen_planes_refined     0.008 0.020 ? 1162 'X-RAY DIFFRACTION' ? 
r_gen_planes_other       0.006 0.020 ? 219  'X-RAY DIFFRACTION' ? 
r_nbd_refined            0.254 0.200 ? 242  'X-RAY DIFFRACTION' ? 
r_nbd_other              0.242 0.200 ? 1043 'X-RAY DIFFRACTION' ? 
r_nbtor_other            0.090 0.200 ? 568  'X-RAY DIFFRACTION' ? 
r_xyhbond_nbd_refined    0.207 0.200 ? 49   'X-RAY DIFFRACTION' ? 
r_symmetry_vdw_refined   0.134 0.200 ? 22   'X-RAY DIFFRACTION' ? 
r_symmetry_vdw_other     0.259 0.200 ? 74   'X-RAY DIFFRACTION' ? 
r_symmetry_hbond_refined 0.383 0.200 ? 5    'X-RAY DIFFRACTION' ? 
r_mcbond_it              0.931 1.500 ? 630  'X-RAY DIFFRACTION' ? 
r_mcangle_it             1.802 2.000 ? 1009 'X-RAY DIFFRACTION' ? 
r_scbond_it              2.996 3.000 ? 413  'X-RAY DIFFRACTION' ? 
r_scangle_it             4.959 4.500 ? 401  'X-RAY DIFFRACTION' ? 
# 
_refine_ls_shell.pdbx_total_number_of_bins_used   20 
_refine_ls_shell.d_res_high                       2.15 
_refine_ls_shell.d_res_low                        2.207 
_refine_ls_shell.number_reflns_R_work             1637 
_refine_ls_shell.R_factor_R_work                  0.206 
_refine_ls_shell.percent_reflns_obs               ? 
_refine_ls_shell.R_factor_R_free                  0.203 
_refine_ls_shell.R_factor_R_free_error            ? 
_refine_ls_shell.percent_reflns_R_free            ? 
_refine_ls_shell.number_reflns_R_free             120 
_refine_ls_shell.number_reflns_obs                1637 
_refine_ls_shell.redundancy_reflns_obs            ? 
_refine_ls_shell.number_reflns_all                ? 
_refine_ls_shell.R_factor_all                     ? 
_refine_ls_shell.pdbx_refine_id                   'X-RAY DIFFRACTION' 
# 
_struct.entry_id                  1U61 
_struct.title                     'Crystal Structure of Putative Ribonuclease III from Bacillus cereus' 
_struct.pdbx_model_details        ? 
_struct.pdbx_CASP_flag            ? 
_struct.pdbx_model_type_details   ? 
# 
_struct_keywords.entry_id        1U61 
_struct_keywords.pdbx_keywords   'structural genomics, unknown function' 
_struct_keywords.text            
;structural genomics, hypothetical protein, PSI, Protein Structure Initiative, Midwest Center for Structural Genomics, MCSG, unknown function
;
# 
loop_
_struct_asym.id 
_struct_asym.pdbx_blank_PDB_chainid_flag 
_struct_asym.pdbx_modified 
_struct_asym.entity_id 
_struct_asym.details 
A N N 1 ? 
B N N 2 ? 
# 
_struct_ref.id                         1 
_struct_ref.db_name                    UNP 
_struct_ref.db_code                    Q81J58_BACCR 
_struct_ref.pdbx_db_accession          Q81J58 
_struct_ref.entity_id                  1 
_struct_ref.pdbx_seq_one_letter_code   
;MIDAKQLNSLALAYMGDAVYEQYIRYHLLQKGKVRPNQLHRLGTSFVSAKAQAKVVYHLLETAFLTEEEEAVLRRGRNAN
SGTVPKNTDVQTYRHSTAFEALIGYHHLLNNRERLDEIVYKAIAVLEEQEGGTSS
;
_struct_ref.pdbx_align_begin           1 
_struct_ref.pdbx_db_isoform            ? 
# 
_struct_ref_seq.align_id                      1 
_struct_ref_seq.ref_id                        1 
_struct_ref_seq.pdbx_PDB_id_code              1U61 
_struct_ref_seq.pdbx_strand_id                A 
_struct_ref_seq.seq_align_beg                 4 
_struct_ref_seq.pdbx_seq_align_beg_ins_code   ? 
_struct_ref_seq.seq_align_end                 138 
_struct_ref_seq.pdbx_seq_align_end_ins_code   ? 
_struct_ref_seq.pdbx_db_accession             Q81J58 
_struct_ref_seq.db_align_beg                  1 
_struct_ref_seq.pdbx_db_align_beg_ins_code    ? 
_struct_ref_seq.db_align_end                  135 
_struct_ref_seq.pdbx_db_align_end_ins_code    ? 
_struct_ref_seq.pdbx_auth_seq_align_beg       1 
_struct_ref_seq.pdbx_auth_seq_align_end       135 
# 
loop_
_struct_ref_seq_dif.align_id 
_struct_ref_seq_dif.pdbx_pdb_id_code 
_struct_ref_seq_dif.mon_id 
_struct_ref_seq_dif.pdbx_pdb_strand_id 
_struct_ref_seq_dif.seq_num 
_struct_ref_seq_dif.pdbx_pdb_ins_code 
_struct_ref_seq_dif.pdbx_seq_db_name 
_struct_ref_seq_dif.pdbx_seq_db_accession_code 
_struct_ref_seq_dif.db_mon_id 
_struct_ref_seq_dif.pdbx_seq_db_seq_num 
_struct_ref_seq_dif.details 
_struct_ref_seq_dif.pdbx_auth_seq_num 
_struct_ref_seq_dif.pdbx_ordinal 
1 1U61 SER A 1  ? UNP Q81J58 ?   ?  'cloning artifact' -2 1 
1 1U61 ASN A 2  ? UNP Q81J58 ?   ?  'cloning artifact' -1 2 
1 1U61 ALA A 3  ? UNP Q81J58 ?   ?  'cloning artifact' 0  3 
1 1U61 MSE A 4  ? UNP Q81J58 MET 1  'modified residue' 1  4 
1 1U61 MSE A 18 ? UNP Q81J58 MET 15 'modified residue' 15 5 
# 
_pdbx_struct_assembly.id                   1 
_pdbx_struct_assembly.details              author_defined_assembly 
_pdbx_struct_assembly.method_details       ? 
_pdbx_struct_assembly.oligomeric_details   monomeric 
_pdbx_struct_assembly.oligomeric_count     1 
# 
_pdbx_struct_assembly_gen.assembly_id       1 
_pdbx_struct_assembly_gen.oper_expression   1 
_pdbx_struct_assembly_gen.asym_id_list      A,B 
# 
_pdbx_struct_oper_list.id                   1 
_pdbx_struct_oper_list.type                 'identity operation' 
_pdbx_struct_oper_list.name                 1_555 
_pdbx_struct_oper_list.symmetry_operation   x,y,z 
_pdbx_struct_oper_list.matrix[1][1]         1.0000000000 
_pdbx_struct_oper_list.matrix[1][2]         0.0000000000 
_pdbx_struct_oper_list.matrix[1][3]         0.0000000000 
_pdbx_struct_oper_list.vector[1]            0.0000000000 
_pdbx_struct_oper_list.matrix[2][1]         0.0000000000 
_pdbx_struct_oper_list.matrix[2][2]         1.0000000000 
_pdbx_struct_oper_list.matrix[2][3]         0.0000000000 
_pdbx_struct_oper_list.vector[2]            0.0000000000 
_pdbx_struct_oper_list.matrix[3][1]         0.0000000000 
_pdbx_struct_oper_list.matrix[3][2]         0.0000000000 
_pdbx_struct_oper_list.matrix[3][3]         1.0000000000 
_pdbx_struct_oper_list.vector[3]            0.0000000000 
# 
_struct_biol.id                    1 
_struct_biol.details               'the biological assembly is unknown' 
_struct_biol.pdbx_parent_biol_id   ? 
# 
loop_
_struct_conf.conf_type_id 
_struct_conf.id 
_struct_conf.pdbx_PDB_helix_id 
_struct_conf.beg_label_comp_id 
_struct_conf.beg_label_asym_id 
_struct_conf.beg_label_seq_id 
_struct_conf.pdbx_beg_PDB_ins_code 
_struct_conf.end_label_comp_id 
_struct_conf.end_label_asym_id 
_struct_conf.end_label_seq_id 
_struct_conf.pdbx_end_PDB_ins_code 
_struct_conf.beg_auth_comp_id 
_struct_conf.beg_auth_asym_id 
_struct_conf.beg_auth_seq_id 
_struct_conf.end_auth_comp_id 
_struct_conf.end_auth_asym_id 
_struct_conf.end_auth_seq_id 
_struct_conf.pdbx_PDB_helix_class 
_struct_conf.details 
_struct_conf.pdbx_PDB_helix_length 
HELX_P HELX_P1 1 ASN A 11  ? GLY A 35  ? ASN A 8   GLY A 32  1 ? 25 
HELX_P HELX_P2 2 ARG A 38  ? ASN A 40  ? ARG A 35  ASN A 37  5 ? 3  
HELX_P HELX_P3 3 GLN A 41  ? SER A 51  ? GLN A 38  SER A 48  1 ? 11 
HELX_P HELX_P4 4 SER A 51  ? THR A 65  ? SER A 48  THR A 62  1 ? 15 
HELX_P HELX_P5 5 THR A 69  ? ARG A 80  ? THR A 66  ARG A 77  1 ? 12 
HELX_P HELX_P6 6 ASP A 92  ? LEU A 112 ? ASP A 89  LEU A 109 1 ? 21 
HELX_P HELX_P7 7 ASN A 114 ? GLU A 131 ? ASN A 111 GLU A 128 1 ? 18 
# 
_struct_conf_type.id          HELX_P 
_struct_conf_type.criteria    ? 
_struct_conf_type.reference   ? 
# 
loop_
_struct_conn.id 
_struct_conn.conn_type_id 
_struct_conn.pdbx_leaving_atom_flag 
_struct_conn.pdbx_PDB_id 
_struct_conn.ptnr1_label_asym_id 
_struct_conn.ptnr1_label_comp_id 
_struct_conn.ptnr1_label_seq_id 
_struct_conn.ptnr1_label_atom_id 
_struct_conn.pdbx_ptnr1_label_alt_id 
_struct_conn.pdbx_ptnr1_PDB_ins_code 
_struct_conn.pdbx_ptnr1_standard_comp_id 
_struct_conn.ptnr1_symmetry 
_struct_conn.ptnr2_label_asym_id 
_struct_conn.ptnr2_label_comp_id 
_struct_conn.ptnr2_label_seq_id 
_struct_conn.ptnr2_label_atom_id 
_struct_conn.pdbx_ptnr2_label_alt_id 
_struct_conn.pdbx_ptnr2_PDB_ins_code 
_struct_conn.ptnr1_auth_asym_id 
_struct_conn.ptnr1_auth_comp_id 
_struct_conn.ptnr1_auth_seq_id 
_struct_conn.ptnr2_auth_asym_id 
_struct_conn.ptnr2_auth_comp_id 
_struct_conn.ptnr2_auth_seq_id 
_struct_conn.ptnr2_symmetry 
_struct_conn.pdbx_ptnr3_label_atom_id 
_struct_conn.pdbx_ptnr3_label_seq_id 
_struct_conn.pdbx_ptnr3_label_comp_id 
_struct_conn.pdbx_ptnr3_label_asym_id 
_struct_conn.pdbx_ptnr3_label_alt_id 
_struct_conn.pdbx_ptnr3_PDB_ins_code 
_struct_conn.details 
_struct_conn.pdbx_dist_value 
_struct_conn.pdbx_value_order 
_struct_conn.pdbx_role 
covale1 covale both ? A TYR 17 C ? ? ? 1_555 A MSE 18 N ? ? A TYR 14 A MSE 15 1_555 ? ? ? ? ? ? ? 1.328 ? ? 
covale2 covale both ? A MSE 18 C ? ? ? 1_555 A GLY 19 N ? ? A MSE 15 A GLY 16 1_555 ? ? ? ? ? ? ? 1.333 ? ? 
# 
_struct_conn_type.id          covale 
_struct_conn_type.criteria    ? 
_struct_conn_type.reference   ? 
# 
_pdbx_modification_feature.ordinal                            1 
_pdbx_modification_feature.label_comp_id                      MSE 
_pdbx_modification_feature.label_asym_id                      A 
_pdbx_modification_feature.label_seq_id                       18 
_pdbx_modification_feature.label_alt_id                       ? 
_pdbx_modification_feature.modified_residue_label_comp_id     . 
_pdbx_modification_feature.modified_residue_label_asym_id     . 
_pdbx_modification_feature.modified_residue_label_seq_id      . 
_pdbx_modification_feature.modified_residue_label_alt_id      . 
_pdbx_modification_feature.auth_comp_id                       MSE 
_pdbx_modification_feature.auth_asym_id                       A 
_pdbx_modification_feature.auth_seq_id                        15 
_pdbx_modification_feature.PDB_ins_code                       ? 
_pdbx_modification_feature.symmetry                           1_555 
_pdbx_modification_feature.modified_residue_auth_comp_id      . 
_pdbx_modification_feature.modified_residue_auth_asym_id      . 
_pdbx_modification_feature.modified_residue_auth_seq_id       . 
_pdbx_modification_feature.modified_residue_PDB_ins_code      . 
_pdbx_modification_feature.modified_residue_symmetry          . 
_pdbx_modification_feature.comp_id_linking_atom               . 
_pdbx_modification_feature.modified_residue_id_linking_atom   . 
_pdbx_modification_feature.modified_residue_id                MET 
_pdbx_modification_feature.ref_pcm_id                         1 
_pdbx_modification_feature.ref_comp_id                        MSE 
_pdbx_modification_feature.type                               Selenomethionine 
_pdbx_modification_feature.category                           'Named protein modification' 
# 
_pdbx_entry_details.entry_id                   1U61 
_pdbx_entry_details.compound_details           ? 
_pdbx_entry_details.source_details             ? 
_pdbx_entry_details.nonpolymer_details         ? 
_pdbx_entry_details.sequence_details           ? 
_pdbx_entry_details.has_ligand_of_interest     ? 
_pdbx_entry_details.has_protein_modification   Y 
# 
_pdbx_validate_close_contact.id               1 
_pdbx_validate_close_contact.PDB_model_num    1 
_pdbx_validate_close_contact.auth_atom_id_1   CB 
_pdbx_validate_close_contact.auth_asym_id_1   A 
_pdbx_validate_close_contact.auth_comp_id_1   ALA 
_pdbx_validate_close_contact.auth_seq_id_1    79 
_pdbx_validate_close_contact.PDB_ins_code_1   ? 
_pdbx_validate_close_contact.label_alt_id_1   ? 
_pdbx_validate_close_contact.auth_atom_id_2   O 
_pdbx_validate_close_contact.auth_asym_id_2   A 
_pdbx_validate_close_contact.auth_comp_id_2   HOH 
_pdbx_validate_close_contact.auth_seq_id_2    140 
_pdbx_validate_close_contact.PDB_ins_code_2   ? 
_pdbx_validate_close_contact.label_alt_id_2   ? 
_pdbx_validate_close_contact.dist             1.89 
# 
loop_
_pdbx_validate_torsion.id 
_pdbx_validate_torsion.PDB_model_num 
_pdbx_validate_torsion.auth_comp_id 
_pdbx_validate_torsion.auth_asym_id 
_pdbx_validate_torsion.auth_seq_id 
_pdbx_validate_torsion.PDB_ins_code 
_pdbx_validate_torsion.label_alt_id 
_pdbx_validate_torsion.phi 
_pdbx_validate_torsion.psi 
1 1 ALA A 79 ? ? 108.33 29.11 
2 1 ASN A 80 ? ? -47.47 10.86 
3 1 SER A 81 ? ? 85.16  -8.61 
# 
loop_
_pdbx_validate_peptide_omega.id 
_pdbx_validate_peptide_omega.PDB_model_num 
_pdbx_validate_peptide_omega.auth_comp_id_1 
_pdbx_validate_peptide_omega.auth_asym_id_1 
_pdbx_validate_peptide_omega.auth_seq_id_1 
_pdbx_validate_peptide_omega.PDB_ins_code_1 
_pdbx_validate_peptide_omega.label_alt_id_1 
_pdbx_validate_peptide_omega.auth_comp_id_2 
_pdbx_validate_peptide_omega.auth_asym_id_2 
_pdbx_validate_peptide_omega.auth_seq_id_2 
_pdbx_validate_peptide_omega.PDB_ins_code_2 
_pdbx_validate_peptide_omega.label_alt_id_2 
_pdbx_validate_peptide_omega.omega 
1 1 ARG A 77 ? ? ASN A 78 ? ? -128.30 
2 1 ALA A 79 ? ? ASN A 80 ? ? -130.78 
3 1 ASN A 80 ? ? SER A 81 ? ? -141.02 
# 
_pdbx_SG_project.id                    1 
_pdbx_SG_project.project_name          'PSI, Protein Structure Initiative' 
_pdbx_SG_project.full_name_of_center   'Midwest Center for Structural Genomics' 
_pdbx_SG_project.initial_of_center     MCSG 
# 
_pdbx_struct_mod_residue.id               1 
_pdbx_struct_mod_residue.label_asym_id    A 
_pdbx_struct_mod_residue.label_comp_id    MSE 
_pdbx_struct_mod_residue.label_seq_id     18 
_pdbx_struct_mod_residue.auth_asym_id     A 
_pdbx_struct_mod_residue.auth_comp_id     MSE 
_pdbx_struct_mod_residue.auth_seq_id      15 
_pdbx_struct_mod_residue.PDB_ins_code     ? 
_pdbx_struct_mod_residue.parent_comp_id   MET 
_pdbx_struct_mod_residue.details          SELENOMETHIONINE 
# 
loop_
_pdbx_struct_special_symmetry.id 
_pdbx_struct_special_symmetry.PDB_model_num 
_pdbx_struct_special_symmetry.auth_asym_id 
_pdbx_struct_special_symmetry.auth_comp_id 
_pdbx_struct_special_symmetry.auth_seq_id 
_pdbx_struct_special_symmetry.PDB_ins_code 
_pdbx_struct_special_symmetry.label_asym_id 
_pdbx_struct_special_symmetry.label_comp_id 
_pdbx_struct_special_symmetry.label_seq_id 
1 1 A HOH 209 ? B HOH . 
2 1 A HOH 210 ? B HOH . 
3 1 A HOH 211 ? B HOH . 
4 1 A HOH 212 ? B HOH . 
# 
_pdbx_refine_tls.id               1 
_pdbx_refine_tls.details          ? 
_pdbx_refine_tls.method           refined 
_pdbx_refine_tls.origin_x         0.2907 
_pdbx_refine_tls.origin_y         0.0093 
_pdbx_refine_tls.origin_z         -0.4401 
_pdbx_refine_tls.T[1][1]          0.0784 
_pdbx_refine_tls.T[2][2]          0.0804 
_pdbx_refine_tls.T[3][3]          0.1369 
_pdbx_refine_tls.T[1][2]          0.0583 
_pdbx_refine_tls.T[1][3]          0.0701 
_pdbx_refine_tls.T[2][3]          -0.0005 
_pdbx_refine_tls.L[1][1]          0.5763 
_pdbx_refine_tls.L[2][2]          1.1110 
_pdbx_refine_tls.L[3][3]          0.7926 
_pdbx_refine_tls.L[1][2]          -0.4096 
_pdbx_refine_tls.L[1][3]          0.1516 
_pdbx_refine_tls.L[2][3]          0.2021 
_pdbx_refine_tls.S[1][1]          0.0726 
_pdbx_refine_tls.S[1][2]          0.0614 
_pdbx_refine_tls.S[1][3]          0.0311 
_pdbx_refine_tls.S[2][1]          -0.0096 
_pdbx_refine_tls.S[2][2]          0.0008 
_pdbx_refine_tls.S[2][3]          -0.0186 
_pdbx_refine_tls.S[3][1]          -0.1621 
_pdbx_refine_tls.S[3][2]          -0.0567 
_pdbx_refine_tls.S[3][3]          -0.0735 
_pdbx_refine_tls.pdbx_refine_id   'X-RAY DIFFRACTION' 
# 
_pdbx_refine_tls_group.id                  1 
_pdbx_refine_tls_group.refine_tls_id       1 
_pdbx_refine_tls_group.beg_label_asym_id   A 
_pdbx_refine_tls_group.beg_label_seq_id    5 
_pdbx_refine_tls_group.beg_auth_seq_id     2 
_pdbx_refine_tls_group.end_label_asym_id   A 
_pdbx_refine_tls_group.end_label_seq_id    131 
_pdbx_refine_tls_group.end_auth_seq_id     128 
_pdbx_refine_tls_group.selection           ? 
_pdbx_refine_tls_group.beg_auth_asym_id    A 
_pdbx_refine_tls_group.end_auth_asym_id    A 
_pdbx_refine_tls_group.pdbx_refine_id      'X-RAY DIFFRACTION' 
_pdbx_refine_tls_group.selection_details   ? 
# 
_pdbx_database_remark.id     300 
_pdbx_database_remark.text   
;BIOMOLECULE:
THIS ENTRY CONTAINS THE CRYSTALLOGRAPHIC ASYMMETRIC UNIT
WHICH CONSISTS OF 1 CHAIN(S). THE BIOLOGICAL UNIT IS
UNKNOWN.
;
# 
loop_
_pdbx_unobs_or_zero_occ_residues.id 
_pdbx_unobs_or_zero_occ_residues.PDB_model_num 
_pdbx_unobs_or_zero_occ_residues.polymer_flag 
_pdbx_unobs_or_zero_occ_residues.occupancy_flag 
_pdbx_unobs_or_zero_occ_residues.auth_asym_id 
_pdbx_unobs_or_zero_occ_residues.auth_comp_id 
_pdbx_unobs_or_zero_occ_residues.auth_seq_id 
_pdbx_unobs_or_zero_occ_residues.PDB_ins_code 
_pdbx_unobs_or_zero_occ_residues.label_asym_id 
_pdbx_unobs_or_zero_occ_residues.label_comp_id 
_pdbx_unobs_or_zero_occ_residues.label_seq_id 
1  1 Y 1 A SER -2  ? A SER 1   
2  1 Y 1 A ASN -1  ? A ASN 2   
3  1 Y 1 A ALA 0   ? A ALA 3   
4  1 Y 1 A MSE 1   ? A MSE 4   
5  1 Y 1 A GLN 129 ? A GLN 132 
6  1 Y 1 A GLU 130 ? A GLU 133 
7  1 Y 1 A GLY 131 ? A GLY 134 
8  1 Y 1 A GLY 132 ? A GLY 135 
9  1 Y 1 A THR 133 ? A THR 136 
10 1 Y 1 A SER 134 ? A SER 137 
11 1 Y 1 A SER 135 ? A SER 138 
# 
loop_
_chem_comp_atom.comp_id 
_chem_comp_atom.atom_id 
_chem_comp_atom.type_symbol 
_chem_comp_atom.pdbx_aromatic_flag 
_chem_comp_atom.pdbx_stereo_config 
_chem_comp_atom.pdbx_ordinal 
ALA N    N  N N 1   
ALA CA   C  N S 2   
ALA C    C  N N 3   
ALA O    O  N N 4   
ALA CB   C  N N 5   
ALA OXT  O  N N 6   
ALA H    H  N N 7   
ALA H2   H  N N 8   
ALA HA   H  N N 9   
ALA HB1  H  N N 10  
ALA HB2  H  N N 11  
ALA HB3  H  N N 12  
ALA HXT  H  N N 13  
ARG N    N  N N 14  
ARG CA   C  N S 15  
ARG C    C  N N 16  
ARG O    O  N N 17  
ARG CB   C  N N 18  
ARG CG   C  N N 19  
ARG CD   C  N N 20  
ARG NE   N  N N 21  
ARG CZ   C  N N 22  
ARG NH1  N  N N 23  
ARG NH2  N  N N 24  
ARG OXT  O  N N 25  
ARG H    H  N N 26  
ARG H2   H  N N 27  
ARG HA   H  N N 28  
ARG HB2  H  N N 29  
ARG HB3  H  N N 30  
ARG HG2  H  N N 31  
ARG HG3  H  N N 32  
ARG HD2  H  N N 33  
ARG HD3  H  N N 34  
ARG HE   H  N N 35  
ARG HH11 H  N N 36  
ARG HH12 H  N N 37  
ARG HH21 H  N N 38  
ARG HH22 H  N N 39  
ARG HXT  H  N N 40  
ASN N    N  N N 41  
ASN CA   C  N S 42  
ASN C    C  N N 43  
ASN O    O  N N 44  
ASN CB   C  N N 45  
ASN CG   C  N N 46  
ASN OD1  O  N N 47  
ASN ND2  N  N N 48  
ASN OXT  O  N N 49  
ASN H    H  N N 50  
ASN H2   H  N N 51  
ASN HA   H  N N 52  
ASN HB2  H  N N 53  
ASN HB3  H  N N 54  
ASN HD21 H  N N 55  
ASN HD22 H  N N 56  
ASN HXT  H  N N 57  
ASP N    N  N N 58  
ASP CA   C  N S 59  
ASP C    C  N N 60  
ASP O    O  N N 61  
ASP CB   C  N N 62  
ASP CG   C  N N 63  
ASP OD1  O  N N 64  
ASP OD2  O  N N 65  
ASP OXT  O  N N 66  
ASP H    H  N N 67  
ASP H2   H  N N 68  
ASP HA   H  N N 69  
ASP HB2  H  N N 70  
ASP HB3  H  N N 71  
ASP HD2  H  N N 72  
ASP HXT  H  N N 73  
GLN N    N  N N 74  
GLN CA   C  N S 75  
GLN C    C  N N 76  
GLN O    O  N N 77  
GLN CB   C  N N 78  
GLN CG   C  N N 79  
GLN CD   C  N N 80  
GLN OE1  O  N N 81  
GLN NE2  N  N N 82  
GLN OXT  O  N N 83  
GLN H    H  N N 84  
GLN H2   H  N N 85  
GLN HA   H  N N 86  
GLN HB2  H  N N 87  
GLN HB3  H  N N 88  
GLN HG2  H  N N 89  
GLN HG3  H  N N 90  
GLN HE21 H  N N 91  
GLN HE22 H  N N 92  
GLN HXT  H  N N 93  
GLU N    N  N N 94  
GLU CA   C  N S 95  
GLU C    C  N N 96  
GLU O    O  N N 97  
GLU CB   C  N N 98  
GLU CG   C  N N 99  
GLU CD   C  N N 100 
GLU OE1  O  N N 101 
GLU OE2  O  N N 102 
GLU OXT  O  N N 103 
GLU H    H  N N 104 
GLU H2   H  N N 105 
GLU HA   H  N N 106 
GLU HB2  H  N N 107 
GLU HB3  H  N N 108 
GLU HG2  H  N N 109 
GLU HG3  H  N N 110 
GLU HE2  H  N N 111 
GLU HXT  H  N N 112 
GLY N    N  N N 113 
GLY CA   C  N N 114 
GLY C    C  N N 115 
GLY O    O  N N 116 
GLY OXT  O  N N 117 
GLY H    H  N N 118 
GLY H2   H  N N 119 
GLY HA2  H  N N 120 
GLY HA3  H  N N 121 
GLY HXT  H  N N 122 
HIS N    N  N N 123 
HIS CA   C  N S 124 
HIS C    C  N N 125 
HIS O    O  N N 126 
HIS CB   C  N N 127 
HIS CG   C  Y N 128 
HIS ND1  N  Y N 129 
HIS CD2  C  Y N 130 
HIS CE1  C  Y N 131 
HIS NE2  N  Y N 132 
HIS OXT  O  N N 133 
HIS H    H  N N 134 
HIS H2   H  N N 135 
HIS HA   H  N N 136 
HIS HB2  H  N N 137 
HIS HB3  H  N N 138 
HIS HD1  H  N N 139 
HIS HD2  H  N N 140 
HIS HE1  H  N N 141 
HIS HE2  H  N N 142 
HIS HXT  H  N N 143 
HOH O    O  N N 144 
HOH H1   H  N N 145 
HOH H2   H  N N 146 
ILE N    N  N N 147 
ILE CA   C  N S 148 
ILE C    C  N N 149 
ILE O    O  N N 150 
ILE CB   C  N S 151 
ILE CG1  C  N N 152 
ILE CG2  C  N N 153 
ILE CD1  C  N N 154 
ILE OXT  O  N N 155 
ILE H    H  N N 156 
ILE H2   H  N N 157 
ILE HA   H  N N 158 
ILE HB   H  N N 159 
ILE HG12 H  N N 160 
ILE HG13 H  N N 161 
ILE HG21 H  N N 162 
ILE HG22 H  N N 163 
ILE HG23 H  N N 164 
ILE HD11 H  N N 165 
ILE HD12 H  N N 166 
ILE HD13 H  N N 167 
ILE HXT  H  N N 168 
LEU N    N  N N 169 
LEU CA   C  N S 170 
LEU C    C  N N 171 
LEU O    O  N N 172 
LEU CB   C  N N 173 
LEU CG   C  N N 174 
LEU CD1  C  N N 175 
LEU CD2  C  N N 176 
LEU OXT  O  N N 177 
LEU H    H  N N 178 
LEU H2   H  N N 179 
LEU HA   H  N N 180 
LEU HB2  H  N N 181 
LEU HB3  H  N N 182 
LEU HG   H  N N 183 
LEU HD11 H  N N 184 
LEU HD12 H  N N 185 
LEU HD13 H  N N 186 
LEU HD21 H  N N 187 
LEU HD22 H  N N 188 
LEU HD23 H  N N 189 
LEU HXT  H  N N 190 
LYS N    N  N N 191 
LYS CA   C  N S 192 
LYS C    C  N N 193 
LYS O    O  N N 194 
LYS CB   C  N N 195 
LYS CG   C  N N 196 
LYS CD   C  N N 197 
LYS CE   C  N N 198 
LYS NZ   N  N N 199 
LYS OXT  O  N N 200 
LYS H    H  N N 201 
LYS H2   H  N N 202 
LYS HA   H  N N 203 
LYS HB2  H  N N 204 
LYS HB3  H  N N 205 
LYS HG2  H  N N 206 
LYS HG3  H  N N 207 
LYS HD2  H  N N 208 
LYS HD3  H  N N 209 
LYS HE2  H  N N 210 
LYS HE3  H  N N 211 
LYS HZ1  H  N N 212 
LYS HZ2  H  N N 213 
LYS HZ3  H  N N 214 
LYS HXT  H  N N 215 
MET N    N  N N 216 
MET CA   C  N S 217 
MET C    C  N N 218 
MET O    O  N N 219 
MET CB   C  N N 220 
MET CG   C  N N 221 
MET SD   S  N N 222 
MET CE   C  N N 223 
MET OXT  O  N N 224 
MET H    H  N N 225 
MET H2   H  N N 226 
MET HA   H  N N 227 
MET HB2  H  N N 228 
MET HB3  H  N N 229 
MET HG2  H  N N 230 
MET HG3  H  N N 231 
MET HE1  H  N N 232 
MET HE2  H  N N 233 
MET HE3  H  N N 234 
MET HXT  H  N N 235 
MSE N    N  N N 236 
MSE CA   C  N S 237 
MSE C    C  N N 238 
MSE O    O  N N 239 
MSE OXT  O  N N 240 
MSE CB   C  N N 241 
MSE CG   C  N N 242 
MSE SE   SE N N 243 
MSE CE   C  N N 244 
MSE H    H  N N 245 
MSE H2   H  N N 246 
MSE HA   H  N N 247 
MSE HXT  H  N N 248 
MSE HB2  H  N N 249 
MSE HB3  H  N N 250 
MSE HG2  H  N N 251 
MSE HG3  H  N N 252 
MSE HE1  H  N N 253 
MSE HE2  H  N N 254 
MSE HE3  H  N N 255 
PHE N    N  N N 256 
PHE CA   C  N S 257 
PHE C    C  N N 258 
PHE O    O  N N 259 
PHE CB   C  N N 260 
PHE CG   C  Y N 261 
PHE CD1  C  Y N 262 
PHE CD2  C  Y N 263 
PHE CE1  C  Y N 264 
PHE CE2  C  Y N 265 
PHE CZ   C  Y N 266 
PHE OXT  O  N N 267 
PHE H    H  N N 268 
PHE H2   H  N N 269 
PHE HA   H  N N 270 
PHE HB2  H  N N 271 
PHE HB3  H  N N 272 
PHE HD1  H  N N 273 
PHE HD2  H  N N 274 
PHE HE1  H  N N 275 
PHE HE2  H  N N 276 
PHE HZ   H  N N 277 
PHE HXT  H  N N 278 
PRO N    N  N N 279 
PRO CA   C  N S 280 
PRO C    C  N N 281 
PRO O    O  N N 282 
PRO CB   C  N N 283 
PRO CG   C  N N 284 
PRO CD   C  N N 285 
PRO OXT  O  N N 286 
PRO H    H  N N 287 
PRO HA   H  N N 288 
PRO HB2  H  N N 289 
PRO HB3  H  N N 290 
PRO HG2  H  N N 291 
PRO HG3  H  N N 292 
PRO HD2  H  N N 293 
PRO HD3  H  N N 294 
PRO HXT  H  N N 295 
SER N    N  N N 296 
SER CA   C  N S 297 
SER C    C  N N 298 
SER O    O  N N 299 
SER CB   C  N N 300 
SER OG   O  N N 301 
SER OXT  O  N N 302 
SER H    H  N N 303 
SER H2   H  N N 304 
SER HA   H  N N 305 
SER HB2  H  N N 306 
SER HB3  H  N N 307 
SER HG   H  N N 308 
SER HXT  H  N N 309 
THR N    N  N N 310 
THR CA   C  N S 311 
THR C    C  N N 312 
THR O    O  N N 313 
THR CB   C  N R 314 
THR OG1  O  N N 315 
THR CG2  C  N N 316 
THR OXT  O  N N 317 
THR H    H  N N 318 
THR H2   H  N N 319 
THR HA   H  N N 320 
THR HB   H  N N 321 
THR HG1  H  N N 322 
THR HG21 H  N N 323 
THR HG22 H  N N 324 
THR HG23 H  N N 325 
THR HXT  H  N N 326 
TYR N    N  N N 327 
TYR CA   C  N S 328 
TYR C    C  N N 329 
TYR O    O  N N 330 
TYR CB   C  N N 331 
TYR CG   C  Y N 332 
TYR CD1  C  Y N 333 
TYR CD2  C  Y N 334 
TYR CE1  C  Y N 335 
TYR CE2  C  Y N 336 
TYR CZ   C  Y N 337 
TYR OH   O  N N 338 
TYR OXT  O  N N 339 
TYR H    H  N N 340 
TYR H2   H  N N 341 
TYR HA   H  N N 342 
TYR HB2  H  N N 343 
TYR HB3  H  N N 344 
TYR HD1  H  N N 345 
TYR HD2  H  N N 346 
TYR HE1  H  N N 347 
TYR HE2  H  N N 348 
TYR HH   H  N N 349 
TYR HXT  H  N N 350 
VAL N    N  N N 351 
VAL CA   C  N S 352 
VAL C    C  N N 353 
VAL O    O  N N 354 
VAL CB   C  N N 355 
VAL CG1  C  N N 356 
VAL CG2  C  N N 357 
VAL OXT  O  N N 358 
VAL H    H  N N 359 
VAL H2   H  N N 360 
VAL HA   H  N N 361 
VAL HB   H  N N 362 
VAL HG11 H  N N 363 
VAL HG12 H  N N 364 
VAL HG13 H  N N 365 
VAL HG21 H  N N 366 
VAL HG22 H  N N 367 
VAL HG23 H  N N 368 
VAL HXT  H  N N 369 
# 
loop_
_chem_comp_bond.comp_id 
_chem_comp_bond.atom_id_1 
_chem_comp_bond.atom_id_2 
_chem_comp_bond.value_order 
_chem_comp_bond.pdbx_aromatic_flag 
_chem_comp_bond.pdbx_stereo_config 
_chem_comp_bond.pdbx_ordinal 
ALA N   CA   sing N N 1   
ALA N   H    sing N N 2   
ALA N   H2   sing N N 3   
ALA CA  C    sing N N 4   
ALA CA  CB   sing N N 5   
ALA CA  HA   sing N N 6   
ALA C   O    doub N N 7   
ALA C   OXT  sing N N 8   
ALA CB  HB1  sing N N 9   
ALA CB  HB2  sing N N 10  
ALA CB  HB3  sing N N 11  
ALA OXT HXT  sing N N 12  
ARG N   CA   sing N N 13  
ARG N   H    sing N N 14  
ARG N   H2   sing N N 15  
ARG CA  C    sing N N 16  
ARG CA  CB   sing N N 17  
ARG CA  HA   sing N N 18  
ARG C   O    doub N N 19  
ARG C   OXT  sing N N 20  
ARG CB  CG   sing N N 21  
ARG CB  HB2  sing N N 22  
ARG CB  HB3  sing N N 23  
ARG CG  CD   sing N N 24  
ARG CG  HG2  sing N N 25  
ARG CG  HG3  sing N N 26  
ARG CD  NE   sing N N 27  
ARG CD  HD2  sing N N 28  
ARG CD  HD3  sing N N 29  
ARG NE  CZ   sing N N 30  
ARG NE  HE   sing N N 31  
ARG CZ  NH1  sing N N 32  
ARG CZ  NH2  doub N N 33  
ARG NH1 HH11 sing N N 34  
ARG NH1 HH12 sing N N 35  
ARG NH2 HH21 sing N N 36  
ARG NH2 HH22 sing N N 37  
ARG OXT HXT  sing N N 38  
ASN N   CA   sing N N 39  
ASN N   H    sing N N 40  
ASN N   H2   sing N N 41  
ASN CA  C    sing N N 42  
ASN CA  CB   sing N N 43  
ASN CA  HA   sing N N 44  
ASN C   O    doub N N 45  
ASN C   OXT  sing N N 46  
ASN CB  CG   sing N N 47  
ASN CB  HB2  sing N N 48  
ASN CB  HB3  sing N N 49  
ASN CG  OD1  doub N N 50  
ASN CG  ND2  sing N N 51  
ASN ND2 HD21 sing N N 52  
ASN ND2 HD22 sing N N 53  
ASN OXT HXT  sing N N 54  
ASP N   CA   sing N N 55  
ASP N   H    sing N N 56  
ASP N   H2   sing N N 57  
ASP CA  C    sing N N 58  
ASP CA  CB   sing N N 59  
ASP CA  HA   sing N N 60  
ASP C   O    doub N N 61  
ASP C   OXT  sing N N 62  
ASP CB  CG   sing N N 63  
ASP CB  HB2  sing N N 64  
ASP CB  HB3  sing N N 65  
ASP CG  OD1  doub N N 66  
ASP CG  OD2  sing N N 67  
ASP OD2 HD2  sing N N 68  
ASP OXT HXT  sing N N 69  
GLN N   CA   sing N N 70  
GLN N   H    sing N N 71  
GLN N   H2   sing N N 72  
GLN CA  C    sing N N 73  
GLN CA  CB   sing N N 74  
GLN CA  HA   sing N N 75  
GLN C   O    doub N N 76  
GLN C   OXT  sing N N 77  
GLN CB  CG   sing N N 78  
GLN CB  HB2  sing N N 79  
GLN CB  HB3  sing N N 80  
GLN CG  CD   sing N N 81  
GLN CG  HG2  sing N N 82  
GLN CG  HG3  sing N N 83  
GLN CD  OE1  doub N N 84  
GLN CD  NE2  sing N N 85  
GLN NE2 HE21 sing N N 86  
GLN NE2 HE22 sing N N 87  
GLN OXT HXT  sing N N 88  
GLU N   CA   sing N N 89  
GLU N   H    sing N N 90  
GLU N   H2   sing N N 91  
GLU CA  C    sing N N 92  
GLU CA  CB   sing N N 93  
GLU CA  HA   sing N N 94  
GLU C   O    doub N N 95  
GLU C   OXT  sing N N 96  
GLU CB  CG   sing N N 97  
GLU CB  HB2  sing N N 98  
GLU CB  HB3  sing N N 99  
GLU CG  CD   sing N N 100 
GLU CG  HG2  sing N N 101 
GLU CG  HG3  sing N N 102 
GLU CD  OE1  doub N N 103 
GLU CD  OE2  sing N N 104 
GLU OE2 HE2  sing N N 105 
GLU OXT HXT  sing N N 106 
GLY N   CA   sing N N 107 
GLY N   H    sing N N 108 
GLY N   H2   sing N N 109 
GLY CA  C    sing N N 110 
GLY CA  HA2  sing N N 111 
GLY CA  HA3  sing N N 112 
GLY C   O    doub N N 113 
GLY C   OXT  sing N N 114 
GLY OXT HXT  sing N N 115 
HIS N   CA   sing N N 116 
HIS N   H    sing N N 117 
HIS N   H2   sing N N 118 
HIS CA  C    sing N N 119 
HIS CA  CB   sing N N 120 
HIS CA  HA   sing N N 121 
HIS C   O    doub N N 122 
HIS C   OXT  sing N N 123 
HIS CB  CG   sing N N 124 
HIS CB  HB2  sing N N 125 
HIS CB  HB3  sing N N 126 
HIS CG  ND1  sing Y N 127 
HIS CG  CD2  doub Y N 128 
HIS ND1 CE1  doub Y N 129 
HIS ND1 HD1  sing N N 130 
HIS CD2 NE2  sing Y N 131 
HIS CD2 HD2  sing N N 132 
HIS CE1 NE2  sing Y N 133 
HIS CE1 HE1  sing N N 134 
HIS NE2 HE2  sing N N 135 
HIS OXT HXT  sing N N 136 
HOH O   H1   sing N N 137 
HOH O   H2   sing N N 138 
ILE N   CA   sing N N 139 
ILE N   H    sing N N 140 
ILE N   H2   sing N N 141 
ILE CA  C    sing N N 142 
ILE CA  CB   sing N N 143 
ILE CA  HA   sing N N 144 
ILE C   O    doub N N 145 
ILE C   OXT  sing N N 146 
ILE CB  CG1  sing N N 147 
ILE CB  CG2  sing N N 148 
ILE CB  HB   sing N N 149 
ILE CG1 CD1  sing N N 150 
ILE CG1 HG12 sing N N 151 
ILE CG1 HG13 sing N N 152 
ILE CG2 HG21 sing N N 153 
ILE CG2 HG22 sing N N 154 
ILE CG2 HG23 sing N N 155 
ILE CD1 HD11 sing N N 156 
ILE CD1 HD12 sing N N 157 
ILE CD1 HD13 sing N N 158 
ILE OXT HXT  sing N N 159 
LEU N   CA   sing N N 160 
LEU N   H    sing N N 161 
LEU N   H2   sing N N 162 
LEU CA  C    sing N N 163 
LEU CA  CB   sing N N 164 
LEU CA  HA   sing N N 165 
LEU C   O    doub N N 166 
LEU C   OXT  sing N N 167 
LEU CB  CG   sing N N 168 
LEU CB  HB2  sing N N 169 
LEU CB  HB3  sing N N 170 
LEU CG  CD1  sing N N 171 
LEU CG  CD2  sing N N 172 
LEU CG  HG   sing N N 173 
LEU CD1 HD11 sing N N 174 
LEU CD1 HD12 sing N N 175 
LEU CD1 HD13 sing N N 176 
LEU CD2 HD21 sing N N 177 
LEU CD2 HD22 sing N N 178 
LEU CD2 HD23 sing N N 179 
LEU OXT HXT  sing N N 180 
LYS N   CA   sing N N 181 
LYS N   H    sing N N 182 
LYS N   H2   sing N N 183 
LYS CA  C    sing N N 184 
LYS CA  CB   sing N N 185 
LYS CA  HA   sing N N 186 
LYS C   O    doub N N 187 
LYS C   OXT  sing N N 188 
LYS CB  CG   sing N N 189 
LYS CB  HB2  sing N N 190 
LYS CB  HB3  sing N N 191 
LYS CG  CD   sing N N 192 
LYS CG  HG2  sing N N 193 
LYS CG  HG3  sing N N 194 
LYS CD  CE   sing N N 195 
LYS CD  HD2  sing N N 196 
LYS CD  HD3  sing N N 197 
LYS CE  NZ   sing N N 198 
LYS CE  HE2  sing N N 199 
LYS CE  HE3  sing N N 200 
LYS NZ  HZ1  sing N N 201 
LYS NZ  HZ2  sing N N 202 
LYS NZ  HZ3  sing N N 203 
LYS OXT HXT  sing N N 204 
MET N   CA   sing N N 205 
MET N   H    sing N N 206 
MET N   H2   sing N N 207 
MET CA  C    sing N N 208 
MET CA  CB   sing N N 209 
MET CA  HA   sing N N 210 
MET C   O    doub N N 211 
MET C   OXT  sing N N 212 
MET CB  CG   sing N N 213 
MET CB  HB2  sing N N 214 
MET CB  HB3  sing N N 215 
MET CG  SD   sing N N 216 
MET CG  HG2  sing N N 217 
MET CG  HG3  sing N N 218 
MET SD  CE   sing N N 219 
MET CE  HE1  sing N N 220 
MET CE  HE2  sing N N 221 
MET CE  HE3  sing N N 222 
MET OXT HXT  sing N N 223 
MSE N   CA   sing N N 224 
MSE N   H    sing N N 225 
MSE N   H2   sing N N 226 
MSE CA  C    sing N N 227 
MSE CA  CB   sing N N 228 
MSE CA  HA   sing N N 229 
MSE C   O    doub N N 230 
MSE C   OXT  sing N N 231 
MSE OXT HXT  sing N N 232 
MSE CB  CG   sing N N 233 
MSE CB  HB2  sing N N 234 
MSE CB  HB3  sing N N 235 
MSE CG  SE   sing N N 236 
MSE CG  HG2  sing N N 237 
MSE CG  HG3  sing N N 238 
MSE SE  CE   sing N N 239 
MSE CE  HE1  sing N N 240 
MSE CE  HE2  sing N N 241 
MSE CE  HE3  sing N N 242 
PHE N   CA   sing N N 243 
PHE N   H    sing N N 244 
PHE N   H2   sing N N 245 
PHE CA  C    sing N N 246 
PHE CA  CB   sing N N 247 
PHE CA  HA   sing N N 248 
PHE C   O    doub N N 249 
PHE C   OXT  sing N N 250 
PHE CB  CG   sing N N 251 
PHE CB  HB2  sing N N 252 
PHE CB  HB3  sing N N 253 
PHE CG  CD1  doub Y N 254 
PHE CG  CD2  sing Y N 255 
PHE CD1 CE1  sing Y N 256 
PHE CD1 HD1  sing N N 257 
PHE CD2 CE2  doub Y N 258 
PHE CD2 HD2  sing N N 259 
PHE CE1 CZ   doub Y N 260 
PHE CE1 HE1  sing N N 261 
PHE CE2 CZ   sing Y N 262 
PHE CE2 HE2  sing N N 263 
PHE CZ  HZ   sing N N 264 
PHE OXT HXT  sing N N 265 
PRO N   CA   sing N N 266 
PRO N   CD   sing N N 267 
PRO N   H    sing N N 268 
PRO CA  C    sing N N 269 
PRO CA  CB   sing N N 270 
PRO CA  HA   sing N N 271 
PRO C   O    doub N N 272 
PRO C   OXT  sing N N 273 
PRO CB  CG   sing N N 274 
PRO CB  HB2  sing N N 275 
PRO CB  HB3  sing N N 276 
PRO CG  CD   sing N N 277 
PRO CG  HG2  sing N N 278 
PRO CG  HG3  sing N N 279 
PRO CD  HD2  sing N N 280 
PRO CD  HD3  sing N N 281 
PRO OXT HXT  sing N N 282 
SER N   CA   sing N N 283 
SER N   H    sing N N 284 
SER N   H2   sing N N 285 
SER CA  C    sing N N 286 
SER CA  CB   sing N N 287 
SER CA  HA   sing N N 288 
SER C   O    doub N N 289 
SER C   OXT  sing N N 290 
SER CB  OG   sing N N 291 
SER CB  HB2  sing N N 292 
SER CB  HB3  sing N N 293 
SER OG  HG   sing N N 294 
SER OXT HXT  sing N N 295 
THR N   CA   sing N N 296 
THR N   H    sing N N 297 
THR N   H2   sing N N 298 
THR CA  C    sing N N 299 
THR CA  CB   sing N N 300 
THR CA  HA   sing N N 301 
THR C   O    doub N N 302 
THR C   OXT  sing N N 303 
THR CB  OG1  sing N N 304 
THR CB  CG2  sing N N 305 
THR CB  HB   sing N N 306 
THR OG1 HG1  sing N N 307 
THR CG2 HG21 sing N N 308 
THR CG2 HG22 sing N N 309 
THR CG2 HG23 sing N N 310 
THR OXT HXT  sing N N 311 
TYR N   CA   sing N N 312 
TYR N   H    sing N N 313 
TYR N   H2   sing N N 314 
TYR CA  C    sing N N 315 
TYR CA  CB   sing N N 316 
TYR CA  HA   sing N N 317 
TYR C   O    doub N N 318 
TYR C   OXT  sing N N 319 
TYR CB  CG   sing N N 320 
TYR CB  HB2  sing N N 321 
TYR CB  HB3  sing N N 322 
TYR CG  CD1  doub Y N 323 
TYR CG  CD2  sing Y N 324 
TYR CD1 CE1  sing Y N 325 
TYR CD1 HD1  sing N N 326 
TYR CD2 CE2  doub Y N 327 
TYR CD2 HD2  sing N N 328 
TYR CE1 CZ   doub Y N 329 
TYR CE1 HE1  sing N N 330 
TYR CE2 CZ   sing Y N 331 
TYR CE2 HE2  sing N N 332 
TYR CZ  OH   sing N N 333 
TYR OH  HH   sing N N 334 
TYR OXT HXT  sing N N 335 
VAL N   CA   sing N N 336 
VAL N   H    sing N N 337 
VAL N   H2   sing N N 338 
VAL CA  C    sing N N 339 
VAL CA  CB   sing N N 340 
VAL CA  HA   sing N N 341 
VAL C   O    doub N N 342 
VAL C   OXT  sing N N 343 
VAL CB  CG1  sing N N 344 
VAL CB  CG2  sing N N 345 
VAL CB  HB   sing N N 346 
VAL CG1 HG11 sing N N 347 
VAL CG1 HG12 sing N N 348 
VAL CG1 HG13 sing N N 349 
VAL CG2 HG21 sing N N 350 
VAL CG2 HG22 sing N N 351 
VAL CG2 HG23 sing N N 352 
VAL OXT HXT  sing N N 353 
# 
_atom_sites.entry_id                    1U61 
_atom_sites.fract_transf_matrix[1][1]   -0.00536500 
_atom_sites.fract_transf_matrix[1][2]   0.00152139 
_atom_sites.fract_transf_matrix[1][3]   0.00198114 
_atom_sites.fract_transf_matrix[2][1]   -0.00249520 
_atom_sites.fract_transf_matrix[2][2]   -0.00348249 
_atom_sites.fract_transf_matrix[2][3]   -0.00408276 
_atom_sites.fract_transf_matrix[3][1]   0.00011623 
_atom_sites.fract_transf_matrix[3][2]   -0.00453656 
_atom_sites.fract_transf_matrix[3][3]   0.00379854 
_atom_sites.fract_transf_vector[1]      0.155926 
_atom_sites.fract_transf_vector[2]      0.194407 
_atom_sites.fract_transf_vector[3]      -0.030682 
# 
loop_
_atom_type.symbol 
C  
N  
O  
SE 
# 
loop_
_atom_site.group_PDB 
_atom_site.id 
_atom_site.type_symbol 
_atom_site.label_atom_id 
_atom_site.label_alt_id 
_atom_site.label_comp_id 
_atom_site.label_asym_id 
_atom_site.label_entity_id 
_atom_site.label_seq_id 
_atom_site.pdbx_PDB_ins_code 
_atom_site.Cartn_x 
_atom_site.Cartn_y 
_atom_site.Cartn_z 
_atom_site.occupancy 
_atom_site.B_iso_or_equiv 
_atom_site.pdbx_formal_charge 
_atom_site.auth_seq_id 
_atom_site.auth_comp_id 
_atom_site.auth_asym_id 
_atom_site.auth_atom_id 
_atom_site.pdbx_PDB_model_num 
ATOM   1    N  N   . ILE A 1 5   ? -16.992 -10.085 -6.878  1.00 34.06 ? 2   ILE A N   1 
ATOM   2    C  CA  . ILE A 1 5   ? -16.573 -9.197  -5.746  1.00 32.54 ? 2   ILE A CA  1 
ATOM   3    C  C   . ILE A 1 5   ? -16.988 -7.743  -5.980  1.00 30.78 ? 2   ILE A C   1 
ATOM   4    O  O   . ILE A 1 5   ? -16.598 -7.129  -6.976  1.00 32.73 ? 2   ILE A O   1 
ATOM   5    C  CB  . ILE A 1 5   ? -15.067 -9.231  -5.536  1.00 33.05 ? 2   ILE A CB  1 
ATOM   6    C  CG1 . ILE A 1 5   ? -14.618 -10.625 -5.151  1.00 32.63 ? 2   ILE A CG1 1 
ATOM   7    C  CG2 . ILE A 1 5   ? -14.684 -8.272  -4.388  1.00 34.01 ? 2   ILE A CG2 1 
ATOM   8    C  CD1 . ILE A 1 5   ? -13.304 -10.647 -4.613  1.00 30.34 ? 2   ILE A CD1 1 
ATOM   9    N  N   . ASP A 1 6   ? -17.692 -7.183  -5.009  1.00 27.22 ? 3   ASP A N   1 
ATOM   10   C  CA  . ASP A 1 6   ? -18.179 -5.809  -5.076  1.00 24.69 ? 3   ASP A CA  1 
ATOM   11   C  C   . ASP A 1 6   ? -17.259 -4.975  -4.184  1.00 22.63 ? 3   ASP A C   1 
ATOM   12   O  O   . ASP A 1 6   ? -17.477 -4.832  -2.971  1.00 20.91 ? 3   ASP A O   1 
ATOM   13   C  CB  . ASP A 1 6   ? -19.618 -5.809  -4.604  1.00 24.13 ? 3   ASP A CB  1 
ATOM   14   C  CG  . ASP A 1 6   ? -20.294 -4.423  -4.667  1.00 26.63 ? 3   ASP A CG  1 
ATOM   15   O  OD1 . ASP A 1 6   ? -19.639 -3.387  -4.989  1.00 25.05 ? 3   ASP A OD1 1 
ATOM   16   O  OD2 . ASP A 1 6   ? -21.508 -4.317  -4.343  1.00 23.07 ? 3   ASP A OD2 1 
ATOM   17   N  N   . ALA A 1 7   ? -16.213 -4.442  -4.805  1.00 20.25 ? 4   ALA A N   1 
ATOM   18   C  CA  . ALA A 1 7   ? -15.178 -3.708  -4.108  1.00 19.70 ? 4   ALA A CA  1 
ATOM   19   C  C   . ALA A 1 7   ? -15.679 -2.469  -3.409  1.00 18.92 ? 4   ALA A C   1 
ATOM   20   O  O   . ALA A 1 7   ? -15.158 -2.094  -2.372  1.00 18.83 ? 4   ALA A O   1 
ATOM   21   C  CB  . ALA A 1 7   ? -14.079 -3.325  -5.083  1.00 20.33 ? 4   ALA A CB  1 
ATOM   22   N  N   . LYS A 1 8   ? -16.677 -1.803  -3.991  1.00 17.93 ? 5   LYS A N   1 
ATOM   23   C  CA  . LYS A 1 8   ? -17.205 -0.588  -3.393  1.00 17.70 ? 5   LYS A CA  1 
ATOM   24   C  C   . LYS A 1 8   ? -17.948 -0.860  -2.096  1.00 15.69 ? 5   LYS A C   1 
ATOM   25   O  O   . LYS A 1 8   ? -18.179 0.043   -1.337  1.00 16.56 ? 5   LYS A O   1 
ATOM   26   C  CB  . LYS A 1 8   ? -18.099 0.140   -4.396  1.00 17.88 ? 5   LYS A CB  1 
ATOM   27   C  CG  . LYS A 1 8   ? -17.308 0.562   -5.634  1.00 21.70 ? 5   LYS A CG  1 
ATOM   28   C  CD  . LYS A 1 8   ? -18.075 1.537   -6.524  1.00 24.04 ? 5   LYS A CD  1 
ATOM   29   C  CE  . LYS A 1 8   ? -17.217 1.974   -7.699  1.00 25.86 ? 5   LYS A CE  1 
ATOM   30   N  NZ  . LYS A 1 8   ? -18.002 2.825   -8.645  1.00 26.99 ? 5   LYS A NZ  1 
ATOM   31   N  N   . GLN A 1 9   ? -18.375 -2.092  -1.882  1.00 14.86 ? 6   GLN A N   1 
ATOM   32   C  CA  . GLN A 1 9   ? -19.075 -2.479  -0.664  1.00 15.37 ? 6   GLN A CA  1 
ATOM   33   C  C   . GLN A 1 9   ? -18.217 -3.278  0.332   1.00 14.33 ? 6   GLN A C   1 
ATOM   34   O  O   . GLN A 1 9   ? -18.551 -3.369  1.504   1.00 12.82 ? 6   GLN A O   1 
ATOM   35   C  CB  . GLN A 1 9   ? -20.328 -3.292  -1.028  1.00 16.20 ? 6   GLN A CB  1 
ATOM   36   C  CG  . GLN A 1 9   ? -21.474 -2.413  -1.646  1.00 17.65 ? 6   GLN A CG  1 
ATOM   37   C  CD  . GLN A 1 9   ? -22.847 -2.569  -0.982  1.00 23.46 ? 6   GLN A CD  1 
ATOM   38   O  OE1 . GLN A 1 9   ? -23.537 -3.590  -1.160  1.00 26.56 ? 6   GLN A OE1 1 
ATOM   39   N  NE2 . GLN A 1 9   ? -23.267 -1.535  -0.229  1.00 21.14 ? 6   GLN A NE2 1 
ATOM   40   N  N   . LEU A 1 10  ? -17.114 -3.838  -0.145  1.00 14.03 ? 7   LEU A N   1 
ATOM   41   C  CA  . LEU A 1 10  ? -16.267 -4.693  0.675   1.00 14.43 ? 7   LEU A CA  1 
ATOM   42   C  C   . LEU A 1 10  ? -15.638 -3.919  1.851   1.00 13.54 ? 7   LEU A C   1 
ATOM   43   O  O   . LEU A 1 10  ? -15.179 -2.821  1.699   1.00 12.78 ? 7   LEU A O   1 
ATOM   44   C  CB  . LEU A 1 10  ? -15.158 -5.288  -0.200  1.00 15.15 ? 7   LEU A CB  1 
ATOM   45   C  CG  . LEU A 1 10  ? -14.332 -6.413  0.383   1.00 15.49 ? 7   LEU A CG  1 
ATOM   46   C  CD1 . LEU A 1 10  ? -15.166 -7.630  0.834   1.00 14.66 ? 7   LEU A CD1 1 
ATOM   47   C  CD2 . LEU A 1 10  ? -13.318 -6.803  -0.692  1.00 17.25 ? 7   LEU A CD2 1 
ATOM   48   N  N   . ASN A 1 11  ? -15.644 -4.513  3.029   1.00 13.45 ? 8   ASN A N   1 
ATOM   49   C  CA  . ASN A 1 11  ? -15.025 -3.906  4.198   1.00 13.43 ? 8   ASN A CA  1 
ATOM   50   C  C   . ASN A 1 11  ? -13.525 -3.651  3.920   1.00 13.76 ? 8   ASN A C   1 
ATOM   51   O  O   . ASN A 1 11  ? -12.867 -4.315  3.052   1.00 9.96  ? 8   ASN A O   1 
ATOM   52   C  CB  . ASN A 1 11  ? -15.266 -4.770  5.469   1.00 12.84 ? 8   ASN A CB  1 
ATOM   53   C  CG  . ASN A 1 11  ? -14.449 -6.079  5.461   1.00 16.10 ? 8   ASN A CG  1 
ATOM   54   O  OD1 . ASN A 1 11  ? -14.950 -7.163  5.116   1.00 16.24 ? 8   ASN A OD1 1 
ATOM   55   N  ND2 . ASN A 1 11  ? -13.171 -5.958  5.802   1.00 10.00 ? 8   ASN A ND2 1 
ATOM   56   N  N   . SER A 1 12  ? -13.034 -2.626  4.596   1.00 14.02 ? 9   SER A N   1 
ATOM   57   C  CA  . SER A 1 12  ? -11.632 -2.188  4.499   1.00 15.39 ? 9   SER A CA  1 
ATOM   58   C  C   . SER A 1 12  ? -10.540 -3.196  4.910   1.00 15.64 ? 9   SER A C   1 
ATOM   59   O  O   . SER A 1 12  ? -9.474  -3.170  4.315   1.00 16.46 ? 9   SER A O   1 
ATOM   60   C  CB  . SER A 1 12  ? -11.443 -0.950  5.334   1.00 15.71 ? 9   SER A CB  1 
ATOM   61   O  OG  . SER A 1 12  ? -11.932 0.196   4.672   1.00 16.32 ? 9   SER A OG  1 
ATOM   62   N  N   . LEU A 1 13  ? -10.769 -4.061  5.891   1.00 16.45 ? 10  LEU A N   1 
ATOM   63   C  CA  . LEU A 1 13  ? -9.763  -5.058  6.252   1.00 17.27 ? 10  LEU A CA  1 
ATOM   64   C  C   . LEU A 1 13  ? -9.565  -6.055  5.110   1.00 16.36 ? 10  LEU A C   1 
ATOM   65   O  O   . LEU A 1 13  ? -8.435  -6.416  4.791   1.00 14.21 ? 10  LEU A O   1 
ATOM   66   C  CB  . LEU A 1 13  ? -10.110 -5.812  7.530   1.00 18.68 ? 10  LEU A CB  1 
ATOM   67   C  CG  . LEU A 1 13  ? -9.121  -6.940  8.024   1.00 25.16 ? 10  LEU A CG  1 
ATOM   68   C  CD1 . LEU A 1 13  ? -7.619  -6.517  8.166   1.00 27.86 ? 10  LEU A CD1 1 
ATOM   69   C  CD2 . LEU A 1 13  ? -9.554  -7.584  9.378   1.00 28.36 ? 10  LEU A CD2 1 
ATOM   70   N  N   . ALA A 1 14  ? -10.665 -6.501  4.513   1.00 14.39 ? 11  ALA A N   1 
ATOM   71   C  CA  . ALA A 1 14  ? -10.610 -7.377  3.339   1.00 14.40 ? 11  ALA A CA  1 
ATOM   72   C  C   . ALA A 1 14  ? -9.949  -6.686  2.160   1.00 13.83 ? 11  ALA A C   1 
ATOM   73   O  O   . ALA A 1 14  ? -9.144  -7.302  1.463   1.00 13.93 ? 11  ALA A O   1 
ATOM   74   C  CB  . ALA A 1 14  ? -11.986 -7.854  2.965   1.00 14.61 ? 11  ALA A CB  1 
ATOM   75   N  N   . LEU A 1 15  ? -10.262 -5.417  1.928   1.00 12.76 ? 12  LEU A N   1 
ATOM   76   C  CA  . LEU A 1 15  ? -9.591  -4.687  0.863   1.00 13.38 ? 12  LEU A CA  1 
ATOM   77   C  C   . LEU A 1 15  ? -8.070  -4.639  1.107   1.00 13.84 ? 12  LEU A C   1 
ATOM   78   O  O   . LEU A 1 15  ? -7.297  -4.812  0.170   1.00 13.71 ? 12  LEU A O   1 
ATOM   79   C  CB  . LEU A 1 15  ? -10.127 -3.263  0.690   1.00 13.21 ? 12  LEU A CB  1 
ATOM   80   C  CG  . LEU A 1 15  ? -11.508 -3.103  0.047   1.00 14.83 ? 12  LEU A CG  1 
ATOM   81   C  CD1 . LEU A 1 15  ? -12.000 -1.651  0.199   1.00 15.67 ? 12  LEU A CD1 1 
ATOM   82   C  CD2 . LEU A 1 15  ? -11.508 -3.509  -1.386  1.00 16.62 ? 12  LEU A CD2 1 
ATOM   83   N  N   . ALA A 1 16  ? -7.671  -4.374  2.352   1.00 13.45 ? 13  ALA A N   1 
ATOM   84   C  CA  . ALA A 1 16  ? -6.285  -4.273  2.720   1.00 13.37 ? 13  ALA A CA  1 
ATOM   85   C  C   . ALA A 1 16  ? -5.597  -5.638  2.632   1.00 13.47 ? 13  ALA A C   1 
ATOM   86   O  O   . ALA A 1 16  ? -4.476  -5.724  2.171   1.00 13.74 ? 13  ALA A O   1 
ATOM   87   C  CB  . ALA A 1 16  ? -6.138  -3.689  4.128   1.00 13.68 ? 13  ALA A CB  1 
ATOM   88   N  N   . TYR A 1 17  ? -6.271  -6.688  3.077   1.00 13.18 ? 14  TYR A N   1 
ATOM   89   C  CA  . TYR A 1 17  ? -5.817  -8.040  2.896   1.00 13.48 ? 14  TYR A CA  1 
ATOM   90   C  C   . TYR A 1 17  ? -5.456  -8.275  1.415   1.00 14.51 ? 14  TYR A C   1 
ATOM   91   O  O   . TYR A 1 17  ? -4.370  -8.789  1.095   1.00 14.19 ? 14  TYR A O   1 
ATOM   92   C  CB  . TYR A 1 17  ? -6.867  -9.034  3.407   1.00 13.38 ? 14  TYR A CB  1 
ATOM   93   C  CG  . TYR A 1 17  ? -6.465  -10.524 3.375   1.00 12.98 ? 14  TYR A CG  1 
ATOM   94   C  CD1 . TYR A 1 17  ? -5.418  -11.014 4.163   1.00 15.23 ? 14  TYR A CD1 1 
ATOM   95   C  CD2 . TYR A 1 17  ? -7.119  -11.414 2.530   1.00 13.85 ? 14  TYR A CD2 1 
ATOM   96   C  CE1 . TYR A 1 17  ? -5.084  -12.381 4.159   1.00 14.94 ? 14  TYR A CE1 1 
ATOM   97   C  CE2 . TYR A 1 17  ? -6.800  -12.750 2.515   1.00 15.61 ? 14  TYR A CE2 1 
ATOM   98   C  CZ  . TYR A 1 17  ? -5.768  -13.230 3.326   1.00 15.08 ? 14  TYR A CZ  1 
ATOM   99   O  OH  . TYR A 1 17  ? -5.434  -14.567 3.257   1.00 18.72 ? 14  TYR A OH  1 
HETATM 100  N  N   . MSE A 1 18  ? -6.332  -7.870  0.503   1.00 14.69 ? 15  MSE A N   1 
HETATM 101  C  CA  . MSE A 1 18  ? -6.070  -8.063  -0.920  1.00 14.12 ? 15  MSE A CA  1 
HETATM 102  C  C   . MSE A 1 18  ? -4.905  -7.188  -1.375  1.00 14.40 ? 15  MSE A C   1 
HETATM 103  O  O   . MSE A 1 18  ? -4.020  -7.671  -2.062  1.00 13.80 ? 15  MSE A O   1 
HETATM 104  C  CB  . MSE A 1 18  ? -7.313  -7.752  -1.761  1.00 13.91 ? 15  MSE A CB  1 
HETATM 105  C  CG  . MSE A 1 18  ? -7.148  -8.019  -3.223  1.00 14.35 ? 15  MSE A CG  1 
HETATM 106  SE SE  . MSE A 1 18  ? -7.243  -9.932  -3.589  1.00 24.56 ? 15  MSE A SE  1 
HETATM 107  C  CE  . MSE A 1 18  ? -5.282  -10.179 -4.061  1.00 19.53 ? 15  MSE A CE  1 
ATOM   108  N  N   . GLY A 1 19  ? -4.904  -5.916  -0.980  1.00 14.56 ? 16  GLY A N   1 
ATOM   109  C  CA  . GLY A 1 19  ? -3.958  -4.952  -1.493  1.00 15.00 ? 16  GLY A CA  1 
ATOM   110  C  C   . GLY A 1 19  ? -2.530  -5.184  -0.988  1.00 15.33 ? 16  GLY A C   1 
ATOM   111  O  O   . GLY A 1 19  ? -1.539  -4.899  -1.678  1.00 15.00 ? 16  GLY A O   1 
ATOM   112  N  N   . ASP A 1 20  ? -2.438  -5.674  0.248   1.00 14.97 ? 17  ASP A N   1 
ATOM   113  C  CA  . ASP A 1 20  ? -1.189  -6.132  0.839   1.00 14.97 ? 17  ASP A CA  1 
ATOM   114  C  C   . ASP A 1 20  ? -0.460  -7.108  -0.112  1.00 15.31 ? 17  ASP A C   1 
ATOM   115  O  O   . ASP A 1 20  ? 0.701   -6.896  -0.423  1.00 15.12 ? 17  ASP A O   1 
ATOM   116  C  CB  . ASP A 1 20  ? -1.498  -6.750  2.200   1.00 15.52 ? 17  ASP A CB  1 
ATOM   117  C  CG  . ASP A 1 20  ? -0.254  -7.319  2.923   1.00 19.09 ? 17  ASP A CG  1 
ATOM   118  O  OD1 . ASP A 1 20  ? 0.897   -6.985  2.576   1.00 19.28 ? 17  ASP A OD1 1 
ATOM   119  O  OD2 . ASP A 1 20  ? -0.381  -8.074  3.880   1.00 20.15 ? 17  ASP A OD2 1 
ATOM   120  N  N   . ALA A 1 21  ? -1.154  -8.138  -0.599  1.00 14.85 ? 18  ALA A N   1 
ATOM   121  C  CA  . ALA A 1 21  ? -0.571  -9.080  -1.559  1.00 13.84 ? 18  ALA A CA  1 
ATOM   122  C  C   . ALA A 1 21  ? -0.336  -8.468  -2.938  1.00 13.58 ? 18  ALA A C   1 
ATOM   123  O  O   . ALA A 1 21  ? 0.706   -8.695  -3.570  1.00 13.97 ? 18  ALA A O   1 
ATOM   124  C  CB  . ALA A 1 21  ? -1.411  -10.320 -1.686  1.00 13.48 ? 18  ALA A CB  1 
ATOM   125  N  N   . VAL A 1 22  ? -1.252  -7.634  -3.407  1.00 14.04 ? 19  VAL A N   1 
ATOM   126  C  CA  . VAL A 1 22  ? -1.077  -6.981  -4.708  1.00 14.10 ? 19  VAL A CA  1 
ATOM   127  C  C   . VAL A 1 22  ? 0.178   -6.108  -4.725  1.00 14.73 ? 19  VAL A C   1 
ATOM   128  O  O   . VAL A 1 22  ? 0.972   -6.172  -5.653  1.00 15.37 ? 19  VAL A O   1 
ATOM   129  C  CB  . VAL A 1 22  ? -2.328  -6.182  -5.111  1.00 14.56 ? 19  VAL A CB  1 
ATOM   130  C  CG1 . VAL A 1 22  ? -2.068  -5.334  -6.347  1.00 16.09 ? 19  VAL A CG1 1 
ATOM   131  C  CG2 . VAL A 1 22  ? -3.492  -7.161  -5.379  1.00 14.30 ? 19  VAL A CG2 1 
ATOM   132  N  N   . TYR A 1 23  ? 0.362   -5.288  -3.703  1.00 15.11 ? 20  TYR A N   1 
ATOM   133  C  CA  . TYR A 1 23  ? 1.517   -4.413  -3.633  1.00 14.82 ? 20  TYR A CA  1 
ATOM   134  C  C   . TYR A 1 23  ? 2.804   -5.237  -3.499  1.00 14.93 ? 20  TYR A C   1 
ATOM   135  O  O   . TYR A 1 23  ? 3.828   -4.925  -4.084  1.00 14.28 ? 20  TYR A O   1 
ATOM   136  C  CB  . TYR A 1 23  ? 1.345   -3.467  -2.459  1.00 14.45 ? 20  TYR A CB  1 
ATOM   137  C  CG  . TYR A 1 23  ? 2.449   -2.457  -2.271  1.00 14.54 ? 20  TYR A CG  1 
ATOM   138  C  CD1 . TYR A 1 23  ? 2.816   -1.583  -3.281  1.00 14.13 ? 20  TYR A CD1 1 
ATOM   139  C  CD2 . TYR A 1 23  ? 3.105   -2.358  -1.065  1.00 15.56 ? 20  TYR A CD2 1 
ATOM   140  C  CE1 . TYR A 1 23  ? 3.805   -0.666  -3.085  1.00 13.74 ? 20  TYR A CE1 1 
ATOM   141  C  CE2 . TYR A 1 23  ? 4.086   -1.429  -0.867  1.00 14.79 ? 20  TYR A CE2 1 
ATOM   142  C  CZ  . TYR A 1 23  ? 4.447   -0.596  -1.873  1.00 13.79 ? 20  TYR A CZ  1 
ATOM   143  O  OH  . TYR A 1 23  ? 5.479   0.318   -1.657  1.00 13.84 ? 20  TYR A OH  1 
ATOM   144  N  N   . GLU A 1 24  ? 2.743   -6.289  -2.705  1.00 14.33 ? 21  GLU A N   1 
ATOM   145  C  CA  . GLU A 1 24  ? 3.890   -7.161  -2.507  1.00 13.96 ? 21  GLU A CA  1 
ATOM   146  C  C   . GLU A 1 24  ? 4.404   -7.695  -3.846  1.00 14.73 ? 21  GLU A C   1 
ATOM   147  O  O   . GLU A 1 24  ? 5.620   -7.733  -4.080  1.00 14.17 ? 21  GLU A O   1 
ATOM   148  C  CB  . GLU A 1 24  ? 3.523   -8.299  -1.572  1.00 13.11 ? 21  GLU A CB  1 
ATOM   149  C  CG  . GLU A 1 24  ? 4.706   -9.135  -1.104  1.00 16.08 ? 21  GLU A CG  1 
ATOM   150  C  CD  . GLU A 1 24  ? 5.535   -8.437  -0.015  1.00 17.64 ? 21  GLU A CD  1 
ATOM   151  O  OE1 . GLU A 1 24  ? 4.967   -7.655  0.779   1.00 16.93 ? 21  GLU A OE1 1 
ATOM   152  O  OE2 . GLU A 1 24  ? 6.761   -8.658  0.034   1.00 16.18 ? 21  GLU A OE2 1 
ATOM   153  N  N   . GLN A 1 25  ? 3.481   -8.123  -4.693  1.00 15.33 ? 22  GLN A N   1 
ATOM   154  C  CA  . GLN A 1 25  ? 3.796   -8.666  -6.014  1.00 15.77 ? 22  GLN A CA  1 
ATOM   155  C  C   . GLN A 1 25  ? 4.464   -7.619  -6.898  1.00 16.02 ? 22  GLN A C   1 
ATOM   156  O  O   . GLN A 1 25  ? 5.501   -7.927  -7.521  1.00 15.98 ? 22  GLN A O   1 
ATOM   157  C  CB  . GLN A 1 25  ? 2.543   -9.267  -6.683  1.00 15.72 ? 22  GLN A CB  1 
ATOM   158  C  CG  . GLN A 1 25  ? 2.757   -9.821  -8.053  1.00 15.85 ? 22  GLN A CG  1 
ATOM   159  C  CD  . GLN A 1 25  ? 1.558   -10.579 -8.604  1.00 16.22 ? 22  GLN A CD  1 
ATOM   160  O  OE1 . GLN A 1 25  ? 1.063   -11.540 -7.995  1.00 16.46 ? 22  GLN A OE1 1 
ATOM   161  N  NE2 . GLN A 1 25  ? 1.140   -10.187 -9.807  1.00 13.37 ? 22  GLN A NE2 1 
ATOM   162  N  N   . TYR A 1 26  ? 3.924   -6.390  -6.949  1.00 15.19 ? 23  TYR A N   1 
ATOM   163  C  CA  . TYR A 1 26  ? 4.628   -5.309  -7.623  1.00 15.67 ? 23  TYR A CA  1 
ATOM   164  C  C   . TYR A 1 26  ? 6.046   -5.085  -7.079  1.00 15.55 ? 23  TYR A C   1 
ATOM   165  O  O   . TYR A 1 26  ? 6.989   -4.885  -7.839  1.00 15.26 ? 23  TYR A O   1 
ATOM   166  C  CB  . TYR A 1 26  ? 3.918   -3.971  -7.469  1.00 16.17 ? 23  TYR A CB  1 
ATOM   167  C  CG  . TYR A 1 26  ? 2.794   -3.675  -8.438  1.00 15.91 ? 23  TYR A CG  1 
ATOM   168  C  CD1 . TYR A 1 26  ? 1.490   -3.994  -8.116  1.00 17.52 ? 23  TYR A CD1 1 
ATOM   169  C  CD2 . TYR A 1 26  ? 3.034   -3.044  -9.649  1.00 16.78 ? 23  TYR A CD2 1 
ATOM   170  C  CE1 . TYR A 1 26  ? 0.425   -3.670  -8.957  1.00 18.81 ? 23  TYR A CE1 1 
ATOM   171  C  CE2 . TYR A 1 26  ? 1.978   -2.733  -10.536 1.00 16.81 ? 23  TYR A CE2 1 
ATOM   172  C  CZ  . TYR A 1 26  ? 0.664   -3.034  -10.172 1.00 21.41 ? 23  TYR A CZ  1 
ATOM   173  O  OH  . TYR A 1 26  ? -0.421  -2.715  -10.985 1.00 17.22 ? 23  TYR A OH  1 
ATOM   174  N  N   . ILE A 1 27  ? 6.191   -5.050  -5.764  1.00 15.41 ? 24  ILE A N   1 
ATOM   175  C  CA  . ILE A 1 27  ? 7.482   -4.725  -5.170  1.00 14.69 ? 24  ILE A CA  1 
ATOM   176  C  C   . ILE A 1 27  ? 8.526   -5.816  -5.441  1.00 15.08 ? 24  ILE A C   1 
ATOM   177  O  O   . ILE A 1 27  ? 9.688   -5.521  -5.743  1.00 15.01 ? 24  ILE A O   1 
ATOM   178  C  CB  . ILE A 1 27  ? 7.339   -4.478  -3.669  1.00 14.41 ? 24  ILE A CB  1 
ATOM   179  C  CG1 . ILE A 1 27  ? 6.566   -3.178  -3.402  1.00 17.60 ? 24  ILE A CG1 1 
ATOM   180  C  CG2 . ILE A 1 27  ? 8.671   -4.421  -3.005  1.00 15.77 ? 24  ILE A CG2 1 
ATOM   181  C  CD1 . ILE A 1 27  ? 7.140   -1.921  -4.058  1.00 19.01 ? 24  ILE A CD1 1 
ATOM   182  N  N   . ARG A 1 28  ? 8.145   -7.077  -5.270  1.00 14.31 ? 25  ARG A N   1 
ATOM   183  C  CA  . ARG A 1 28  ? 9.092   -8.140  -5.471  1.00 14.43 ? 25  ARG A CA  1 
ATOM   184  C  C   . ARG A 1 28  ? 9.553   -8.169  -6.932  1.00 14.88 ? 25  ARG A C   1 
ATOM   185  O  O   . ARG A 1 28  ? 10.732  -8.345  -7.200  1.00 13.84 ? 25  ARG A O   1 
ATOM   186  C  CB  . ARG A 1 28  ? 8.528   -9.481  -5.020  1.00 14.19 ? 25  ARG A CB  1 
ATOM   187  C  CG  . ARG A 1 28  ? 8.318   -9.502  -3.499  1.00 12.97 ? 25  ARG A CG  1 
ATOM   188  C  CD  . ARG A 1 28  ? 8.103   -10.837 -2.947  1.00 14.28 ? 25  ARG A CD  1 
ATOM   189  N  NE  . ARG A 1 28  ? 7.740   -10.728 -1.549  1.00 15.61 ? 25  ARG A NE  1 
ATOM   190  C  CZ  . ARG A 1 28  ? 7.593   -11.758 -0.718  1.00 19.12 ? 25  ARG A CZ  1 
ATOM   191  N  NH1 . ARG A 1 28  ? 7.801   -13.010 -1.122  1.00 17.97 ? 25  ARG A NH1 1 
ATOM   192  N  NH2 . ARG A 1 28  ? 7.240   -11.529 0.542   1.00 19.11 ? 25  ARG A NH2 1 
ATOM   193  N  N   . TYR A 1 29  ? 8.630   -7.983  -7.864  1.00 15.76 ? 26  TYR A N   1 
ATOM   194  C  CA  . TYR A 1 29  ? 9.004   -7.870  -9.275  1.00 16.75 ? 26  TYR A CA  1 
ATOM   195  C  C   . TYR A 1 29  ? 9.975   -6.698  -9.480  1.00 17.46 ? 26  TYR A C   1 
ATOM   196  O  O   . TYR A 1 29  ? 10.989  -6.830  -10.158 1.00 16.17 ? 26  TYR A O   1 
ATOM   197  C  CB  . TYR A 1 29  ? 7.784   -7.693  -10.173 1.00 16.58 ? 26  TYR A CB  1 
ATOM   198  C  CG  . TYR A 1 29  ? 8.157   -7.561  -11.636 1.00 19.03 ? 26  TYR A CG  1 
ATOM   199  C  CD1 . TYR A 1 29  ? 8.487   -8.695  -12.401 1.00 22.81 ? 26  TYR A CD1 1 
ATOM   200  C  CD2 . TYR A 1 29  ? 8.249   -6.309  -12.243 1.00 21.13 ? 26  TYR A CD2 1 
ATOM   201  C  CE1 . TYR A 1 29  ? 8.856   -8.578  -13.746 1.00 21.46 ? 26  TYR A CE1 1 
ATOM   202  C  CE2 . TYR A 1 29  ? 8.614   -6.177  -13.586 1.00 22.99 ? 26  TYR A CE2 1 
ATOM   203  C  CZ  . TYR A 1 29  ? 8.906   -7.312  -14.321 1.00 23.91 ? 26  TYR A CZ  1 
ATOM   204  O  OH  . TYR A 1 29  ? 9.275   -7.163  -15.619 1.00 27.82 ? 26  TYR A OH  1 
ATOM   205  N  N   . HIS A 1 30  ? 9.695   -5.565  -8.855  1.00 17.58 ? 27  HIS A N   1 
ATOM   206  C  CA  . HIS A 1 30  ? 10.580  -4.414  -8.996  1.00 18.07 ? 27  HIS A CA  1 
ATOM   207  C  C   . HIS A 1 30  ? 11.992  -4.720  -8.518  1.00 18.18 ? 27  HIS A C   1 
ATOM   208  O  O   . HIS A 1 30  ? 12.974  -4.405  -9.213  1.00 17.88 ? 27  HIS A O   1 
ATOM   209  C  CB  . HIS A 1 30  ? 10.018  -3.211  -8.240  1.00 18.32 ? 27  HIS A CB  1 
ATOM   210  C  CG  . HIS A 1 30  ? 10.930  -2.037  -8.222  1.00 19.27 ? 27  HIS A CG  1 
ATOM   211  N  ND1 . HIS A 1 30  ? 11.138  -1.251  -9.336  1.00 19.99 ? 27  HIS A ND1 1 
ATOM   212  C  CD2 . HIS A 1 30  ? 11.684  -1.505  -7.231  1.00 20.59 ? 27  HIS A CD2 1 
ATOM   213  C  CE1 . HIS A 1 30  ? 11.997  -0.292  -9.038  1.00 20.17 ? 27  HIS A CE1 1 
ATOM   214  N  NE2 . HIS A 1 30  ? 12.329  -0.406  -7.764  1.00 22.06 ? 27  HIS A NE2 1 
ATOM   215  N  N   . LEU A 1 31  ? 12.100  -5.342  -7.348  1.00 17.13 ? 28  LEU A N   1 
ATOM   216  C  CA  . LEU A 1 31  ? 13.378  -5.728  -6.805  1.00 17.56 ? 28  LEU A CA  1 
ATOM   217  C  C   . LEU A 1 31  ? 14.172  -6.705  -7.705  1.00 18.37 ? 28  LEU A C   1 
ATOM   218  O  O   . LEU A 1 31  ? 15.390  -6.556  -7.839  1.00 17.74 ? 28  LEU A O   1 
ATOM   219  C  CB  . LEU A 1 31  ? 13.224  -6.288  -5.399  1.00 18.22 ? 28  LEU A CB  1 
ATOM   220  C  CG  . LEU A 1 31  ? 12.789  -5.221  -4.389  1.00 19.65 ? 28  LEU A CG  1 
ATOM   221  C  CD1 . LEU A 1 31  ? 12.685  -5.830  -3.046  1.00 20.05 ? 28  LEU A CD1 1 
ATOM   222  C  CD2 . LEU A 1 31  ? 13.809  -4.053  -4.380  1.00 24.51 ? 28  LEU A CD2 1 
ATOM   223  N  N   . LEU A 1 32  ? 13.488  -7.663  -8.322  1.00 18.31 ? 29  LEU A N   1 
ATOM   224  C  CA  . LEU A 1 32  ? 14.143  -8.633  -9.195  1.00 19.75 ? 29  LEU A CA  1 
ATOM   225  C  C   . LEU A 1 32  ? 14.568  -7.981  -10.520 1.00 20.86 ? 29  LEU A C   1 
ATOM   226  O  O   . LEU A 1 32  ? 15.582  -8.323  -11.056 1.00 18.51 ? 29  LEU A O   1 
ATOM   227  C  CB  . LEU A 1 32  ? 13.234  -9.824  -9.488  1.00 19.30 ? 29  LEU A CB  1 
ATOM   228  C  CG  . LEU A 1 32  ? 12.940  -10.750 -8.306  1.00 21.38 ? 29  LEU A CG  1 
ATOM   229  C  CD1 . LEU A 1 32  ? 12.089  -11.951 -8.792  1.00 23.52 ? 29  LEU A CD1 1 
ATOM   230  C  CD2 . LEU A 1 32  ? 14.172  -11.220 -7.675  1.00 24.05 ? 29  LEU A CD2 1 
ATOM   231  N  N   . GLN A 1 33  ? 13.802  -7.005  -10.991 1.00 23.57 ? 30  GLN A N   1 
ATOM   232  C  CA  . GLN A 1 33  ? 14.114  -6.339  -12.241 1.00 26.55 ? 30  GLN A CA  1 
ATOM   233  C  C   . GLN A 1 33  ? 15.319  -5.394  -12.085 1.00 26.54 ? 30  GLN A C   1 
ATOM   234  O  O   . GLN A 1 33  ? 16.144  -5.335  -12.975 1.00 26.20 ? 30  GLN A O   1 
ATOM   235  C  CB  . GLN A 1 33  ? 12.870  -5.692  -12.903 1.00 26.69 ? 30  GLN A CB  1 
ATOM   236  C  CG  . GLN A 1 33  ? 12.877  -4.197  -12.934 1.00 33.58 ? 30  GLN A CG  1 
ATOM   237  C  CD  . GLN A 1 33  ? 13.692  -3.550  -14.032 1.00 39.57 ? 30  GLN A CD  1 
ATOM   238  O  OE1 . GLN A 1 33  ? 13.974  -4.141  -15.085 1.00 47.92 ? 30  GLN A OE1 1 
ATOM   239  N  NE2 . GLN A 1 33  ? 14.082  -2.305  -13.785 1.00 45.25 ? 30  GLN A NE2 1 
ATOM   240  N  N   . LYS A 1 34  ? 15.468  -4.757  -10.933 1.00 26.72 ? 31  LYS A N   1 
ATOM   241  C  CA  . LYS A 1 34  ? 16.642  -3.961  -10.632 1.00 28.29 ? 31  LYS A CA  1 
ATOM   242  C  C   . LYS A 1 34  ? 17.851  -4.878  -10.516 1.00 28.65 ? 31  LYS A C   1 
ATOM   243  O  O   . LYS A 1 34  ? 18.956  -4.522  -10.896 1.00 27.50 ? 31  LYS A O   1 
ATOM   244  C  CB  . LYS A 1 34  ? 16.493  -3.211  -9.307  1.00 29.48 ? 31  LYS A CB  1 
ATOM   245  C  CG  . LYS A 1 34  ? 15.678  -1.939  -9.406  1.00 34.52 ? 31  LYS A CG  1 
ATOM   246  C  CD  . LYS A 1 34  ? 15.872  -1.011  -8.158  1.00 41.48 ? 31  LYS A CD  1 
ATOM   247  C  CE  . LYS A 1 34  ? 17.209  -0.207  -8.200  1.00 44.79 ? 31  LYS A CE  1 
ATOM   248  N  NZ  . LYS A 1 34  ? 18.090  -0.505  -7.007  1.00 46.25 ? 31  LYS A NZ  1 
ATOM   249  N  N   . GLY A 1 35  ? 17.623  -6.047  -9.930  1.00 28.59 ? 32  GLY A N   1 
ATOM   250  C  CA  . GLY A 1 35  ? 18.638  -7.062  -9.820  1.00 28.78 ? 32  GLY A CA  1 
ATOM   251  C  C   . GLY A 1 35  ? 19.829  -6.608  -9.015  1.00 28.74 ? 32  GLY A C   1 
ATOM   252  O  O   . GLY A 1 35  ? 19.727  -5.743  -8.142  1.00 26.73 ? 32  GLY A O   1 
ATOM   253  N  N   . LYS A 1 36  ? 20.949  -7.274  -9.276  1.00 28.44 ? 33  LYS A N   1 
ATOM   254  C  CA  . LYS A 1 36  ? 22.244  -6.927  -8.699  1.00 29.51 ? 33  LYS A CA  1 
ATOM   255  C  C   . LYS A 1 36  ? 22.285  -7.048  -7.184  1.00 28.43 ? 33  LYS A C   1 
ATOM   256  O  O   . LYS A 1 36  ? 23.060  -6.380  -6.545  1.00 28.44 ? 33  LYS A O   1 
ATOM   257  C  CB  . LYS A 1 36  ? 22.683  -5.530  -9.163  1.00 30.19 ? 33  LYS A CB  1 
ATOM   258  C  CG  . LYS A 1 36  ? 22.785  -5.449  -10.694 1.00 34.32 ? 33  LYS A CG  1 
ATOM   259  C  CD  . LYS A 1 36  ? 23.677  -4.315  -11.196 1.00 39.25 ? 33  LYS A CD  1 
ATOM   260  C  CE  . LYS A 1 36  ? 23.385  -3.984  -12.679 1.00 41.87 ? 33  LYS A CE  1 
ATOM   261  N  NZ  . LYS A 1 36  ? 22.383  -2.847  -12.809 1.00 43.44 ? 33  LYS A NZ  1 
ATOM   262  N  N   . VAL A 1 37  ? 21.463  -7.916  -6.612  1.00 27.92 ? 34  VAL A N   1 
ATOM   263  C  CA  . VAL A 1 37  ? 21.526  -8.169  -5.185  1.00 28.11 ? 34  VAL A CA  1 
ATOM   264  C  C   . VAL A 1 37  ? 21.401  -9.644  -4.951  1.00 28.02 ? 34  VAL A C   1 
ATOM   265  O  O   . VAL A 1 37  ? 20.689  -10.336 -5.683  1.00 29.37 ? 34  VAL A O   1 
ATOM   266  C  CB  . VAL A 1 37  ? 20.402  -7.419  -4.404  1.00 28.73 ? 34  VAL A CB  1 
ATOM   267  C  CG1 . VAL A 1 37  ? 20.514  -5.865  -4.599  1.00 29.32 ? 34  VAL A CG1 1 
ATOM   268  C  CG2 . VAL A 1 37  ? 19.056  -7.919  -4.805  1.00 28.28 ? 34  VAL A CG2 1 
ATOM   269  N  N   . ARG A 1 38  ? 22.064  -10.137 -3.917  1.00 27.63 ? 35  ARG A N   1 
ATOM   270  C  CA  . ARG A 1 38  ? 22.010  -11.552 -3.602  1.00 27.26 ? 35  ARG A CA  1 
ATOM   271  C  C   . ARG A 1 38  ? 20.661  -11.805 -2.982  1.00 26.75 ? 35  ARG A C   1 
ATOM   272  O  O   . ARG A 1 38  ? 20.091  -10.930 -2.324  1.00 26.28 ? 35  ARG A O   1 
ATOM   273  C  CB  . ARG A 1 38  ? 23.131  -11.957 -2.651  1.00 27.67 ? 35  ARG A CB  1 
ATOM   274  C  CG  . ARG A 1 38  ? 24.545  -11.727 -3.233  1.00 28.76 ? 35  ARG A CG  1 
ATOM   275  C  CD  . ARG A 1 38  ? 25.696  -12.482 -2.529  1.00 30.49 ? 35  ARG A CD  1 
ATOM   276  N  NE  . ARG A 1 38  ? 25.330  -13.858 -2.191  1.00 32.02 ? 35  ARG A NE  1 
ATOM   277  C  CZ  . ARG A 1 38  ? 25.079  -14.810 -3.088  1.00 32.86 ? 35  ARG A CZ  1 
ATOM   278  N  NH1 . ARG A 1 38  ? 25.178  -14.561 -4.415  1.00 38.33 ? 35  ARG A NH1 1 
ATOM   279  N  NH2 . ARG A 1 38  ? 24.695  -16.006 -2.677  1.00 28.44 ? 35  ARG A NH2 1 
ATOM   280  N  N   . PRO A 1 39  ? 20.136  -12.995 -3.222  1.00 26.06 ? 36  PRO A N   1 
ATOM   281  C  CA  . PRO A 1 39  ? 18.782  -13.328 -2.818  1.00 26.12 ? 36  PRO A CA  1 
ATOM   282  C  C   . PRO A 1 39  ? 18.539  -13.219 -1.321  1.00 26.51 ? 36  PRO A C   1 
ATOM   283  O  O   . PRO A 1 39  ? 17.398  -12.937 -0.924  1.00 25.35 ? 36  PRO A O   1 
ATOM   284  C  CB  . PRO A 1 39  ? 18.602  -14.763 -3.363  1.00 26.76 ? 36  PRO A CB  1 
ATOM   285  C  CG  . PRO A 1 39  ? 19.929  -15.265 -3.573  1.00 24.53 ? 36  PRO A CG  1 
ATOM   286  C  CD  . PRO A 1 39  ? 20.778  -14.110 -3.942  1.00 25.57 ? 36  PRO A CD  1 
ATOM   287  N  N   . ASN A 1 40  ? 19.593  -13.357 -0.516  1.00 26.82 ? 37  ASN A N   1 
ATOM   288  C  CA  . ASN A 1 40  ? 19.471  -13.219 0.936   1.00 27.74 ? 37  ASN A CA  1 
ATOM   289  C  C   . ASN A 1 40  ? 19.106  -11.792 1.363   1.00 26.55 ? 37  ASN A C   1 
ATOM   290  O  O   . ASN A 1 40  ? 18.630  -11.621 2.447   1.00 26.74 ? 37  ASN A O   1 
ATOM   291  C  CB  . ASN A 1 40  ? 20.763  -13.685 1.673   1.00 28.36 ? 37  ASN A CB  1 
ATOM   292  C  CG  . ASN A 1 40  ? 21.852  -12.613 1.699   1.00 30.55 ? 37  ASN A CG  1 
ATOM   293  O  OD1 . ASN A 1 40  ? 21.924  -11.786 2.641   1.00 39.59 ? 37  ASN A OD1 1 
ATOM   294  N  ND2 . ASN A 1 40  ? 22.649  -12.562 0.667   1.00 30.26 ? 37  ASN A ND2 1 
ATOM   295  N  N   . GLN A 1 41  ? 19.383  -10.795 0.518   1.00 25.48 ? 38  GLN A N   1 
ATOM   296  C  CA  . GLN A 1 41  ? 19.093  -9.393  0.780   1.00 24.77 ? 38  GLN A CA  1 
ATOM   297  C  C   . GLN A 1 41  ? 17.658  -8.962  0.375   1.00 23.86 ? 38  GLN A C   1 
ATOM   298  O  O   . GLN A 1 41  ? 17.205  -7.891  0.763   1.00 22.00 ? 38  GLN A O   1 
ATOM   299  C  CB  . GLN A 1 41  ? 20.055  -8.479  -0.002  1.00 25.29 ? 38  GLN A CB  1 
ATOM   300  C  CG  . GLN A 1 41  ? 21.586  -8.632  0.282   1.00 29.73 ? 38  GLN A CG  1 
ATOM   301  C  CD  . GLN A 1 41  ? 22.461  -7.808  -0.729  1.00 36.18 ? 38  GLN A CD  1 
ATOM   302  O  OE1 . GLN A 1 41  ? 22.367  -6.562  -0.739  1.00 40.58 ? 38  GLN A OE1 1 
ATOM   303  N  NE2 . GLN A 1 41  ? 23.282  -8.501  -1.596  1.00 35.34 ? 38  GLN A NE2 1 
ATOM   304  N  N   . LEU A 1 42  ? 16.997  -9.750  -0.458  1.00 22.82 ? 39  LEU A N   1 
ATOM   305  C  CA  . LEU A 1 42  ? 15.690  -9.402  -1.008  1.00 22.75 ? 39  LEU A CA  1 
ATOM   306  C  C   . LEU A 1 42  ? 14.666  -9.097  0.083   1.00 22.83 ? 39  LEU A C   1 
ATOM   307  O  O   . LEU A 1 42  ? 14.017  -8.093  -0.008  1.00 21.27 ? 39  LEU A O   1 
ATOM   308  C  CB  . LEU A 1 42  ? 15.156  -10.494 -1.950  1.00 23.08 ? 39  LEU A CB  1 
ATOM   309  C  CG  . LEU A 1 42  ? 15.945  -10.574 -3.271  1.00 20.85 ? 39  LEU A CG  1 
ATOM   310  C  CD1 . LEU A 1 42  ? 15.652  -11.867 -4.001  1.00 24.41 ? 39  LEU A CD1 1 
ATOM   311  C  CD2 . LEU A 1 42  ? 15.686  -9.389  -4.144  1.00 21.71 ? 39  LEU A CD2 1 
ATOM   312  N  N   . HIS A 1 43  ? 14.561  -9.927  1.110   1.00 24.03 ? 40  HIS A N   1 
ATOM   313  C  CA  . HIS A 1 43  ? 13.577  -9.711  2.162   1.00 26.80 ? 40  HIS A CA  1 
ATOM   314  C  C   . HIS A 1 43  ? 13.793  -8.328  2.786   1.00 26.27 ? 40  HIS A C   1 
ATOM   315  O  O   . HIS A 1 43  ? 12.870  -7.535  2.840   1.00 25.74 ? 40  HIS A O   1 
ATOM   316  C  CB  . HIS A 1 43  ? 13.581  -10.814 3.241   1.00 27.93 ? 40  HIS A CB  1 
ATOM   317  C  CG  . HIS A 1 43  ? 12.692  -10.493 4.413   1.00 34.98 ? 40  HIS A CG  1 
ATOM   318  N  ND1 . HIS A 1 43  ? 11.310  -10.554 4.348   1.00 42.70 ? 40  HIS A ND1 1 
ATOM   319  C  CD2 . HIS A 1 43  ? 12.987  -10.033 5.661   1.00 41.88 ? 40  HIS A CD2 1 
ATOM   320  C  CE1 . HIS A 1 43  ? 10.794  -10.168 5.506   1.00 42.87 ? 40  HIS A CE1 1 
ATOM   321  N  NE2 . HIS A 1 43  ? 11.789  -9.852  6.322   1.00 44.74 ? 40  HIS A NE2 1 
ATOM   322  N  N   . ARG A 1 44  ? 15.034  -8.035  3.168   1.00 25.27 ? 41  ARG A N   1 
ATOM   323  C  CA  . ARG A 1 44  ? 15.385  -6.796  3.826   1.00 26.54 ? 41  ARG A CA  1 
ATOM   324  C  C   . ARG A 1 44  ? 15.109  -5.605  2.899   1.00 25.09 ? 41  ARG A C   1 
ATOM   325  O  O   . ARG A 1 44  ? 14.515  -4.616  3.312   1.00 23.06 ? 41  ARG A O   1 
ATOM   326  C  CB  . ARG A 1 44  ? 16.860  -6.829  4.295   1.00 27.93 ? 41  ARG A CB  1 
ATOM   327  C  CG  . ARG A 1 44  ? 17.384  -5.476  4.877   1.00 34.08 ? 41  ARG A CG  1 
ATOM   328  C  CD  . ARG A 1 44  ? 18.927  -5.442  5.161   1.00 41.60 ? 41  ARG A CD  1 
ATOM   329  N  NE  . ARG A 1 44  ? 19.743  -5.757  3.967   1.00 47.13 ? 41  ARG A NE  1 
ATOM   330  C  CZ  . ARG A 1 44  ? 20.035  -4.896  2.969   1.00 51.61 ? 41  ARG A CZ  1 
ATOM   331  N  NH1 . ARG A 1 44  ? 19.587  -3.633  2.991   1.00 52.35 ? 41  ARG A NH1 1 
ATOM   332  N  NH2 . ARG A 1 44  ? 20.775  -5.309  1.928   1.00 51.92 ? 41  ARG A NH2 1 
ATOM   333  N  N   . LEU A 1 45  ? 15.496  -5.710  1.633   1.00 22.99 ? 42  LEU A N   1 
ATOM   334  C  CA  . LEU A 1 45  ? 15.188  -4.662  0.675   1.00 23.40 ? 42  LEU A CA  1 
ATOM   335  C  C   . LEU A 1 45  ? 13.682  -4.435  0.514   1.00 22.56 ? 42  LEU A C   1 
ATOM   336  O  O   . LEU A 1 45  ? 13.263  -3.312  0.443   1.00 22.79 ? 42  LEU A O   1 
ATOM   337  C  CB  . LEU A 1 45  ? 15.803  -4.942  -0.703  1.00 23.44 ? 42  LEU A CB  1 
ATOM   338  C  CG  . LEU A 1 45  ? 17.319  -4.871  -0.719  1.00 28.09 ? 42  LEU A CG  1 
ATOM   339  C  CD1 . LEU A 1 45  ? 17.871  -5.472  -2.022  1.00 31.53 ? 42  LEU A CD1 1 
ATOM   340  C  CD2 . LEU A 1 45  ? 17.840  -3.419  -0.500  1.00 30.21 ? 42  LEU A CD2 1 
ATOM   341  N  N   . GLY A 1 46  ? 12.885  -5.493  0.447   1.00 22.83 ? 43  GLY A N   1 
ATOM   342  C  CA  . GLY A 1 46  ? 11.446  -5.380  0.320   1.00 24.08 ? 43  GLY A CA  1 
ATOM   343  C  C   . GLY A 1 46  ? 10.790  -4.616  1.480   1.00 25.23 ? 43  GLY A C   1 
ATOM   344  O  O   . GLY A 1 46  ? 9.855   -3.829  1.263   1.00 23.47 ? 43  GLY A O   1 
ATOM   345  N  N   . THR A 1 47  ? 11.329  -4.804  2.693   1.00 26.88 ? 44  THR A N   1 
ATOM   346  C  CA  . THR A 1 47  ? 10.844  -4.128  3.920   1.00 28.05 ? 44  THR A CA  1 
ATOM   347  C  C   . THR A 1 47  ? 10.862  -2.626  3.790   1.00 28.21 ? 44  THR A C   1 
ATOM   348  O  O   . THR A 1 47  ? 9.966   -1.941  4.286   1.00 28.67 ? 44  THR A O   1 
ATOM   349  C  CB  . THR A 1 47  ? 11.665  -4.612  5.164   1.00 28.97 ? 44  THR A CB  1 
ATOM   350  O  OG1 . THR A 1 47  ? 11.232  -5.931  5.519   1.00 29.97 ? 44  THR A OG1 1 
ATOM   351  C  CG2 . THR A 1 47  ? 11.368  -3.814  6.410   1.00 33.43 ? 44  THR A CG2 1 
ATOM   352  N  N   . SER A 1 48  ? 11.840  -2.085  3.074   1.00 27.10 ? 45  SER A N   1 
ATOM   353  C  CA  . SER A 1 48  ? 11.890  -0.647  2.897   1.00 26.45 ? 45  SER A CA  1 
ATOM   354  C  C   . SER A 1 48  ? 10.792  -0.137  1.937   1.00 24.12 ? 45  SER A C   1 
ATOM   355  O  O   . SER A 1 48  ? 10.606  1.063   1.772   1.00 23.34 ? 45  SER A O   1 
ATOM   356  C  CB  . SER A 1 48  ? 13.285  -0.229  2.411   1.00 27.47 ? 45  SER A CB  1 
ATOM   357  O  OG  . SER A 1 48  ? 13.432  -0.614  1.055   1.00 30.94 ? 45  SER A OG  1 
ATOM   358  N  N   . PHE A 1 49  ? 10.099  -1.045  1.257   1.00 21.18 ? 46  PHE A N   1 
ATOM   359  C  CA  . PHE A 1 49  ? 8.949   -0.664  0.456   1.00 19.41 ? 46  PHE A CA  1 
ATOM   360  C  C   . PHE A 1 49  ? 7.607   -1.001  1.106   1.00 18.70 ? 46  PHE A C   1 
ATOM   361  O  O   . PHE A 1 49  ? 6.614   -0.350  0.790   1.00 18.63 ? 46  PHE A O   1 
ATOM   362  C  CB  . PHE A 1 49  ? 9.013   -1.332  -0.916  1.00 19.43 ? 46  PHE A CB  1 
ATOM   363  C  CG  . PHE A 1 49  ? 10.087  -0.781  -1.806  1.00 18.21 ? 46  PHE A CG  1 
ATOM   364  C  CD1 . PHE A 1 49  ? 9.839   0.310   -2.602  1.00 18.94 ? 46  PHE A CD1 1 
ATOM   365  C  CD2 . PHE A 1 49  ? 11.359  -1.343  -1.816  1.00 19.45 ? 46  PHE A CD2 1 
ATOM   366  C  CE1 . PHE A 1 49  ? 10.845  0.836   -3.427  1.00 20.79 ? 46  PHE A CE1 1 
ATOM   367  C  CE2 . PHE A 1 49  ? 12.371  -0.830  -2.665  1.00 22.05 ? 46  PHE A CE2 1 
ATOM   368  C  CZ  . PHE A 1 49  ? 12.090  0.258   -3.465  1.00 21.53 ? 46  PHE A CZ  1 
ATOM   369  N  N   . VAL A 1 50  ? 7.559   -2.037  1.955   1.00 17.87 ? 47  VAL A N   1 
ATOM   370  C  CA  . VAL A 1 50  ? 6.290   -2.595  2.415   1.00 17.93 ? 47  VAL A CA  1 
ATOM   371  C  C   . VAL A 1 50  ? 6.083   -2.524  3.915   1.00 17.01 ? 47  VAL A C   1 
ATOM   372  O  O   . VAL A 1 50  ? 5.071   -2.966  4.417   1.00 17.24 ? 47  VAL A O   1 
ATOM   373  C  CB  . VAL A 1 50  ? 6.082   -4.082  1.980   1.00 17.80 ? 47  VAL A CB  1 
ATOM   374  C  CG1 . VAL A 1 50  ? 6.257   -4.229  0.482   1.00 18.38 ? 47  VAL A CG1 1 
ATOM   375  C  CG2 . VAL A 1 50  ? 7.025   -5.042  2.762   1.00 20.56 ? 47  VAL A CG2 1 
ATOM   376  N  N   . SER A 1 51  ? 7.002   -1.924  4.638   1.00 16.96 ? 48  SER A N   1 
ATOM   377  C  CA  . SER A 1 51  ? 6.795   -1.749  6.078   1.00 16.55 ? 48  SER A CA  1 
ATOM   378  C  C   . SER A 1 51  ? 5.669   -0.690  6.292   1.00 16.90 ? 48  SER A C   1 
ATOM   379  O  O   . SER A 1 51  ? 5.296   0.064   5.385   1.00 16.29 ? 48  SER A O   1 
ATOM   380  C  CB  . SER A 1 51  ? 8.076   -1.250  6.705   1.00 16.37 ? 48  SER A CB  1 
ATOM   381  O  OG  . SER A 1 51  ? 8.277   0.115   6.313   1.00 15.79 ? 48  SER A OG  1 
ATOM   382  N  N   . ALA A 1 52  ? 5.162   -0.647  7.513   1.00 17.00 ? 49  ALA A N   1 
ATOM   383  C  CA  . ALA A 1 52  ? 4.177   0.321   7.920   1.00 17.65 ? 49  ALA A CA  1 
ATOM   384  C  C   . ALA A 1 52  ? 4.684   1.747   7.727   1.00 17.68 ? 49  ALA A C   1 
ATOM   385  O  O   . ALA A 1 52  ? 3.946   2.619   7.249   1.00 17.50 ? 49  ALA A O   1 
ATOM   386  C  CB  . ALA A 1 52  ? 3.788   0.070   9.397   1.00 17.30 ? 49  ALA A CB  1 
ATOM   387  N  N   . LYS A 1 53  ? 5.923   1.985   8.139   1.00 18.12 ? 50  LYS A N   1 
ATOM   388  C  CA  . LYS A 1 53  ? 6.559   3.294   8.012   1.00 19.09 ? 50  LYS A CA  1 
ATOM   389  C  C   . LYS A 1 53  ? 6.693   3.700   6.530   1.00 18.44 ? 50  LYS A C   1 
ATOM   390  O  O   . LYS A 1 53  ? 6.418   4.831   6.177   1.00 18.18 ? 50  LYS A O   1 
ATOM   391  C  CB  . LYS A 1 53  ? 7.936   3.316   8.658   1.00 20.13 ? 50  LYS A CB  1 
ATOM   392  C  CG  . LYS A 1 53  ? 7.923   3.398   10.191  1.00 25.32 ? 50  LYS A CG  1 
ATOM   393  C  CD  . LYS A 1 53  ? 9.366   3.424   10.782  1.00 29.15 ? 50  LYS A CD  1 
ATOM   394  C  CE  . LYS A 1 53  ? 9.348   2.948   12.263  1.00 33.40 ? 50  LYS A CE  1 
ATOM   395  N  NZ  . LYS A 1 53  ? 10.581  3.294   13.057  1.00 35.49 ? 50  LYS A NZ  1 
ATOM   396  N  N   . ALA A 1 54  ? 7.070   2.769   5.666   1.00 17.22 ? 51  ALA A N   1 
ATOM   397  C  CA  . ALA A 1 54  ? 7.175   3.072   4.249   1.00 16.60 ? 51  ALA A CA  1 
ATOM   398  C  C   . ALA A 1 54  ? 5.840   3.390   3.608   1.00 16.80 ? 51  ALA A C   1 
ATOM   399  O  O   . ALA A 1 54  ? 5.721   4.340   2.822   1.00 17.34 ? 51  ALA A O   1 
ATOM   400  C  CB  . ALA A 1 54  ? 7.851   1.939   3.510   1.00 17.13 ? 51  ALA A CB  1 
ATOM   401  N  N   . GLN A 1 55  ? 4.830   2.591   3.910   1.00 15.94 ? 52  GLN A N   1 
ATOM   402  C  CA  . GLN A 1 55  ? 3.522   2.745   3.285   1.00 15.57 ? 52  GLN A CA  1 
ATOM   403  C  C   . GLN A 1 55  ? 2.867   4.020   3.797   1.00 15.60 ? 52  GLN A C   1 
ATOM   404  O  O   . GLN A 1 55  ? 2.230   4.721   3.048   1.00 14.48 ? 52  GLN A O   1 
ATOM   405  C  CB  . GLN A 1 55  ? 2.654   1.495   3.508   1.00 15.37 ? 52  GLN A CB  1 
ATOM   406  C  CG  . GLN A 1 55  ? 3.234   0.301   2.706   1.00 14.21 ? 52  GLN A CG  1 
ATOM   407  C  CD  . GLN A 1 55  ? 2.504   -0.992  2.848   1.00 15.27 ? 52  GLN A CD  1 
ATOM   408  O  OE1 . GLN A 1 55  ? 1.574   -1.153  3.678   1.00 18.85 ? 52  GLN A OE1 1 
ATOM   409  N  NE2 . GLN A 1 55  ? 2.921   -1.944  2.065   1.00 13.70 ? 52  GLN A NE2 1 
ATOM   410  N  N   . ALA A 1 56  ? 3.084   4.335   5.065   1.00 15.41 ? 53  ALA A N   1 
ATOM   411  C  CA  . ALA A 1 56  ? 2.591   5.590   5.619   1.00 16.05 ? 53  ALA A CA  1 
ATOM   412  C  C   . ALA A 1 56  ? 3.226   6.824   4.947   1.00 16.35 ? 53  ALA A C   1 
ATOM   413  O  O   . ALA A 1 56  ? 2.527   7.793   4.635   1.00 16.65 ? 53  ALA A O   1 
ATOM   414  C  CB  . ALA A 1 56  ? 2.794   5.622   7.108   1.00 15.39 ? 53  ALA A CB  1 
ATOM   415  N  N   . LYS A 1 57  ? 4.536   6.776   4.742   1.00 16.67 ? 54  LYS A N   1 
ATOM   416  C  CA  . LYS A 1 57  ? 5.266   7.806   4.042   1.00 16.89 ? 54  LYS A CA  1 
ATOM   417  C  C   . LYS A 1 57  ? 4.632   8.017   2.671   1.00 16.86 ? 54  LYS A C   1 
ATOM   418  O  O   . LYS A 1 57  ? 4.360   9.157   2.282   1.00 16.28 ? 54  LYS A O   1 
ATOM   419  C  CB  . LYS A 1 57  ? 6.761   7.451   3.923   1.00 17.15 ? 54  LYS A CB  1 
ATOM   420  C  CG  . LYS A 1 57  ? 7.597   8.451   3.084   1.00 20.85 ? 54  LYS A CG  1 
ATOM   421  C  CD  . LYS A 1 57  ? 9.114   8.220   3.251   1.00 23.76 ? 54  LYS A CD  1 
ATOM   422  C  CE  . LYS A 1 57  ? 9.932   9.062   2.238   1.00 26.55 ? 54  LYS A CE  1 
ATOM   423  N  NZ  . LYS A 1 57  ? 11.395  8.843   2.445   1.00 28.34 ? 54  LYS A NZ  1 
ATOM   424  N  N   . VAL A 1 58  ? 4.336   6.939   1.948   1.00 16.58 ? 55  VAL A N   1 
ATOM   425  C  CA  . VAL A 1 58  ? 3.654   7.070   0.651   1.00 16.15 ? 55  VAL A CA  1 
ATOM   426  C  C   . VAL A 1 58  ? 2.315   7.768   0.805   1.00 16.86 ? 55  VAL A C   1 
ATOM   427  O  O   . VAL A 1 58  ? 1.987   8.675   0.018   1.00 16.56 ? 55  VAL A O   1 
ATOM   428  C  CB  . VAL A 1 58  ? 3.485   5.718   -0.051  1.00 16.76 ? 55  VAL A CB  1 
ATOM   429  C  CG1 . VAL A 1 58  ? 2.610   5.815   -1.319  1.00 16.37 ? 55  VAL A CG1 1 
ATOM   430  C  CG2 . VAL A 1 58  ? 4.866   5.148   -0.408  1.00 15.75 ? 55  VAL A CG2 1 
ATOM   431  N  N   . VAL A 1 59  ? 1.521   7.361   1.799   1.00 15.57 ? 56  VAL A N   1 
ATOM   432  C  CA  . VAL A 1 59  ? 0.208   7.989   1.978   1.00 15.46 ? 56  VAL A CA  1 
ATOM   433  C  C   . VAL A 1 59  ? 0.326   9.489   2.274   1.00 15.60 ? 56  VAL A C   1 
ATOM   434  O  O   . VAL A 1 59  ? -0.443  10.284  1.715   1.00 14.20 ? 56  VAL A O   1 
ATOM   435  C  CB  . VAL A 1 59  ? -0.619  7.296   3.051   1.00 14.60 ? 56  VAL A CB  1 
ATOM   436  C  CG1 . VAL A 1 59  ? -1.880  8.080   3.420   1.00 16.40 ? 56  VAL A CG1 1 
ATOM   437  C  CG2 . VAL A 1 59  ? -0.951  5.880   2.578   1.00 16.08 ? 56  VAL A CG2 1 
ATOM   438  N  N   . TYR A 1 60  ? 1.254   9.861   3.146   1.00 15.80 ? 57  TYR A N   1 
ATOM   439  C  CA  . TYR A 1 60  ? 1.480   11.267  3.440   1.00 16.91 ? 57  TYR A CA  1 
ATOM   440  C  C   . TYR A 1 60  ? 1.828   12.029  2.152   1.00 17.71 ? 57  TYR A C   1 
ATOM   441  O  O   . TYR A 1 60  ? 1.322   13.131  1.927   1.00 18.41 ? 57  TYR A O   1 
ATOM   442  C  CB  . TYR A 1 60  ? 2.579   11.452  4.500   1.00 16.71 ? 57  TYR A CB  1 
ATOM   443  C  CG  . TYR A 1 60  ? 2.295   10.794  5.839   1.00 17.67 ? 57  TYR A CG  1 
ATOM   444  C  CD1 . TYR A 1 60  ? 1.014   10.728  6.357   1.00 21.73 ? 57  TYR A CD1 1 
ATOM   445  C  CD2 . TYR A 1 60  ? 3.313   10.217  6.568   1.00 19.93 ? 57  TYR A CD2 1 
ATOM   446  C  CE1 . TYR A 1 60  ? 0.767   10.091  7.569   1.00 23.31 ? 57  TYR A CE1 1 
ATOM   447  C  CE2 . TYR A 1 60  ? 3.075   9.587   7.789   1.00 22.04 ? 57  TYR A CE2 1 
ATOM   448  C  CZ  . TYR A 1 60  ? 1.806   9.520   8.270   1.00 22.92 ? 57  TYR A CZ  1 
ATOM   449  O  OH  . TYR A 1 60  ? 1.579   8.942   9.480   1.00 25.11 ? 57  TYR A OH  1 
ATOM   450  N  N   . HIS A 1 61  ? 2.705   11.460  1.328   1.00 18.26 ? 58  HIS A N   1 
ATOM   451  C  CA  . HIS A 1 61  ? 3.052   12.074  0.056   1.00 18.85 ? 58  HIS A CA  1 
ATOM   452  C  C   . HIS A 1 61  ? 1.828   12.256  -0.845  1.00 19.20 ? 58  HIS A C   1 
ATOM   453  O  O   . HIS A 1 61  ? 1.632   13.331  -1.416  1.00 19.95 ? 58  HIS A O   1 
ATOM   454  C  CB  . HIS A 1 61  ? 4.134   11.305  -0.692  1.00 19.05 ? 58  HIS A CB  1 
ATOM   455  C  CG  . HIS A 1 61  ? 4.648   12.038  -1.896  1.00 20.07 ? 58  HIS A CG  1 
ATOM   456  N  ND1 . HIS A 1 61  ? 3.967   12.073  -3.095  1.00 23.22 ? 58  HIS A ND1 1 
ATOM   457  C  CD2 . HIS A 1 61  ? 5.765   12.778  -2.080  1.00 23.63 ? 58  HIS A CD2 1 
ATOM   458  C  CE1 . HIS A 1 61  ? 4.636   12.812  -3.965  1.00 23.15 ? 58  HIS A CE1 1 
ATOM   459  N  NE2 . HIS A 1 61  ? 5.733   13.250  -3.376  1.00 24.10 ? 58  HIS A NE2 1 
ATOM   460  N  N   . LEU A 1 62  ? 1.005   11.217  -0.969  1.00 19.33 ? 59  LEU A N   1 
ATOM   461  C  CA  . LEU A 1 62  ? -0.174  11.253  -1.833  1.00 19.04 ? 59  LEU A CA  1 
ATOM   462  C  C   . LEU A 1 62  ? -1.201  12.274  -1.360  1.00 19.51 ? 59  LEU A C   1 
ATOM   463  O  O   . LEU A 1 62  ? -1.761  13.013  -2.170  1.00 19.84 ? 59  LEU A O   1 
ATOM   464  C  CB  . LEU A 1 62  ? -0.814  9.859   -1.927  1.00 19.14 ? 59  LEU A CB  1 
ATOM   465  C  CG  . LEU A 1 62  ? 0.019   8.756   -2.601  1.00 18.36 ? 59  LEU A CG  1 
ATOM   466  C  CD1 . LEU A 1 62  ? -0.749  7.465   -2.503  1.00 19.97 ? 59  LEU A CD1 1 
ATOM   467  C  CD2 . LEU A 1 62  ? 0.361   9.045   -4.054  1.00 19.70 ? 59  LEU A CD2 1 
ATOM   468  N  N   . LEU A 1 63  ? -1.444  12.317  -0.055  1.00 18.52 ? 60  LEU A N   1 
ATOM   469  C  CA  . LEU A 1 63  ? -2.372  13.278  0.529   1.00 19.69 ? 60  LEU A CA  1 
ATOM   470  C  C   . LEU A 1 63  ? -1.870  14.732  0.370   1.00 20.79 ? 60  LEU A C   1 
ATOM   471  O  O   . LEU A 1 63  ? -2.610  15.614  0.003   1.00 20.45 ? 60  LEU A O   1 
ATOM   472  C  CB  . LEU A 1 63  ? -2.586  12.949  1.998   1.00 18.86 ? 60  LEU A CB  1 
ATOM   473  C  CG  . LEU A 1 63  ? -3.380  11.661  2.271   1.00 18.88 ? 60  LEU A CG  1 
ATOM   474  C  CD1 . LEU A 1 63  ? -3.557  11.429  3.760   1.00 18.71 ? 60  LEU A CD1 1 
ATOM   475  C  CD2 . LEU A 1 63  ? -4.750  11.741  1.614   1.00 20.89 ? 60  LEU A CD2 1 
ATOM   476  N  N   . GLU A 1 64  ? -0.589  14.939  0.608   1.00 22.02 ? 61  GLU A N   1 
ATOM   477  C  CA  . GLU A 1 64  ? 0.004   16.243  0.528   1.00 22.79 ? 61  GLU A CA  1 
ATOM   478  C  C   . GLU A 1 64  ? -0.071  16.864  -0.884  1.00 23.02 ? 61  GLU A C   1 
ATOM   479  O  O   . GLU A 1 64  ? -0.382  18.044  -1.009  1.00 21.79 ? 61  GLU A O   1 
ATOM   480  C  CB  . GLU A 1 64  ? 1.438   16.122  0.980   1.00 23.59 ? 61  GLU A CB  1 
ATOM   481  C  CG  . GLU A 1 64  ? 2.124   17.443  1.126   1.00 27.76 ? 61  GLU A CG  1 
ATOM   482  C  CD  . GLU A 1 64  ? 3.457   17.482  0.435   1.00 32.12 ? 61  GLU A CD  1 
ATOM   483  O  OE1 . GLU A 1 64  ? 3.688   18.488  -0.234  1.00 35.84 ? 61  GLU A OE1 1 
ATOM   484  O  OE2 . GLU A 1 64  ? 4.266   16.539  0.610   1.00 34.82 ? 61  GLU A OE2 1 
ATOM   485  N  N   . THR A 1 65  ? 0.213   16.058  -1.917  1.00 23.07 ? 62  THR A N   1 
ATOM   486  C  CA  . THR A 1 65  ? 0.270   16.504  -3.319  1.00 22.77 ? 62  THR A CA  1 
ATOM   487  C  C   . THR A 1 65  ? -1.072  16.413  -4.053  1.00 23.67 ? 62  THR A C   1 
ATOM   488  O  O   . THR A 1 65  ? -1.132  16.724  -5.227  1.00 23.85 ? 62  THR A O   1 
ATOM   489  C  CB  . THR A 1 65  ? 1.270   15.686  -4.113  1.00 22.84 ? 62  THR A CB  1 
ATOM   490  O  OG1 . THR A 1 65  ? 0.925   14.281  -4.070  1.00 21.22 ? 62  THR A OG1 1 
ATOM   491  C  CG2 . THR A 1 65  ? 2.674   15.780  -3.509  1.00 22.75 ? 62  THR A CG2 1 
ATOM   492  N  N   . ALA A 1 66  ? -2.136  15.966  -3.388  1.00 23.49 ? 63  ALA A N   1 
ATOM   493  C  CA  . ALA A 1 66  ? -3.443  15.827  -4.038  1.00 23.61 ? 63  ALA A CA  1 
ATOM   494  C  C   . ALA A 1 66  ? -3.345  14.916  -5.248  1.00 24.10 ? 63  ALA A C   1 
ATOM   495  O  O   . ALA A 1 66  ? -3.989  15.146  -6.279  1.00 24.27 ? 63  ALA A O   1 
ATOM   496  C  CB  . ALA A 1 66  ? -4.020  17.223  -4.435  1.00 24.48 ? 63  ALA A CB  1 
ATOM   497  N  N   . PHE A 1 67  ? -2.534  13.862  -5.133  1.00 23.90 ? 64  PHE A N   1 
ATOM   498  C  CA  . PHE A 1 67  ? -2.362  12.910  -6.228  1.00 23.96 ? 64  PHE A CA  1 
ATOM   499  C  C   . PHE A 1 67  ? -3.648  12.111  -6.499  1.00 23.74 ? 64  PHE A C   1 
ATOM   500  O  O   . PHE A 1 67  ? -3.890  11.671  -7.624  1.00 21.92 ? 64  PHE A O   1 
ATOM   501  C  CB  . PHE A 1 67  ? -1.192  11.959  -5.926  1.00 23.45 ? 64  PHE A CB  1 
ATOM   502  C  CG  . PHE A 1 67  ? -0.849  11.045  -7.060  1.00 25.53 ? 64  PHE A CG  1 
ATOM   503  C  CD1 . PHE A 1 67  ? 0.010   11.472  -8.082  1.00 26.66 ? 64  PHE A CD1 1 
ATOM   504  C  CD2 . PHE A 1 67  ? -1.350  9.753   -7.107  1.00 24.43 ? 64  PHE A CD2 1 
ATOM   505  C  CE1 . PHE A 1 67  ? 0.344   10.630  -9.129  1.00 26.91 ? 64  PHE A CE1 1 
ATOM   506  C  CE2 . PHE A 1 67  ? -1.009  8.903   -8.157  1.00 26.62 ? 64  PHE A CE2 1 
ATOM   507  C  CZ  . PHE A 1 67  ? -0.160  9.351   -9.174  1.00 26.17 ? 64  PHE A CZ  1 
ATOM   508  N  N   . LEU A 1 68  ? -4.477  11.950  -5.474  1.00 24.32 ? 65  LEU A N   1 
ATOM   509  C  CA  . LEU A 1 68  ? -5.633  11.052  -5.549  1.00 25.69 ? 65  LEU A CA  1 
ATOM   510  C  C   . LEU A 1 68  ? -6.931  11.813  -5.795  1.00 26.48 ? 65  LEU A C   1 
ATOM   511  O  O   . LEU A 1 68  ? -7.043  12.951  -5.409  1.00 25.67 ? 65  LEU A O   1 
ATOM   512  C  CB  . LEU A 1 68  ? -5.769  10.274  -4.226  1.00 25.83 ? 65  LEU A CB  1 
ATOM   513  C  CG  . LEU A 1 68  ? -4.537  9.456   -3.811  1.00 26.29 ? 65  LEU A CG  1 
ATOM   514  C  CD1 . LEU A 1 68  ? -4.714  8.940   -2.411  1.00 27.65 ? 65  LEU A CD1 1 
ATOM   515  C  CD2 . LEU A 1 68  ? -4.302  8.316   -4.785  1.00 27.73 ? 65  LEU A CD2 1 
ATOM   516  N  N   . THR A 1 69  ? -7.902  11.152  -6.429  1.00 27.74 ? 66  THR A N   1 
ATOM   517  C  CA  . THR A 1 69  ? -9.259  11.675  -6.550  1.00 28.69 ? 66  THR A CA  1 
ATOM   518  C  C   . THR A 1 69  ? -9.953  11.613  -5.200  1.00 29.36 ? 66  THR A C   1 
ATOM   519  O  O   . THR A 1 69  ? -9.456  10.971  -4.259  1.00 28.69 ? 66  THR A O   1 
ATOM   520  C  CB  . THR A 1 69  ? -10.073 10.846  -7.549  1.00 28.97 ? 66  THR A CB  1 
ATOM   521  O  OG1 . THR A 1 69  ? -10.308 9.537   -7.000  1.00 29.17 ? 66  THR A OG1 1 
ATOM   522  C  CG2 . THR A 1 69  ? -9.307  10.592  -8.829  1.00 28.78 ? 66  THR A CG2 1 
ATOM   523  N  N   . GLU A 1 70  ? -11.104 12.287  -5.086  1.00 30.31 ? 67  GLU A N   1 
ATOM   524  C  CA  . GLU A 1 70  ? -11.870 12.227  -3.838  1.00 30.59 ? 67  GLU A CA  1 
ATOM   525  C  C   . GLU A 1 70  ? -12.371 10.817  -3.533  1.00 28.79 ? 67  GLU A C   1 
ATOM   526  O  O   . GLU A 1 70  ? -12.345 10.430  -2.398  1.00 28.65 ? 67  GLU A O   1 
ATOM   527  C  CB  . GLU A 1 70  ? -13.037 13.242  -3.802  1.00 32.07 ? 67  GLU A CB  1 
ATOM   528  C  CG  . GLU A 1 70  ? -14.087 13.059  -4.900  1.00 37.42 ? 67  GLU A CG  1 
ATOM   529  C  CD  . GLU A 1 70  ? -14.941 14.323  -5.105  1.00 43.82 ? 67  GLU A CD  1 
ATOM   530  O  OE1 . GLU A 1 70  ? -15.431 14.891  -4.089  1.00 44.53 ? 67  GLU A OE1 1 
ATOM   531  O  OE2 . GLU A 1 70  ? -15.097 14.755  -6.281  1.00 48.68 ? 67  GLU A OE2 1 
ATOM   532  N  N   . GLU A 1 71  ? -12.826 10.068  -4.532  1.00 28.39 ? 68  GLU A N   1 
ATOM   533  C  CA  . GLU A 1 71  ? -13.190 8.662   -4.332  1.00 28.63 ? 68  GLU A CA  1 
ATOM   534  C  C   . GLU A 1 71  ? -12.025 7.872   -3.689  1.00 27.81 ? 68  GLU A C   1 
ATOM   535  O  O   . GLU A 1 71  ? -12.216 7.198   -2.679  1.00 26.78 ? 68  GLU A O   1 
ATOM   536  C  CB  . GLU A 1 71  ? -13.620 8.010   -5.644  1.00 29.29 ? 68  GLU A CB  1 
ATOM   537  C  CG  . GLU A 1 71  ? -13.871 6.503   -5.529  1.00 32.56 ? 68  GLU A CG  1 
ATOM   538  C  CD  . GLU A 1 71  ? -14.563 5.919   -6.734  1.00 36.72 ? 68  GLU A CD  1 
ATOM   539  O  OE1 . GLU A 1 71  ? -15.669 6.441   -7.082  1.00 43.28 ? 68  GLU A OE1 1 
ATOM   540  O  OE2 . GLU A 1 71  ? -14.046 4.932   -7.319  1.00 36.13 ? 68  GLU A OE2 1 
ATOM   541  N  N   . GLU A 1 72  ? -10.815 8.027   -4.232  1.00 27.32 ? 69  GLU A N   1 
ATOM   542  C  CA  . GLU A 1 72  ? -9.632  7.346   -3.699  1.00 26.61 ? 69  GLU A CA  1 
ATOM   543  C  C   . GLU A 1 72  ? -9.289  7.795   -2.307  1.00 26.70 ? 69  GLU A C   1 
ATOM   544  O  O   . GLU A 1 72  ? -8.874  6.986   -1.491  1.00 26.78 ? 69  GLU A O   1 
ATOM   545  C  CB  . GLU A 1 72  ? -8.425  7.531   -4.620  1.00 25.71 ? 69  GLU A CB  1 
ATOM   546  C  CG  . GLU A 1 72  ? -8.579  6.816   -5.941  1.00 25.68 ? 69  GLU A CG  1 
ATOM   547  C  CD  . GLU A 1 72  ? -7.524  7.202   -6.960  1.00 25.56 ? 69  GLU A CD  1 
ATOM   548  O  OE1 . GLU A 1 72  ? -6.974  8.306   -6.846  1.00 23.94 ? 69  GLU A OE1 1 
ATOM   549  O  OE2 . GLU A 1 72  ? -7.245  6.403   -7.865  1.00 25.91 ? 69  GLU A OE2 1 
ATOM   550  N  N   . GLU A 1 73  ? -9.460  9.076   -2.005  1.00 26.99 ? 70  GLU A N   1 
ATOM   551  C  CA  . GLU A 1 73  ? -9.185  9.565   -0.645  1.00 27.63 ? 70  GLU A CA  1 
ATOM   552  C  C   . GLU A 1 73  ? -10.213 9.029   0.374   1.00 26.85 ? 70  GLU A C   1 
ATOM   553  O  O   . GLU A 1 73  ? -9.886  8.813   1.528   1.00 27.72 ? 70  GLU A O   1 
ATOM   554  C  CB  . GLU A 1 73  ? -9.137  11.112  -0.598  1.00 28.77 ? 70  GLU A CB  1 
ATOM   555  C  CG  . GLU A 1 73  ? -7.843  11.668  -1.195  1.00 31.22 ? 70  GLU A CG  1 
ATOM   556  C  CD  . GLU A 1 73  ? -7.560  13.118  -0.833  1.00 34.34 ? 70  GLU A CD  1 
ATOM   557  O  OE1 . GLU A 1 73  ? -8.354  13.718  -0.109  1.00 38.03 ? 70  GLU A OE1 1 
ATOM   558  O  OE2 . GLU A 1 73  ? -6.524  13.655  -1.271  1.00 35.64 ? 70  GLU A OE2 1 
ATOM   559  N  N   . ALA A 1 74  ? -11.428 8.772   -0.073  1.00 26.32 ? 71  ALA A N   1 
ATOM   560  C  CA  . ALA A 1 74  ? -12.452 8.171   0.793   1.00 26.40 ? 71  ALA A CA  1 
ATOM   561  C  C   . ALA A 1 74  ? -12.103 6.700   1.098   1.00 26.00 ? 71  ALA A C   1 
ATOM   562  O  O   . ALA A 1 74  ? -12.206 6.239   2.264   1.00 24.94 ? 71  ALA A O   1 
ATOM   563  C  CB  . ALA A 1 74  ? -13.807 8.300   0.148   1.00 26.29 ? 71  ALA A CB  1 
ATOM   564  N  N   . VAL A 1 75  ? -11.563 5.994   0.093   1.00 25.93 ? 72  VAL A N   1 
ATOM   565  C  CA  . VAL A 1 75  ? -11.038 4.640   0.339   1.00 25.19 ? 72  VAL A CA  1 
ATOM   566  C  C   . VAL A 1 75  ? -9.972  4.638   1.418   1.00 25.33 ? 72  VAL A C   1 
ATOM   567  O  O   . VAL A 1 75  ? -10.020 3.792   2.330   1.00 25.45 ? 72  VAL A O   1 
ATOM   568  C  CB  . VAL A 1 75  ? -10.522 3.963   -0.949  1.00 25.12 ? 72  VAL A CB  1 
ATOM   569  C  CG1 . VAL A 1 75  ? -9.927  2.588   -0.643  1.00 25.81 ? 72  VAL A CG1 1 
ATOM   570  C  CG2 . VAL A 1 75  ? -11.633 3.826   -1.956  1.00 24.93 ? 72  VAL A CG2 1 
ATOM   571  N  N   . LEU A 1 76  ? -9.007  5.564   1.324   1.00 25.62 ? 73  LEU A N   1 
ATOM   572  C  CA  . LEU A 1 76  ? -7.929  5.706   2.322   1.00 25.52 ? 73  LEU A CA  1 
ATOM   573  C  C   . LEU A 1 76  ? -8.461  6.036   3.710   1.00 25.72 ? 73  LEU A C   1 
ATOM   574  O  O   . LEU A 1 76  ? -8.061  5.459   4.733   1.00 26.30 ? 73  LEU A O   1 
ATOM   575  C  CB  . LEU A 1 76  ? -6.972  6.874   1.936   1.00 26.14 ? 73  LEU A CB  1 
ATOM   576  C  CG  . LEU A 1 76  ? -5.797  6.703   0.994   1.00 26.18 ? 73  LEU A CG  1 
ATOM   577  C  CD1 . LEU A 1 76  ? -4.999  8.009   0.972   1.00 28.20 ? 73  LEU A CD1 1 
ATOM   578  C  CD2 . LEU A 1 76  ? -4.940  5.542   1.363   1.00 24.52 ? 73  LEU A CD2 1 
ATOM   579  N  N   . ARG A 1 77  ? -9.356  7.001   3.759   1.00 26.77 ? 74  ARG A N   1 
ATOM   580  C  CA  . ARG A 1 77  ? -9.952  7.382   5.055   1.00 27.55 ? 74  ARG A CA  1 
ATOM   581  C  C   . ARG A 1 77  ? -10.600 6.172   5.730   1.00 26.52 ? 74  ARG A C   1 
ATOM   582  O  O   . ARG A 1 77  ? -10.332 5.871   6.893   1.00 26.09 ? 74  ARG A O   1 
ATOM   583  C  CB  . ARG A 1 77  ? -10.982 8.479   4.878   1.00 27.85 ? 74  ARG A CB  1 
ATOM   584  C  CG  . ARG A 1 77  ? -12.012 8.427   6.043   1.00 31.89 ? 74  ARG A CG  1 
ATOM   585  C  CD  . ARG A 1 77  ? -12.978 9.512   6.070   1.00 34.30 ? 74  ARG A CD  1 
ATOM   586  N  NE  . ARG A 1 77  ? -13.711 9.698   4.828   1.00 35.22 ? 74  ARG A NE  1 
ATOM   587  C  CZ  . ARG A 1 77  ? -14.701 8.903   4.426   1.00 36.07 ? 74  ARG A CZ  1 
ATOM   588  N  NH1 . ARG A 1 77  ? -15.114 7.844   5.180   1.00 32.16 ? 74  ARG A NH1 1 
ATOM   589  N  NH2 . ARG A 1 77  ? -15.316 9.212   3.281   1.00 36.02 ? 74  ARG A NH2 1 
ATOM   590  N  N   . ARG A 1 78  ? -11.408 5.437   4.964   1.00 27.13 ? 75  ARG A N   1 
ATOM   591  C  CA  . ARG A 1 78  ? -12.054 4.202   5.452   1.00 26.43 ? 75  ARG A CA  1 
ATOM   592  C  C   . ARG A 1 78  ? -11.036 3.162   5.838   1.00 27.35 ? 75  ARG A C   1 
ATOM   593  O  O   . ARG A 1 78  ? -11.236 2.363   6.781   1.00 26.35 ? 75  ARG A O   1 
ATOM   594  C  CB  . ARG A 1 78  ? -13.006 3.606   4.383   1.00 25.84 ? 75  ARG A CB  1 
ATOM   595  C  CG  . ARG A 1 78  ? -14.319 4.384   4.148   1.00 26.09 ? 75  ARG A CG  1 
ATOM   596  C  CD  . ARG A 1 78  ? -15.544 3.495   3.616   1.00 28.52 ? 75  ARG A CD  1 
ATOM   597  N  NE  . ARG A 1 78  ? -15.944 2.555   4.656   1.00 27.38 ? 75  ARG A NE  1 
ATOM   598  C  CZ  . ARG A 1 78  ? -16.709 2.902   5.690   1.00 30.35 ? 75  ARG A CZ  1 
ATOM   599  N  NH1 . ARG A 1 78  ? -17.210 4.151   5.782   1.00 29.98 ? 75  ARG A NH1 1 
ATOM   600  N  NH2 . ARG A 1 78  ? -17.029 1.993   6.622   1.00 27.99 ? 75  ARG A NH2 1 
ATOM   601  N  N   . GLY A 1 79  ? -9.946  3.120   5.074   1.00 27.67 ? 76  GLY A N   1 
ATOM   602  C  CA  . GLY A 1 79  ? -8.990  2.071   5.221   1.00 28.79 ? 76  GLY A CA  1 
ATOM   603  C  C   . GLY A 1 79  ? -8.168  2.099   6.497   1.00 30.00 ? 76  GLY A C   1 
ATOM   604  O  O   . GLY A 1 79  ? -7.552  1.118   6.883   1.00 30.60 ? 76  GLY A O   1 
ATOM   605  N  N   . ARG A 1 80  ? -8.088  3.214   7.137   1.00 31.60 ? 77  ARG A N   1 
ATOM   606  C  CA  . ARG A 1 80  ? -7.391  3.226   8.398   1.00 35.62 ? 77  ARG A CA  1 
ATOM   607  C  C   . ARG A 1 80  ? -7.880  2.125   9.341   1.00 36.88 ? 77  ARG A C   1 
ATOM   608  O  O   . ARG A 1 80  ? -7.152  1.619   10.200  1.00 35.47 ? 77  ARG A O   1 
ATOM   609  C  CB  . ARG A 1 80  ? -7.607  4.600   9.060   1.00 35.71 ? 77  ARG A CB  1 
ATOM   610  C  CG  . ARG A 1 80  ? -7.055  5.711   8.162   1.00 40.08 ? 77  ARG A CG  1 
ATOM   611  C  CD  . ARG A 1 80  ? -6.829  6.989   8.924   1.00 45.50 ? 77  ARG A CD  1 
ATOM   612  N  NE  . ARG A 1 80  ? -7.492  6.876   10.218  1.00 47.51 ? 77  ARG A NE  1 
ATOM   613  C  CZ  . ARG A 1 80  ? -6.976  7.189   11.403  1.00 51.14 ? 77  ARG A CZ  1 
ATOM   614  N  NH1 . ARG A 1 80  ? -5.739  7.686   11.526  1.00 50.12 ? 77  ARG A NH1 1 
ATOM   615  N  NH2 . ARG A 1 80  ? -7.728  6.995   12.496  1.00 52.26 ? 77  ARG A NH2 1 
ATOM   616  N  N   . ASN A 1 81  ? -9.118  1.709   9.116   1.00 39.00 ? 78  ASN A N   1 
ATOM   617  C  CA  . ASN A 1 81  ? -10.007 1.683   10.206  1.00 40.11 ? 78  ASN A CA  1 
ATOM   618  C  C   . ASN A 1 81  ? -10.689 0.522   10.707  1.00 40.33 ? 78  ASN A C   1 
ATOM   619  O  O   . ASN A 1 81  ? -11.601 0.066   10.041  1.00 41.93 ? 78  ASN A O   1 
ATOM   620  C  CB  . ASN A 1 81  ? -11.139 2.644   9.866   1.00 40.57 ? 78  ASN A CB  1 
ATOM   621  C  CG  . ASN A 1 81  ? -10.921 3.907   10.441  1.00 40.45 ? 78  ASN A CG  1 
ATOM   622  O  OD1 . ASN A 1 81  ? -11.099 4.027   11.612  1.00 47.87 ? 78  ASN A OD1 1 
ATOM   623  N  ND2 . ASN A 1 81  ? -10.422 4.871   9.660   1.00 47.05 ? 78  ASN A ND2 1 
ATOM   624  N  N   . ALA A 1 82  ? -10.388 0.228   11.977  1.00 40.01 ? 79  ALA A N   1 
ATOM   625  C  CA  . ALA A 1 82  ? -11.161 -0.625  12.837  1.00 39.33 ? 79  ALA A CA  1 
ATOM   626  C  C   . ALA A 1 82  ? -10.487 -2.002  13.128  1.00 40.49 ? 79  ALA A C   1 
ATOM   627  O  O   . ALA A 1 82  ? -11.154 -2.938  13.541  1.00 36.58 ? 79  ALA A O   1 
ATOM   628  C  CB  . ALA A 1 82  ? -12.462 -0.801  12.248  1.00 39.27 ? 79  ALA A CB  1 
ATOM   629  N  N   . ASN A 1 83  ? -9.135  -1.947  13.089  1.00 43.17 ? 80  ASN A N   1 
ATOM   630  C  CA  . ASN A 1 83  ? -8.159  -2.809  12.388  1.00 45.04 ? 80  ASN A CA  1 
ATOM   631  C  C   . ASN A 1 83  ? -8.128  -4.323  12.369  1.00 45.75 ? 80  ASN A C   1 
ATOM   632  O  O   . ASN A 1 83  ? -7.205  -4.871  11.800  1.00 46.42 ? 80  ASN A O   1 
ATOM   633  C  CB  . ASN A 1 83  ? -6.722  -2.363  12.737  1.00 45.30 ? 80  ASN A CB  1 
ATOM   634  C  CG  . ASN A 1 83  ? -6.403  -0.955  12.218  1.00 44.86 ? 80  ASN A CG  1 
ATOM   635  O  OD1 . ASN A 1 83  ? -5.802  -0.745  11.087  1.00 42.80 ? 80  ASN A OD1 1 
ATOM   636  N  ND2 . ASN A 1 83  ? -6.735  0.020   13.048  1.00 40.66 ? 80  ASN A ND2 1 
ATOM   637  N  N   . SER A 1 84  ? -9.179  -4.952  12.854  1.00 45.43 ? 81  SER A N   1 
ATOM   638  C  CA  . SER A 1 84  ? -9.130  -6.185  13.666  1.00 44.31 ? 81  SER A CA  1 
ATOM   639  C  C   . SER A 1 84  ? -8.915  -5.845  15.128  1.00 42.72 ? 81  SER A C   1 
ATOM   640  O  O   . SER A 1 84  ? -9.041  -6.712  15.991  1.00 43.26 ? 81  SER A O   1 
ATOM   641  C  CB  . SER A 1 84  ? -8.164  -7.239  13.179  1.00 44.74 ? 81  SER A CB  1 
ATOM   642  O  OG  . SER A 1 84  ? -8.908  -8.399  12.827  1.00 44.89 ? 81  SER A OG  1 
ATOM   643  N  N   . GLY A 1 85  ? -8.633  -4.582  15.416  1.00 40.83 ? 82  GLY A N   1 
ATOM   644  C  CA  . GLY A 1 85  ? -8.629  -4.110  16.781  1.00 40.34 ? 82  GLY A CA  1 
ATOM   645  C  C   . GLY A 1 85  ? -7.309  -4.202  17.535  1.00 39.35 ? 82  GLY A C   1 
ATOM   646  O  O   . GLY A 1 85  ? -7.132  -3.437  18.475  1.00 38.85 ? 82  GLY A O   1 
ATOM   647  N  N   . THR A 1 86  ? -6.402  -5.112  17.153  1.00 38.04 ? 83  THR A N   1 
ATOM   648  C  CA  . THR A 1 86  ? -5.046  -5.092  17.703  1.00 37.00 ? 83  THR A CA  1 
ATOM   649  C  C   . THR A 1 86  ? -4.098  -4.424  16.725  1.00 36.52 ? 83  THR A C   1 
ATOM   650  O  O   . THR A 1 86  ? -4.354  -4.363  15.524  1.00 37.68 ? 83  THR A O   1 
ATOM   651  C  CB  . THR A 1 86  ? -4.527  -6.526  18.080  1.00 36.80 ? 83  THR A CB  1 
ATOM   652  O  OG1 . THR A 1 86  ? -4.340  -7.317  16.907  1.00 35.07 ? 83  THR A OG1 1 
ATOM   653  C  CG2 . THR A 1 86  ? -5.546  -7.305  18.918  1.00 36.48 ? 83  THR A CG2 1 
ATOM   654  N  N   . VAL A 1 87  ? -3.017  -3.899  17.262  1.00 35.87 ? 84  VAL A N   1 
ATOM   655  C  CA  . VAL A 1 87  ? -1.928  -3.311  16.493  1.00 35.68 ? 84  VAL A CA  1 
ATOM   656  C  C   . VAL A 1 87  ? -0.686  -4.223  16.668  1.00 34.98 ? 84  VAL A C   1 
ATOM   657  O  O   . VAL A 1 87  ? -0.433  -4.667  17.772  1.00 34.17 ? 84  VAL A O   1 
ATOM   658  C  CB  . VAL A 1 87  ? -1.598  -1.925  17.072  1.00 35.04 ? 84  VAL A CB  1 
ATOM   659  C  CG1 . VAL A 1 87  ? -0.357  -1.305  16.437  1.00 35.58 ? 84  VAL A CG1 1 
ATOM   660  C  CG2 . VAL A 1 87  ? -2.796  -0.980  16.904  1.00 38.12 ? 84  VAL A CG2 1 
ATOM   661  N  N   . PRO A 1 88  ? 0.110   -4.455  15.622  1.00 34.89 ? 85  PRO A N   1 
ATOM   662  C  CA  . PRO A 1 88  ? 1.376   -5.194  15.791  1.00 35.30 ? 85  PRO A CA  1 
ATOM   663  C  C   . PRO A 1 88  ? 2.236   -4.531  16.866  1.00 36.00 ? 85  PRO A C   1 
ATOM   664  O  O   . PRO A 1 88  ? 2.231   -3.285  16.982  1.00 36.55 ? 85  PRO A O   1 
ATOM   665  C  CB  . PRO A 1 88  ? 2.036   -5.090  14.417  1.00 35.10 ? 85  PRO A CB  1 
ATOM   666  C  CG  . PRO A 1 88  ? 0.869   -4.940  13.471  1.00 35.12 ? 85  PRO A CG  1 
ATOM   667  C  CD  . PRO A 1 88  ? -0.096  -4.046  14.223  1.00 34.69 ? 85  PRO A CD  1 
ATOM   668  N  N   . LYS A 1 89  ? 2.920   -5.336  17.678  1.00 35.87 ? 86  LYS A N   1 
ATOM   669  C  CA  . LYS A 1 89  ? 3.675   -4.816  18.819  1.00 36.37 ? 86  LYS A CA  1 
ATOM   670  C  C   . LYS A 1 89  ? 4.705   -3.773  18.393  1.00 35.23 ? 86  LYS A C   1 
ATOM   671  O  O   . LYS A 1 89  ? 5.232   -3.828  17.282  1.00 34.36 ? 86  LYS A O   1 
ATOM   672  C  CB  . LYS A 1 89  ? 4.382   -5.943  19.609  1.00 37.20 ? 86  LYS A CB  1 
ATOM   673  C  CG  . LYS A 1 89  ? 5.368   -6.810  18.792  1.00 40.44 ? 86  LYS A CG  1 
ATOM   674  C  CD  . LYS A 1 89  ? 6.080   -7.864  19.696  1.00 45.57 ? 86  LYS A CD  1 
ATOM   675  C  CE  . LYS A 1 89  ? 6.440   -9.149  18.934  1.00 49.33 ? 86  LYS A CE  1 
ATOM   676  N  NZ  . LYS A 1 89  ? 6.653   -10.341 19.859  1.00 52.02 ? 86  LYS A NZ  1 
ATOM   677  N  N   . ASN A 1 90  ? 4.990   -2.847  19.305  1.00 34.98 ? 87  ASN A N   1 
ATOM   678  C  CA  . ASN A 1 90  ? 5.983   -1.793  19.077  1.00 35.49 ? 87  ASN A CA  1 
ATOM   679  C  C   . ASN A 1 90  ? 5.779   -1.031  17.744  1.00 34.01 ? 87  ASN A C   1 
ATOM   680  O  O   . ASN A 1 90  ? 6.724   -0.537  17.153  1.00 34.30 ? 87  ASN A O   1 
ATOM   681  C  CB  . ASN A 1 90  ? 7.398   -2.398  19.143  1.00 36.15 ? 87  ASN A CB  1 
ATOM   682  C  CG  . ASN A 1 90  ? 7.625   -3.235  20.416  1.00 38.35 ? 87  ASN A CG  1 
ATOM   683  O  OD1 . ASN A 1 90  ? 7.194   -2.869  21.520  1.00 40.46 ? 87  ASN A OD1 1 
ATOM   684  N  ND2 . ASN A 1 90  ? 8.299   -4.365  20.256  1.00 41.11 ? 87  ASN A ND2 1 
ATOM   685  N  N   . THR A 1 91  ? 4.535   -0.954  17.284  1.00 32.35 ? 88  THR A N   1 
ATOM   686  C  CA  . THR A 1 91  ? 4.209   -0.245  16.051  1.00 31.42 ? 88  THR A CA  1 
ATOM   687  C  C   . THR A 1 91  ? 3.336   0.938   16.408  1.00 28.66 ? 88  THR A C   1 
ATOM   688  O  O   . THR A 1 91  ? 2.344   0.819   17.124  1.00 28.10 ? 88  THR A O   1 
ATOM   689  C  CB  . THR A 1 91  ? 3.486   -1.161  15.063  1.00 31.46 ? 88  THR A CB  1 
ATOM   690  O  OG1 . THR A 1 91  ? 4.337   -2.257  14.698  1.00 32.93 ? 88  THR A OG1 1 
ATOM   691  C  CG2 . THR A 1 91  ? 3.226   -0.431  13.722  1.00 33.52 ? 88  THR A CG2 1 
ATOM   692  N  N   . ASP A 1 92  ? 3.721   2.100   15.928  1.00 27.43 ? 89  ASP A N   1 
ATOM   693  C  CA  . ASP A 1 92  ? 2.943   3.307   16.190  1.00 25.59 ? 89  ASP A CA  1 
ATOM   694  C  C   . ASP A 1 92  ? 1.553   3.196   15.534  1.00 24.19 ? 89  ASP A C   1 
ATOM   695  O  O   . ASP A 1 92  ? 1.458   2.852   14.363  1.00 23.19 ? 89  ASP A O   1 
ATOM   696  C  CB  . ASP A 1 92  ? 3.714   4.516   15.690  1.00 26.30 ? 89  ASP A CB  1 
ATOM   697  C  CG  . ASP A 1 92  ? 2.882   5.776   15.717  1.00 27.61 ? 89  ASP A CG  1 
ATOM   698  O  OD1 . ASP A 1 92  ? 2.629   6.299   16.817  1.00 29.43 ? 89  ASP A OD1 1 
ATOM   699  O  OD2 . ASP A 1 92  ? 2.375   6.257   14.684  1.00 31.00 ? 89  ASP A OD2 1 
ATOM   700  N  N   . VAL A 1 93  ? 0.480   3.508   16.274  1.00 22.72 ? 90  VAL A N   1 
ATOM   701  C  CA  . VAL A 1 93  ? -0.878  3.204   15.808  1.00 22.99 ? 90  VAL A CA  1 
ATOM   702  C  C   . VAL A 1 93  ? -1.247  3.996   14.523  1.00 22.27 ? 90  VAL A C   1 
ATOM   703  O  O   . VAL A 1 93  ? -1.767  3.436   13.552  1.00 21.00 ? 90  VAL A O   1 
ATOM   704  C  CB  . VAL A 1 93  ? -1.945  3.453   16.913  1.00 23.07 ? 90  VAL A CB  1 
ATOM   705  C  CG1 . VAL A 1 93  ? -3.369  3.367   16.370  1.00 23.62 ? 90  VAL A CG1 1 
ATOM   706  C  CG2 . VAL A 1 93  ? -1.805  2.434   18.013  1.00 27.23 ? 90  VAL A CG2 1 
ATOM   707  N  N   . GLN A 1 94  ? -0.974  5.296   14.543  1.00 21.77 ? 91  GLN A N   1 
ATOM   708  C  CA  . GLN A 1 94  ? -1.234  6.150   13.377  1.00 22.17 ? 91  GLN A CA  1 
ATOM   709  C  C   . GLN A 1 94  ? -0.451  5.701   12.143  1.00 19.62 ? 91  GLN A C   1 
ATOM   710  O  O   . GLN A 1 94  ? -0.992  5.661   11.061  1.00 18.03 ? 91  GLN A O   1 
ATOM   711  C  CB  . GLN A 1 94  ? -0.927  7.614   13.701  1.00 23.34 ? 91  GLN A CB  1 
ATOM   712  C  CG  . GLN A 1 94  ? -2.032  8.202   14.590  1.00 27.28 ? 91  GLN A CG  1 
ATOM   713  C  CD  . GLN A 1 94  ? -3.400  8.019   13.933  1.00 34.09 ? 91  GLN A CD  1 
ATOM   714  O  OE1 . GLN A 1 94  ? -3.606  8.459   12.794  1.00 37.15 ? 91  GLN A OE1 1 
ATOM   715  N  NE2 . GLN A 1 94  ? -4.321  7.340   14.621  1.00 39.39 ? 91  GLN A NE2 1 
ATOM   716  N  N   . THR A 1 95  ? 0.812   5.366   12.324  1.00 18.35 ? 92  THR A N   1 
ATOM   717  C  CA  . THR A 1 95  ? 1.604   4.834   11.228  1.00 18.56 ? 92  THR A CA  1 
ATOM   718  C  C   . THR A 1 95  ? 0.904   3.597   10.667  1.00 17.41 ? 92  THR A C   1 
ATOM   719  O  O   . THR A 1 95  ? 0.733   3.468   9.456   1.00 16.03 ? 92  THR A O   1 
ATOM   720  C  CB  . THR A 1 95  ? 3.006   4.524   11.715  1.00 18.58 ? 92  THR A CB  1 
ATOM   721  O  OG1 . THR A 1 95  ? 3.669   5.730   12.115  1.00 20.61 ? 92  THR A OG1 1 
ATOM   722  C  CG2 . THR A 1 95  ? 3.859   3.990   10.622  1.00 19.76 ? 92  THR A CG2 1 
ATOM   723  N  N   . TYR A 1 96  ? 0.469   2.700   11.558  1.00 17.75 ? 93  TYR A N   1 
ATOM   724  C  CA  . TYR A 1 96  ? -0.189  1.445   11.147  1.00 17.30 ? 93  TYR A CA  1 
ATOM   725  C  C   . TYR A 1 96  ? -1.502  1.708   10.378  1.00 17.24 ? 93  TYR A C   1 
ATOM   726  O  O   . TYR A 1 96  ? -1.799  1.055   9.366   1.00 16.51 ? 93  TYR A O   1 
ATOM   727  C  CB  . TYR A 1 96  ? -0.455  0.595   12.384  1.00 18.11 ? 93  TYR A CB  1 
ATOM   728  C  CG  . TYR A 1 96  ? -1.074  -0.746  12.083  1.00 20.14 ? 93  TYR A CG  1 
ATOM   729  C  CD1 . TYR A 1 96  ? -0.405  -1.678  11.289  1.00 21.86 ? 93  TYR A CD1 1 
ATOM   730  C  CD2 . TYR A 1 96  ? -2.328  -1.077  12.581  1.00 22.25 ? 93  TYR A CD2 1 
ATOM   731  C  CE1 . TYR A 1 96  ? -0.969  -2.913  10.992  1.00 22.30 ? 93  TYR A CE1 1 
ATOM   732  C  CE2 . TYR A 1 96  ? -2.913  -2.317  12.289  1.00 25.54 ? 93  TYR A CE2 1 
ATOM   733  C  CZ  . TYR A 1 96  ? -2.224  -3.208  11.493  1.00 25.04 ? 93  TYR A CZ  1 
ATOM   734  O  OH  . TYR A 1 96  ? -2.779  -4.404  11.193  1.00 32.27 ? 93  TYR A OH  1 
ATOM   735  N  N   . ARG A 1 97  ? -2.296  2.661   10.852  1.00 16.88 ? 94  ARG A N   1 
ATOM   736  C  CA  . ARG A 1 97  ? -3.535  3.018   10.163  1.00 18.28 ? 94  ARG A CA  1 
ATOM   737  C  C   . ARG A 1 97  ? -3.320  3.565   8.765   1.00 16.83 ? 94  ARG A C   1 
ATOM   738  O  O   . ARG A 1 97  ? -4.040  3.205   7.863   1.00 16.60 ? 94  ARG A O   1 
ATOM   739  C  CB  . ARG A 1 97  ? -4.345  4.045   10.996  1.00 20.35 ? 94  ARG A CB  1 
ATOM   740  C  CG  . ARG A 1 97  ? -4.685  3.454   12.355  1.00 26.37 ? 94  ARG A CG  1 
ATOM   741  C  CD  . ARG A 1 97  ? -6.035  3.737   12.901  1.00 35.81 ? 94  ARG A CD  1 
ATOM   742  N  NE  . ARG A 1 97  ? -6.362  2.759   13.946  1.00 42.24 ? 94  ARG A NE  1 
ATOM   743  C  CZ  . ARG A 1 97  ? -7.490  2.777   14.661  1.00 50.00 ? 94  ARG A CZ  1 
ATOM   744  N  NH1 . ARG A 1 97  ? -8.412  3.723   14.464  1.00 50.32 ? 94  ARG A NH1 1 
ATOM   745  N  NH2 . ARG A 1 97  ? -7.686  1.845   15.598  1.00 53.64 ? 94  ARG A NH2 1 
ATOM   746  N  N   . HIS A 1 98  ? -2.360  4.454   8.594   1.00 16.16 ? 95  HIS A N   1 
ATOM   747  C  CA  . HIS A 1 98  ? -2.039  4.955   7.256   1.00 17.15 ? 95  HIS A CA  1 
ATOM   748  C  C   . HIS A 1 98  ? -1.477  3.851   6.345   1.00 16.60 ? 95  HIS A C   1 
ATOM   749  O  O   . HIS A 1 98  ? -1.822  3.784   5.162   1.00 16.09 ? 95  HIS A O   1 
ATOM   750  C  CB  . HIS A 1 98  ? -1.118  6.191   7.323   1.00 17.26 ? 95  HIS A CB  1 
ATOM   751  C  CG  . HIS A 1 98  ? -1.792  7.388   7.902   1.00 20.28 ? 95  HIS A CG  1 
ATOM   752  N  ND1 . HIS A 1 98  ? -2.631  8.203   7.164   1.00 26.33 ? 95  HIS A ND1 1 
ATOM   753  C  CD2 . HIS A 1 98  ? -1.819  7.873   9.164   1.00 25.33 ? 95  HIS A CD2 1 
ATOM   754  C  CE1 . HIS A 1 98  ? -3.112  9.158   7.939   1.00 24.31 ? 95  HIS A CE1 1 
ATOM   755  N  NE2 . HIS A 1 98  ? -2.643  8.977   9.161   1.00 27.37 ? 95  HIS A NE2 1 
ATOM   756  N  N   . SER A 1 99  ? -0.686  2.945   6.913   1.00 16.18 ? 96  SER A N   1 
ATOM   757  C  CA  . SER A 1 99  ? -0.193  1.771   6.168   1.00 16.22 ? 96  SER A CA  1 
ATOM   758  C  C   . SER A 1 99  ? -1.345  0.896   5.655   1.00 16.75 ? 96  SER A C   1 
ATOM   759  O  O   . SER A 1 99  ? -1.443  0.565   4.484   1.00 16.17 ? 96  SER A O   1 
ATOM   760  C  CB  . SER A 1 99  ? 0.700   0.923   7.075   1.00 16.32 ? 96  SER A CB  1 
ATOM   761  O  OG  . SER A 1 99  ? 1.163   -0.176  6.339   1.00 18.32 ? 96  SER A OG  1 
ATOM   762  N  N   . THR A 1 100 ? -2.232  0.520   6.565   1.00 16.79 ? 97  THR A N   1 
ATOM   763  C  CA  . THR A 1 100 ? -3.412  -0.287  6.253   1.00 17.36 ? 97  THR A CA  1 
ATOM   764  C  C   . THR A 1 100 ? -4.294  0.408   5.232   1.00 16.86 ? 97  THR A C   1 
ATOM   765  O  O   . THR A 1 100 ? -4.863  -0.195  4.310   1.00 15.56 ? 97  THR A O   1 
ATOM   766  C  CB  . THR A 1 100 ? -4.190  -0.507  7.604   1.00 18.55 ? 97  THR A CB  1 
ATOM   767  O  OG1 . THR A 1 100 ? -3.477  -1.522  8.329   1.00 22.00 ? 97  THR A OG1 1 
ATOM   768  C  CG2 . THR A 1 100 ? -5.503  -1.071  7.300   1.00 23.43 ? 97  THR A CG2 1 
ATOM   769  N  N   . ALA A 1 101 ? -4.393  1.715   5.366   1.00 16.59 ? 98  ALA A N   1 
ATOM   770  C  CA  . ALA A 1 101 ? -5.149  2.487   4.398   1.00 16.97 ? 98  ALA A CA  1 
ATOM   771  C  C   . ALA A 1 101 ? -4.570  2.380   2.967   1.00 15.98 ? 98  ALA A C   1 
ATOM   772  O  O   . ALA A 1 101 ? -5.325  2.255   1.976   1.00 15.07 ? 98  ALA A O   1 
ATOM   773  C  CB  . ALA A 1 101 ? -5.245  3.954   4.837   1.00 17.32 ? 98  ALA A CB  1 
ATOM   774  N  N   . PHE A 1 102 ? -3.247  2.462   2.845   1.00 15.93 ? 99  PHE A N   1 
ATOM   775  C  CA  . PHE A 1 102 ? -2.600  2.303   1.557   1.00 16.14 ? 99  PHE A CA  1 
ATOM   776  C  C   . PHE A 1 102 ? -3.001  0.951   0.937   1.00 15.83 ? 99  PHE A C   1 
ATOM   777  O  O   . PHE A 1 102 ? -3.369  0.863   -0.227  1.00 15.84 ? 99  PHE A O   1 
ATOM   778  C  CB  . PHE A 1 102 ? -1.069  2.362   1.726   1.00 16.88 ? 99  PHE A CB  1 
ATOM   779  C  CG  . PHE A 1 102 ? -0.319  2.198   0.455   1.00 15.76 ? 99  PHE A CG  1 
ATOM   780  C  CD1 . PHE A 1 102 ? -0.419  3.138   -0.543  1.00 19.14 ? 99  PHE A CD1 1 
ATOM   781  C  CD2 . PHE A 1 102 ? 0.459   1.070   0.233   1.00 16.48 ? 99  PHE A CD2 1 
ATOM   782  C  CE1 . PHE A 1 102 ? 0.273   2.993   -1.740  1.00 16.41 ? 99  PHE A CE1 1 
ATOM   783  C  CE2 . PHE A 1 102 ? 1.135   0.895   -0.979  1.00 16.53 ? 99  PHE A CE2 1 
ATOM   784  C  CZ  . PHE A 1 102 ? 1.042   1.864   -1.961  1.00 17.68 ? 99  PHE A CZ  1 
ATOM   785  N  N   . GLU A 1 103 ? -2.958  -0.085  1.752   1.00 15.39 ? 100 GLU A N   1 
ATOM   786  C  CA  . GLU A 1 103 ? -3.284  -1.433  1.293   1.00 16.07 ? 100 GLU A CA  1 
ATOM   787  C  C   . GLU A 1 103 ? -4.730  -1.527  0.824   1.00 16.35 ? 100 GLU A C   1 
ATOM   788  O  O   . GLU A 1 103 ? -4.995  -2.181  -0.189  1.00 16.21 ? 100 GLU A O   1 
ATOM   789  C  CB  . GLU A 1 103 ? -3.022  -2.440  2.367   1.00 15.87 ? 100 GLU A CB  1 
ATOM   790  C  CG  . GLU A 1 103 ? -1.548  -2.659  2.590   1.00 16.88 ? 100 GLU A CG  1 
ATOM   791  C  CD  . GLU A 1 103 ? -1.232  -3.358  3.906   1.00 18.52 ? 100 GLU A CD  1 
ATOM   792  O  OE1 . GLU A 1 103 ? -2.163  -3.592  4.728   1.00 17.65 ? 100 GLU A OE1 1 
ATOM   793  O  OE2 . GLU A 1 103 ? -0.033  -3.606  4.155   1.00 15.41 ? 100 GLU A OE2 1 
ATOM   794  N  N   . ALA A 1 104 ? -5.642  -0.844  1.514   1.00 16.30 ? 101 ALA A N   1 
ATOM   795  C  CA  . ALA A 1 104 ? -7.049  -0.838  1.106   1.00 15.87 ? 101 ALA A CA  1 
ATOM   796  C  C   . ALA A 1 104 ? -7.227  -0.205  -0.274  1.00 15.55 ? 101 ALA A C   1 
ATOM   797  O  O   . ALA A 1 104 ? -7.972  -0.719  -1.095  1.00 15.07 ? 101 ALA A O   1 
ATOM   798  C  CB  . ALA A 1 104 ? -7.925  -0.151  2.152   1.00 16.31 ? 101 ALA A CB  1 
ATOM   799  N  N   . LEU A 1 105 ? -6.509  0.874   -0.545  1.00 15.10 ? 102 LEU A N   1 
ATOM   800  C  CA  . LEU A 1 105 ? -6.595  1.539   -1.816  1.00 15.61 ? 102 LEU A CA  1 
ATOM   801  C  C   . LEU A 1 105 ? -6.075  0.630   -2.943  1.00 15.90 ? 102 LEU A C   1 
ATOM   802  O  O   . LEU A 1 105 ? -6.673  0.546   -3.999  1.00 16.81 ? 102 LEU A O   1 
ATOM   803  C  CB  . LEU A 1 105 ? -5.797  2.851   -1.788  1.00 15.44 ? 102 LEU A CB  1 
ATOM   804  C  CG  . LEU A 1 105 ? -5.705  3.590   -3.112  1.00 17.13 ? 102 LEU A CG  1 
ATOM   805  C  CD1 . LEU A 1 105 ? -7.041  4.070   -3.599  1.00 21.60 ? 102 LEU A CD1 1 
ATOM   806  C  CD2 . LEU A 1 105 ? -4.776  4.787   -2.968  1.00 20.03 ? 102 LEU A CD2 1 
ATOM   807  N  N   . ILE A 1 106 ? -4.943  -0.002  -2.725  1.00 15.68 ? 103 ILE A N   1 
ATOM   808  C  CA  . ILE A 1 106 ? -4.391  -0.931  -3.703  1.00 16.06 ? 103 ILE A CA  1 
ATOM   809  C  C   . ILE A 1 106 ? -5.389  -2.073  -3.949  1.00 15.90 ? 103 ILE A C   1 
ATOM   810  O  O   . ILE A 1 106 ? -5.631  -2.443  -5.083  1.00 16.39 ? 103 ILE A O   1 
ATOM   811  C  CB  . ILE A 1 106 ? -3.057  -1.501  -3.232  1.00 15.78 ? 103 ILE A CB  1 
ATOM   812  C  CG1 . ILE A 1 106 ? -2.034  -0.396  -2.954  1.00 15.89 ? 103 ILE A CG1 1 
ATOM   813  C  CG2 . ILE A 1 106 ? -2.527  -2.518  -4.223  1.00 15.80 ? 103 ILE A CG2 1 
ATOM   814  C  CD1 . ILE A 1 106 ? -1.838  0.557   -4.033  1.00 18.07 ? 103 ILE A CD1 1 
ATOM   815  N  N   . GLY A 1 107 ? -5.975  -2.627  -2.899  1.00 16.13 ? 104 GLY A N   1 
ATOM   816  C  CA  . GLY A 1 107 ? -6.901  -3.752  -3.050  1.00 16.09 ? 104 GLY A CA  1 
ATOM   817  C  C   . GLY A 1 107 ? -8.118  -3.371  -3.853  1.00 16.61 ? 104 GLY A C   1 
ATOM   818  O  O   . GLY A 1 107 ? -8.594  -4.113  -4.705  1.00 16.75 ? 104 GLY A O   1 
ATOM   819  N  N   . TYR A 1 108 ? -8.590  -2.165  -3.578  1.00 16.86 ? 105 TYR A N   1 
ATOM   820  C  CA  . TYR A 1 108 ? -9.769  -1.598  -4.179  1.00 17.78 ? 105 TYR A CA  1 
ATOM   821  C  C   . TYR A 1 108 ? -9.618  -1.543  -5.674  1.00 17.97 ? 105 TYR A C   1 
ATOM   822  O  O   . TYR A 1 108 ? -10.464 -2.045  -6.396  1.00 17.61 ? 105 TYR A O   1 
ATOM   823  C  CB  . TYR A 1 108 ? -9.985  -0.195  -3.595  1.00 17.70 ? 105 TYR A CB  1 
ATOM   824  C  CG  . TYR A 1 108 ? -11.164 0.578   -4.116  1.00 17.51 ? 105 TYR A CG  1 
ATOM   825  C  CD1 . TYR A 1 108 ? -12.440 0.344   -3.629  1.00 18.52 ? 105 TYR A CD1 1 
ATOM   826  C  CD2 . TYR A 1 108 ? -10.984 1.609   -5.055  1.00 19.23 ? 105 TYR A CD2 1 
ATOM   827  C  CE1 . TYR A 1 108 ? -13.547 1.086   -4.083  1.00 21.34 ? 105 TYR A CE1 1 
ATOM   828  C  CE2 . TYR A 1 108 ? -12.070 2.359   -5.520  1.00 22.19 ? 105 TYR A CE2 1 
ATOM   829  C  CZ  . TYR A 1 108 ? -13.361 2.096   -5.021  1.00 21.86 ? 105 TYR A CZ  1 
ATOM   830  O  OH  . TYR A 1 108 ? -14.439 2.837   -5.471  1.00 24.98 ? 105 TYR A OH  1 
ATOM   831  N  N   . HIS A 1 109 ? -8.539  -0.930  -6.141  1.00 18.89 ? 106 HIS A N   1 
ATOM   832  C  CA  . HIS A 1 109 ? -8.274  -0.840  -7.597  1.00 18.79 ? 106 HIS A CA  1 
ATOM   833  C  C   . HIS A 1 109 ? -8.003  -2.193  -8.259  1.00 18.62 ? 106 HIS A C   1 
ATOM   834  O  O   . HIS A 1 109 ? -8.400  -2.435  -9.404  1.00 18.41 ? 106 HIS A O   1 
ATOM   835  C  CB  . HIS A 1 109 ? -7.125  0.154   -7.859  1.00 19.66 ? 106 HIS A CB  1 
ATOM   836  C  CG  . HIS A 1 109 ? -7.569  1.585   -7.903  1.00 18.87 ? 106 HIS A CG  1 
ATOM   837  N  ND1 . HIS A 1 109 ? -8.644  2.003   -8.661  1.00 22.61 ? 106 HIS A ND1 1 
ATOM   838  C  CD2 . HIS A 1 109 ? -7.092  2.693   -7.289  1.00 20.67 ? 106 HIS A CD2 1 
ATOM   839  C  CE1 . HIS A 1 109 ? -8.806  3.308   -8.515  1.00 20.16 ? 106 HIS A CE1 1 
ATOM   840  N  NE2 . HIS A 1 109 ? -7.885  3.749   -7.676  1.00 20.31 ? 106 HIS A NE2 1 
ATOM   841  N  N   . HIS A 1 110 ? -7.307  -3.082  -7.571  1.00 18.16 ? 107 HIS A N   1 
ATOM   842  C  CA  . HIS A 1 110 ? -7.122  -4.428  -8.095  1.00 18.21 ? 107 HIS A CA  1 
ATOM   843  C  C   . HIS A 1 110 ? -8.459  -5.114  -8.336  1.00 18.32 ? 107 HIS A C   1 
ATOM   844  O  O   . HIS A 1 110 ? -8.679  -5.689  -9.384  1.00 17.55 ? 107 HIS A O   1 
ATOM   845  C  CB  . HIS A 1 110 ? -6.320  -5.301  -7.126  1.00 17.87 ? 107 HIS A CB  1 
ATOM   846  C  CG  . HIS A 1 110 ? -6.069  -6.679  -7.640  1.00 18.92 ? 107 HIS A CG  1 
ATOM   847  N  ND1 . HIS A 1 110 ? -5.217  -6.926  -8.692  1.00 16.82 ? 107 HIS A ND1 1 
ATOM   848  C  CD2 . HIS A 1 110 ? -6.548  -7.885  -7.245  1.00 16.40 ? 107 HIS A CD2 1 
ATOM   849  C  CE1 . HIS A 1 110 ? -5.181  -8.228  -8.928  1.00 19.14 ? 107 HIS A CE1 1 
ATOM   850  N  NE2 . HIS A 1 110 ? -5.970  -8.836  -8.058  1.00 19.08 ? 107 HIS A NE2 1 
ATOM   851  N  N   . LEU A 1 111 ? -9.350  -5.076  -7.352  1.00 18.46 ? 108 LEU A N   1 
ATOM   852  C  CA  . LEU A 1 111 ? -10.615 -5.809  -7.458  1.00 18.47 ? 108 LEU A CA  1 
ATOM   853  C  C   . LEU A 1 111 ? -11.565 -5.144  -8.439  1.00 19.50 ? 108 LEU A C   1 
ATOM   854  O  O   . LEU A 1 111 ? -12.425 -5.801  -8.965  1.00 19.45 ? 108 LEU A O   1 
ATOM   855  C  CB  . LEU A 1 111 ? -11.282 -5.939  -6.105  1.00 17.91 ? 108 LEU A CB  1 
ATOM   856  C  CG  . LEU A 1 111 ? -10.548 -6.857  -5.142  1.00 18.32 ? 108 LEU A CG  1 
ATOM   857  C  CD1 . LEU A 1 111 ? -11.186 -6.769  -3.767  1.00 18.00 ? 108 LEU A CD1 1 
ATOM   858  C  CD2 . LEU A 1 111 ? -10.548 -8.284  -5.690  1.00 16.41 ? 108 LEU A CD2 1 
ATOM   859  N  N   . LEU A 1 112 ? -11.393 -3.860  -8.718  1.00 21.07 ? 109 LEU A N   1 
ATOM   860  C  CA  . LEU A 1 112 ? -12.151 -3.224  -9.795  1.00 22.89 ? 109 LEU A CA  1 
ATOM   861  C  C   . LEU A 1 112 ? -11.447 -3.302  -11.161 1.00 24.80 ? 109 LEU A C   1 
ATOM   862  O  O   . LEU A 1 112 ? -11.913 -2.689  -12.120 1.00 24.08 ? 109 LEU A O   1 
ATOM   863  C  CB  . LEU A 1 112 ? -12.436 -1.770  -9.460  1.00 22.96 ? 109 LEU A CB  1 
ATOM   864  C  CG  . LEU A 1 112 ? -13.368 -1.501  -8.279  1.00 22.89 ? 109 LEU A CG  1 
ATOM   865  C  CD1 . LEU A 1 112 ? -13.213 -0.049  -7.861  1.00 23.54 ? 109 LEU A CD1 1 
ATOM   866  C  CD2 . LEU A 1 112 ? -14.793 -1.790  -8.683  1.00 24.89 ? 109 LEU A CD2 1 
ATOM   867  N  N   . ASN A 1 113 ? -10.335 -4.050  -11.250 1.00 26.27 ? 110 ASN A N   1 
ATOM   868  C  CA  . ASN A 1 113 ? -9.578  -4.199  -12.491 1.00 27.58 ? 110 ASN A CA  1 
ATOM   869  C  C   . ASN A 1 113 ? -9.095  -2.869  -13.083 1.00 27.43 ? 110 ASN A C   1 
ATOM   870  O  O   . ASN A 1 113 ? -9.031  -2.740  -14.286 1.00 27.54 ? 110 ASN A O   1 
ATOM   871  C  CB  . ASN A 1 113 ? -10.430 -4.936  -13.555 1.00 28.82 ? 110 ASN A CB  1 
ATOM   872  C  CG  . ASN A 1 113 ? -10.989 -6.289  -13.058 1.00 33.78 ? 110 ASN A CG  1 
ATOM   873  O  OD1 . ASN A 1 113 ? -12.214 -6.542  -13.125 1.00 40.80 ? 110 ASN A OD1 1 
ATOM   874  N  ND2 . ASN A 1 113 ? -10.105 -7.161  -12.571 1.00 36.12 ? 110 ASN A ND2 1 
ATOM   875  N  N   . ASN A 1 114 ? -8.826  -1.861  -12.250 1.00 27.44 ? 111 ASN A N   1 
ATOM   876  C  CA  . ASN A 1 114 ? -8.255  -0.592  -12.700 1.00 27.06 ? 111 ASN A CA  1 
ATOM   877  C  C   . ASN A 1 114 ? -6.720  -0.686  -12.780 1.00 26.72 ? 111 ASN A C   1 
ATOM   878  O  O   . ASN A 1 114 ? -6.011  -0.044  -11.987 1.00 25.65 ? 111 ASN A O   1 
ATOM   879  C  CB  . ASN A 1 114 ? -8.657  0.546   -11.752 1.00 26.91 ? 111 ASN A CB  1 
ATOM   880  C  CG  . ASN A 1 114 ? -10.170 0.816   -11.737 1.00 28.38 ? 111 ASN A CG  1 
ATOM   881  O  OD1 . ASN A 1 114 ? -10.869 0.541   -12.717 1.00 28.06 ? 111 ASN A OD1 1 
ATOM   882  N  ND2 . ASN A 1 114 ? -10.676 1.378   -10.614 1.00 22.84 ? 111 ASN A ND2 1 
ATOM   883  N  N   . ARG A 1 115 ? -6.212  -1.488  -13.727 1.00 26.55 ? 112 ARG A N   1 
ATOM   884  C  CA  . ARG A 1 115 ? -4.766  -1.764  -13.827 1.00 27.04 ? 112 ARG A CA  1 
ATOM   885  C  C   . ARG A 1 115 ? -3.930  -0.507  -14.071 1.00 26.13 ? 112 ARG A C   1 
ATOM   886  O  O   . ARG A 1 115 ? -2.906  -0.296  -13.427 1.00 24.61 ? 112 ARG A O   1 
ATOM   887  C  CB  . ARG A 1 115 ? -4.444  -2.825  -14.897 1.00 27.55 ? 112 ARG A CB  1 
ATOM   888  C  CG  . ARG A 1 115 ? -2.920  -3.158  -14.944 1.00 32.77 ? 112 ARG A CG  1 
ATOM   889  C  CD  . ARG A 1 115 ? -2.514  -4.412  -15.703 1.00 37.96 ? 112 ARG A CD  1 
ATOM   890  N  NE  . ARG A 1 115 ? -1.546  -5.169  -14.903 1.00 42.79 ? 112 ARG A NE  1 
ATOM   891  C  CZ  . ARG A 1 115 ? -1.613  -6.465  -14.634 1.00 45.04 ? 112 ARG A CZ  1 
ATOM   892  N  NH1 . ARG A 1 115 ? -2.616  -7.228  -15.070 1.00 43.52 ? 112 ARG A NH1 1 
ATOM   893  N  NH2 . ARG A 1 115 ? -0.646  -7.007  -13.908 1.00 49.56 ? 112 ARG A NH2 1 
ATOM   894  N  N   . GLU A 1 116 ? -4.399  0.350   -14.969 1.00 26.66 ? 113 GLU A N   1 
ATOM   895  C  CA  . GLU A 1 116 ? -3.635  1.534   -15.375 1.00 26.72 ? 113 GLU A CA  1 
ATOM   896  C  C   . GLU A 1 116 ? -3.498  2.488   -14.205 1.00 24.55 ? 113 GLU A C   1 
ATOM   897  O  O   . GLU A 1 116 ? -2.428  2.986   -13.925 1.00 23.40 ? 113 GLU A O   1 
ATOM   898  C  CB  . GLU A 1 116 ? -4.346  2.237   -16.540 1.00 28.13 ? 113 GLU A CB  1 
ATOM   899  C  CG  . GLU A 1 116 ? -3.653  3.475   -17.079 1.00 32.72 ? 113 GLU A CG  1 
ATOM   900  C  CD  . GLU A 1 116 ? -4.481  4.175   -18.156 1.00 38.41 ? 113 GLU A CD  1 
ATOM   901  O  OE1 . GLU A 1 116 ? -5.239  5.129   -17.831 1.00 42.79 ? 113 GLU A OE1 1 
ATOM   902  O  OE2 . GLU A 1 116 ? -4.381  3.755   -19.322 1.00 42.21 ? 113 GLU A OE2 1 
ATOM   903  N  N   . ARG A 1 117 ? -4.594  2.731   -13.508 1.00 23.40 ? 114 ARG A N   1 
ATOM   904  C  CA  . ARG A 1 117 ? -4.560  3.622   -12.361 1.00 22.75 ? 114 ARG A CA  1 
ATOM   905  C  C   . ARG A 1 117 ? -3.723  2.989   -11.233 1.00 22.08 ? 114 ARG A C   1 
ATOM   906  O  O   . ARG A 1 117 ? -2.963  3.669   -10.540 1.00 21.98 ? 114 ARG A O   1 
ATOM   907  C  CB  . ARG A 1 117 ? -5.988  3.949   -11.902 1.00 23.00 ? 114 ARG A CB  1 
ATOM   908  C  CG  . ARG A 1 117 ? -6.067  4.929   -10.760 1.00 22.89 ? 114 ARG A CG  1 
ATOM   909  C  CD  . ARG A 1 117 ? -5.214  6.192   -10.976 1.00 21.52 ? 114 ARG A CD  1 
ATOM   910  N  NE  . ARG A 1 117 ? -5.370  7.104   -9.854  1.00 19.98 ? 114 ARG A NE  1 
ATOM   911  C  CZ  . ARG A 1 117 ? -4.655  8.199   -9.697  1.00 21.46 ? 114 ARG A CZ  1 
ATOM   912  N  NH1 . ARG A 1 117 ? -3.725  8.531   -10.582 1.00 22.29 ? 114 ARG A NH1 1 
ATOM   913  N  NH2 . ARG A 1 117 ? -4.873  8.986   -8.661  1.00 22.16 ? 114 ARG A NH2 1 
ATOM   914  N  N   . LEU A 1 118 ? -3.828  1.679   -11.082 1.00 21.35 ? 115 LEU A N   1 
ATOM   915  C  CA  . LEU A 1 118 ? -3.073  0.996   -10.044 1.00 21.27 ? 115 LEU A CA  1 
ATOM   916  C  C   . LEU A 1 118 ? -1.564  1.079   -10.324 1.00 21.09 ? 115 LEU A C   1 
ATOM   917  O  O   . LEU A 1 118 ? -0.766  1.348   -9.420  1.00 20.30 ? 115 LEU A O   1 
ATOM   918  C  CB  . LEU A 1 118 ? -3.535  -0.456  -9.942  1.00 21.47 ? 115 LEU A CB  1 
ATOM   919  C  CG  . LEU A 1 118 ? -2.983  -1.250  -8.760  1.00 21.44 ? 115 LEU A CG  1 
ATOM   920  C  CD1 . LEU A 1 118 ? -3.135  -0.482  -7.473  1.00 23.43 ? 115 LEU A CD1 1 
ATOM   921  C  CD2 . LEU A 1 118 ? -3.693  -2.573  -8.689  1.00 23.24 ? 115 LEU A CD2 1 
ATOM   922  N  N   . ASP A 1 119 ? -1.181  0.846   -11.584 1.00 20.17 ? 116 ASP A N   1 
ATOM   923  C  CA  . ASP A 1 119 ? 0.191   1.088   -12.020 1.00 20.31 ? 116 ASP A CA  1 
ATOM   924  C  C   . ASP A 1 119 ? 0.653   2.479   -11.612 1.00 19.92 ? 116 ASP A C   1 
ATOM   925  O  O   . ASP A 1 119 ? 1.708   2.644   -11.031 1.00 19.50 ? 116 ASP A O   1 
ATOM   926  C  CB  . ASP A 1 119 ? 0.308   0.960   -13.552 1.00 20.02 ? 116 ASP A CB  1 
ATOM   927  C  CG  . ASP A 1 119 ? 0.359   -0.471  -14.014 1.00 19.93 ? 116 ASP A CG  1 
ATOM   928  O  OD1 . ASP A 1 119 ? 0.477   -1.411  -13.184 1.00 20.69 ? 116 ASP A OD1 1 
ATOM   929  O  OD2 . ASP A 1 119 ? 0.329   -0.774  -15.211 1.00 23.79 ? 116 ASP A OD2 1 
ATOM   930  N  N   . GLU A 1 120 ? -0.148  3.486   -11.926 1.00 20.20 ? 117 GLU A N   1 
ATOM   931  C  CA  . GLU A 1 120 ? 0.202   4.860   -11.583 1.00 20.24 ? 117 GLU A CA  1 
ATOM   932  C  C   . GLU A 1 120 ? 0.478   5.049   -10.088 1.00 19.61 ? 117 GLU A C   1 
ATOM   933  O  O   . GLU A 1 120 ? 1.479   5.675   -9.703  1.00 20.33 ? 117 GLU A O   1 
ATOM   934  C  CB  . GLU A 1 120 ? -0.915  5.826   -12.019 1.00 20.49 ? 117 GLU A CB  1 
ATOM   935  C  CG  . GLU A 1 120 ? -0.989  6.048   -13.524 1.00 23.76 ? 117 GLU A CG  1 
ATOM   936  C  CD  . GLU A 1 120 ? -2.170  6.959   -13.934 1.00 27.70 ? 117 GLU A CD  1 
ATOM   937  O  OE1 . GLU A 1 120 ? -2.800  7.598   -13.070 1.00 27.00 ? 117 GLU A OE1 1 
ATOM   938  O  OE2 . GLU A 1 120 ? -2.453  7.054   -15.141 1.00 31.24 ? 117 GLU A OE2 1 
ATOM   939  N  N   . ILE A 1 121 ? -0.381  4.497   -9.238  1.00 18.77 ? 118 ILE A N   1 
ATOM   940  C  CA  . ILE A 1 121 ? -0.231  4.680   -7.795  1.00 18.00 ? 118 ILE A CA  1 
ATOM   941  C  C   . ILE A 1 121 ? 0.996   3.941   -7.272  1.00 17.62 ? 118 ILE A C   1 
ATOM   942  O  O   . ILE A 1 121 ? 1.772   4.478   -6.479  1.00 16.53 ? 118 ILE A O   1 
ATOM   943  C  CB  . ILE A 1 121 ? -1.517  4.246   -7.059  1.00 18.09 ? 118 ILE A CB  1 
ATOM   944  C  CG1 . ILE A 1 121 ? -2.637  5.251   -7.349  1.00 19.97 ? 118 ILE A CG1 1 
ATOM   945  C  CG2 . ILE A 1 121 ? -1.297  4.150   -5.548  1.00 17.96 ? 118 ILE A CG2 1 
ATOM   946  C  CD1 . ILE A 1 121 ? -4.014  4.701   -6.992  1.00 21.48 ? 118 ILE A CD1 1 
ATOM   947  N  N   . VAL A 1 122 ? 1.175   2.711   -7.739  1.00 17.76 ? 119 VAL A N   1 
ATOM   948  C  CA  . VAL A 1 122 ? 2.238   1.868   -7.246  1.00 17.65 ? 119 VAL A CA  1 
ATOM   949  C  C   . VAL A 1 122 ? 3.605   2.371   -7.748  1.00 18.30 ? 119 VAL A C   1 
ATOM   950  O  O   . VAL A 1 122 ? 4.549   2.446   -6.975  1.00 17.63 ? 119 VAL A O   1 
ATOM   951  C  CB  . VAL A 1 122 ? 2.029   0.371   -7.621  1.00 17.60 ? 119 VAL A CB  1 
ATOM   952  C  CG1 . VAL A 1 122 ? 3.256   -0.435  -7.257  1.00 18.51 ? 119 VAL A CG1 1 
ATOM   953  C  CG2 . VAL A 1 122 ? 0.823   -0.194  -6.914  1.00 17.69 ? 119 VAL A CG2 1 
ATOM   954  N  N   . TYR A 1 123 ? 3.708   2.729   -9.029  1.00 18.71 ? 120 TYR A N   1 
ATOM   955  C  CA  . TYR A 1 123 ? 4.937   3.312   -9.544  1.00 19.22 ? 120 TYR A CA  1 
ATOM   956  C  C   . TYR A 1 123 ? 5.247   4.635   -8.863  1.00 18.91 ? 120 TYR A C   1 
ATOM   957  O  O   . TYR A 1 123 ? 6.406   4.928   -8.591  1.00 18.06 ? 120 TYR A O   1 
ATOM   958  C  CB  . TYR A 1 123 ? 4.917   3.413   -11.085 1.00 20.13 ? 120 TYR A CB  1 
ATOM   959  C  CG  . TYR A 1 123 ? 4.772   2.040   -11.766 1.00 22.79 ? 120 TYR A CG  1 
ATOM   960  C  CD1 . TYR A 1 123 ? 5.260   0.883   -11.170 1.00 25.48 ? 120 TYR A CD1 1 
ATOM   961  C  CD2 . TYR A 1 123 ? 4.124   1.909   -12.998 1.00 27.30 ? 120 TYR A CD2 1 
ATOM   962  C  CE1 . TYR A 1 123 ? 5.132   -0.362  -11.775 1.00 26.83 ? 120 TYR A CE1 1 
ATOM   963  C  CE2 . TYR A 1 123 ? 3.983   0.671   -13.617 1.00 26.91 ? 120 TYR A CE2 1 
ATOM   964  C  CZ  . TYR A 1 123 ? 4.478   -0.467  -12.992 1.00 28.69 ? 120 TYR A CZ  1 
ATOM   965  O  OH  . TYR A 1 123 ? 4.343   -1.720  -13.572 1.00 30.31 ? 120 TYR A OH  1 
ATOM   966  N  N   . LYS A 1 124 ? 4.220   5.419   -8.530  1.00 19.22 ? 121 LYS A N   1 
ATOM   967  C  CA  . LYS A 1 124 ? 4.444   6.622   -7.742  1.00 19.33 ? 121 LYS A CA  1 
ATOM   968  C  C   . LYS A 1 124 ? 4.963   6.270   -6.347  1.00 18.98 ? 121 LYS A C   1 
ATOM   969  O  O   . LYS A 1 124 ? 5.899   6.902   -5.853  1.00 18.87 ? 121 LYS A O   1 
ATOM   970  C  CB  . LYS A 1 124 ? 3.154   7.466   -7.674  1.00 20.61 ? 121 LYS A CB  1 
ATOM   971  C  CG  . LYS A 1 124 ? 3.194   8.642   -6.743  1.00 22.56 ? 121 LYS A CG  1 
ATOM   972  C  CD  . LYS A 1 124 ? 4.271   9.636   -7.094  1.00 27.48 ? 121 LYS A CD  1 
ATOM   973  C  CE  . LYS A 1 124 ? 3.830   10.617  -8.163  1.00 28.70 ? 121 LYS A CE  1 
ATOM   974  N  NZ  . LYS A 1 124 ? 4.843   11.690  -8.353  1.00 30.16 ? 121 LYS A NZ  1 
ATOM   975  N  N   . ALA A 1 125 ? 4.376   5.261   -5.703  1.00 18.42 ? 122 ALA A N   1 
ATOM   976  C  CA  . ALA A 1 125 ? 4.853   4.842   -4.387  1.00 18.30 ? 122 ALA A CA  1 
ATOM   977  C  C   . ALA A 1 125 ? 6.322   4.465   -4.440  1.00 18.26 ? 122 ALA A C   1 
ATOM   978  O  O   . ALA A 1 125 ? 7.114   4.858   -3.568  1.00 17.55 ? 122 ALA A O   1 
ATOM   979  C  CB  . ALA A 1 125 ? 4.047   3.652   -3.863  1.00 18.46 ? 122 ALA A CB  1 
ATOM   980  N  N   . ILE A 1 126 ? 6.676   3.655   -5.432  1.00 18.20 ? 123 ILE A N   1 
ATOM   981  C  CA  . ILE A 1 126 ? 8.056   3.223   -5.596  1.00 19.23 ? 123 ILE A CA  1 
ATOM   982  C  C   . ILE A 1 126 ? 9.009   4.429   -5.773  1.00 19.61 ? 123 ILE A C   1 
ATOM   983  O  O   . ILE A 1 126 ? 10.055  4.472   -5.138  1.00 17.83 ? 123 ILE A O   1 
ATOM   984  C  CB  . ILE A 1 126 ? 8.184   2.230   -6.762  1.00 19.21 ? 123 ILE A CB  1 
ATOM   985  C  CG1 . ILE A 1 126 ? 7.557   0.884   -6.374  1.00 19.70 ? 123 ILE A CG1 1 
ATOM   986  C  CG2 . ILE A 1 126 ? 9.656   2.038   -7.127  1.00 21.48 ? 123 ILE A CG2 1 
ATOM   987  C  CD1 . ILE A 1 126 ? 7.314   -0.035  -7.534  1.00 20.88 ? 123 ILE A CD1 1 
ATOM   988  N  N   . ALA A 1 127 ? 8.614   5.407   -6.596  1.00 20.64 ? 124 ALA A N   1 
ATOM   989  C  CA  . ALA A 1 127 ? 9.456   6.595   -6.860  1.00 21.72 ? 124 ALA A CA  1 
ATOM   990  C  C   . ALA A 1 127 ? 9.628   7.394   -5.577  1.00 22.52 ? 124 ALA A C   1 
ATOM   991  O  O   . ALA A 1 127 ? 10.728  7.829   -5.272  1.00 22.20 ? 124 ALA A O   1 
ATOM   992  C  CB  . ALA A 1 127 ? 8.861   7.489   -7.964  1.00 21.79 ? 124 ALA A CB  1 
ATOM   993  N  N   . VAL A 1 128 ? 8.556   7.517   -4.788  1.00 22.98 ? 125 VAL A N   1 
ATOM   994  C  CA  . VAL A 1 128 ? 8.617   8.265   -3.549  1.00 23.41 ? 125 VAL A CA  1 
ATOM   995  C  C   . VAL A 1 128 ? 9.604   7.597   -2.604  1.00 24.26 ? 125 VAL A C   1 
ATOM   996  O  O   . VAL A 1 128 ? 10.469  8.257   -2.032  1.00 24.34 ? 125 VAL A O   1 
ATOM   997  C  CB  . VAL A 1 128 ? 7.203   8.390   -2.895  1.00 24.14 ? 125 VAL A CB  1 
ATOM   998  C  CG1 . VAL A 1 128 ? 7.301   8.868   -1.435  1.00 24.71 ? 125 VAL A CG1 1 
ATOM   999  C  CG2 . VAL A 1 128 ? 6.335   9.307   -3.717  1.00 22.53 ? 125 VAL A CG2 1 
ATOM   1000 N  N   . LEU A 1 129 ? 9.517   6.277   -2.480  1.00 24.14 ? 126 LEU A N   1 
ATOM   1001 C  CA  . LEU A 1 129 ? 10.338  5.576   -1.522  1.00 25.15 ? 126 LEU A CA  1 
ATOM   1002 C  C   . LEU A 1 129 ? 11.813  5.538   -1.949  1.00 27.69 ? 126 LEU A C   1 
ATOM   1003 O  O   . LEU A 1 129 ? 12.703  5.532   -1.095  1.00 27.87 ? 126 LEU A O   1 
ATOM   1004 C  CB  . LEU A 1 129 ? 9.787   4.166   -1.270  1.00 23.98 ? 126 LEU A CB  1 
ATOM   1005 C  CG  . LEU A 1 129 ? 8.462   4.203   -0.470  1.00 22.61 ? 126 LEU A CG  1 
ATOM   1006 C  CD1 . LEU A 1 129 ? 7.845   2.857   -0.388  1.00 21.52 ? 126 LEU A CD1 1 
ATOM   1007 C  CD2 . LEU A 1 129 ? 8.667   4.761   0.927   1.00 21.17 ? 126 LEU A CD2 1 
ATOM   1008 N  N   . GLU A 1 130 ? 12.070  5.534   -3.252  1.00 30.15 ? 127 GLU A N   1 
ATOM   1009 C  CA  . GLU A 1 130 ? 13.456  5.521   -3.756  1.00 32.70 ? 127 GLU A CA  1 
ATOM   1010 C  C   . GLU A 1 130 ? 14.124  6.904   -3.804  1.00 35.02 ? 127 GLU A C   1 
ATOM   1011 O  O   . GLU A 1 130 ? 15.336  6.972   -3.809  1.00 35.07 ? 127 GLU A O   1 
ATOM   1012 C  CB  . GLU A 1 130 ? 13.516  4.856   -5.128  1.00 32.07 ? 127 GLU A CB  1 
ATOM   1013 C  CG  . GLU A 1 130 ? 13.461  3.350   -5.013  1.00 32.18 ? 127 GLU A CG  1 
ATOM   1014 C  CD  . GLU A 1 130 ? 13.450  2.630   -6.335  1.00 32.28 ? 127 GLU A CD  1 
ATOM   1015 O  OE1 . GLU A 1 130 ? 13.178  3.287   -7.375  1.00 30.75 ? 127 GLU A OE1 1 
ATOM   1016 O  OE2 . GLU A 1 130 ? 13.715  1.390   -6.313  1.00 29.65 ? 127 GLU A OE2 1 
ATOM   1017 N  N   . GLU A 1 131 ? 13.346  7.989   -3.834  1.00 38.06 ? 128 GLU A N   1 
ATOM   1018 C  CA  . GLU A 1 131 ? 13.905  9.358   -3.904  1.00 40.84 ? 128 GLU A CA  1 
ATOM   1019 C  C   . GLU A 1 131 ? 14.837  9.679   -2.724  1.00 41.78 ? 128 GLU A C   1 
ATOM   1020 O  O   . GLU A 1 131 ? 14.473  9.466   -1.553  1.00 43.24 ? 128 GLU A O   1 
ATOM   1021 C  CB  . GLU A 1 131 ? 12.788  10.400  -3.934  1.00 41.89 ? 128 GLU A CB  1 
ATOM   1022 C  CG  . GLU A 1 131 ? 13.217  11.790  -4.413  1.00 46.22 ? 128 GLU A CG  1 
ATOM   1023 C  CD  . GLU A 1 131 ? 12.124  12.836  -4.228  1.00 51.48 ? 128 GLU A CD  1 
ATOM   1024 O  OE1 . GLU A 1 131 ? 10.967  12.591  -4.673  1.00 55.66 ? 128 GLU A OE1 1 
ATOM   1025 O  OE2 . GLU A 1 131 ? 12.417  13.906  -3.639  1.00 54.59 ? 128 GLU A OE2 1 
HETATM 1026 O  O   . HOH B 2 .   ? -17.322 6.753   2.412   1.00 37.10 ? 136 HOH A O   1 
HETATM 1027 O  O   . HOH B 2 .   ? -9.697  -1.455  9.511   1.00 48.81 ? 137 HOH A O   1 
HETATM 1028 O  O   . HOH B 2 .   ? -6.516  -11.772 -8.100  1.00 29.69 ? 138 HOH A O   1 
HETATM 1029 O  O   . HOH B 2 .   ? 6.659   -3.361  -10.160 1.00 24.98 ? 139 HOH A O   1 
HETATM 1030 O  O   . HOH B 2 .   ? -13.692 -0.727  10.814  1.00 25.68 ? 140 HOH A O   1 
HETATM 1031 O  O   . HOH B 2 .   ? -0.723  -13.356 -8.676  1.00 28.25 ? 141 HOH A O   1 
HETATM 1032 O  O   . HOH B 2 .   ? 7.352   0.010   10.084  1.00 26.15 ? 142 HOH A O   1 
HETATM 1033 O  O   . HOH B 2 .   ? -21.539 0.234   0.458   1.00 31.05 ? 143 HOH A O   1 
HETATM 1034 O  O   . HOH B 2 .   ? -0.244  10.538  11.461  1.00 39.53 ? 144 HOH A O   1 
HETATM 1035 O  O   . HOH B 2 .   ? -4.397  12.856  -2.669  1.00 33.34 ? 145 HOH A O   1 
HETATM 1036 O  O   . HOH B 2 .   ? 2.989   -5.621  0.802   1.00 27.06 ? 146 HOH A O   1 
HETATM 1037 O  O   . HOH B 2 .   ? 1.789   -0.885  19.183  1.00 32.93 ? 147 HOH A O   1 
HETATM 1038 O  O   . HOH B 2 .   ? 6.055   -2.548  9.680   1.00 31.92 ? 148 HOH A O   1 
HETATM 1039 O  O   . HOH B 2 .   ? -11.346 1.423   2.228   1.00 29.03 ? 149 HOH A O   1 
HETATM 1040 O  O   . HOH B 2 .   ? -7.406  1.989   -14.398 1.00 38.40 ? 150 HOH A O   1 
HETATM 1041 O  O   . HOH B 2 .   ? 25.349  -17.245 -5.214  1.00 32.86 ? 151 HOH A O   1 
HETATM 1042 O  O   . HOH B 2 .   ? 1.651   -6.075  -11.761 1.00 40.92 ? 152 HOH A O   1 
HETATM 1043 O  O   . HOH B 2 .   ? 0.070   6.671   17.255  1.00 38.88 ? 153 HOH A O   1 
HETATM 1044 O  O   . HOH B 2 .   ? -2.918  -7.953  5.374   1.00 35.27 ? 154 HOH A O   1 
HETATM 1045 O  O   . HOH B 2 .   ? -10.592 7.557   9.799   1.00 46.27 ? 155 HOH A O   1 
HETATM 1046 O  O   . HOH B 2 .   ? 2.542   -4.441  3.149   1.00 30.73 ? 156 HOH A O   1 
HETATM 1047 O  O   . HOH B 2 .   ? 6.243   5.242   13.000  1.00 39.32 ? 157 HOH A O   1 
HETATM 1048 O  O   . HOH B 2 .   ? 15.671  -12.644 1.121   1.00 39.25 ? 158 HOH A O   1 
HETATM 1049 O  O   . HOH B 2 .   ? 6.708   7.068   7.915   1.00 39.04 ? 159 HOH A O   1 
HETATM 1050 O  O   . HOH B 2 .   ? 0.872   -2.603  7.653   1.00 41.85 ? 160 HOH A O   1 
HETATM 1051 O  O   . HOH B 2 .   ? 10.908  0.719   6.711   1.00 35.20 ? 161 HOH A O   1 
HETATM 1052 O  O   . HOH B 2 .   ? -18.052 -2.524  -6.772  1.00 43.52 ? 162 HOH A O   1 
HETATM 1053 O  O   . HOH B 2 .   ? -2.470  -6.039  6.528   1.00 47.13 ? 163 HOH A O   1 
HETATM 1054 O  O   . HOH B 2 .   ? -14.741 -0.244  5.449   1.00 37.70 ? 164 HOH A O   1 
HETATM 1055 O  O   . HOH B 2 .   ? -0.682  -6.860  -10.621 1.00 30.65 ? 165 HOH A O   1 
HETATM 1056 O  O   . HOH B 2 .   ? -4.552  -5.303  -10.751 1.00 38.62 ? 166 HOH A O   1 
HETATM 1057 O  O   . HOH B 2 .   ? 2.516   -8.376  17.058  1.00 46.02 ? 167 HOH A O   1 
HETATM 1058 O  O   . HOH B 2 .   ? 5.470   -3.906  -12.310 1.00 32.98 ? 168 HOH A O   1 
HETATM 1059 O  O   . HOH B 2 .   ? 3.206   -3.818  6.800   1.00 42.82 ? 169 HOH A O   1 
HETATM 1060 O  O   . HOH B 2 .   ? 8.531   4.001   -10.058 1.00 38.08 ? 170 HOH A O   1 
HETATM 1061 O  O   . HOH B 2 .   ? -8.339  -0.890  16.234  1.00 39.32 ? 171 HOH A O   1 
HETATM 1062 O  O   . HOH B 2 .   ? 6.899   0.384   12.646  1.00 46.06 ? 172 HOH A O   1 
HETATM 1063 O  O   . HOH B 2 .   ? 3.035   7.035   -11.385 1.00 38.25 ? 173 HOH A O   1 
HETATM 1064 O  O   . HOH B 2 .   ? 0.026   11.430  13.646  1.00 48.76 ? 174 HOH A O   1 
HETATM 1065 O  O   . HOH B 2 .   ? -2.081  -4.617  -11.519 1.00 34.53 ? 175 HOH A O   1 
HETATM 1066 O  O   . HOH B 2 .   ? 4.334   -3.164  11.636  1.00 44.32 ? 176 HOH A O   1 
HETATM 1067 O  O   . HOH B 2 .   ? 17.465  -5.198  -6.533  1.00 39.20 ? 177 HOH A O   1 
HETATM 1068 O  O   . HOH B 2 .   ? 5.641   7.824   -10.736 1.00 45.26 ? 178 HOH A O   1 
HETATM 1069 O  O   . HOH B 2 .   ? -3.151  -15.195 4.573   1.00 48.01 ? 179 HOH A O   1 
HETATM 1070 O  O   . HOH B 2 .   ? 8.740   11.324  -6.557  1.00 55.68 ? 180 HOH A O   1 
HETATM 1071 O  O   . HOH B 2 .   ? 5.522   -7.922  3.344   1.00 43.24 ? 181 HOH A O   1 
HETATM 1072 O  O   . HOH B 2 .   ? -2.976  11.349  -10.095 1.00 40.74 ? 182 HOH A O   1 
HETATM 1073 O  O   . HOH B 2 .   ? 1.163   -4.737  6.301   1.00 39.46 ? 183 HOH A O   1 
HETATM 1074 O  O   . HOH B 2 .   ? -6.979  -0.110  -16.945 1.00 48.45 ? 184 HOH A O   1 
HETATM 1075 O  O   . HOH B 2 .   ? -3.281  17.992  1.565   1.00 43.81 ? 185 HOH A O   1 
HETATM 1076 O  O   . HOH B 2 .   ? 13.881  2.317   -9.793  1.00 48.01 ? 186 HOH A O   1 
HETATM 1077 O  O   . HOH B 2 .   ? -3.064  -10.567 6.900   1.00 33.16 ? 187 HOH A O   1 
HETATM 1078 O  O   . HOH B 2 .   ? 8.678   -1.654  -10.944 1.00 38.65 ? 188 HOH A O   1 
HETATM 1079 O  O   . HOH B 2 .   ? -11.129 7.923   -8.731  1.00 40.46 ? 189 HOH A O   1 
HETATM 1080 O  O   . HOH B 2 .   ? 6.081   2.511   14.082  1.00 40.58 ? 190 HOH A O   1 
HETATM 1081 O  O   . HOH B 2 .   ? 3.575   8.152   10.844  1.00 41.90 ? 191 HOH A O   1 
HETATM 1082 O  O   . HOH B 2 .   ? 13.425  -13.922 1.344   1.00 48.10 ? 192 HOH A O   1 
HETATM 1083 O  O   . HOH B 2 .   ? 14.812  1.881   -0.933  1.00 52.14 ? 193 HOH A O   1 
HETATM 1084 O  O   . HOH B 2 .   ? -0.291  3.488   -15.898 1.00 44.50 ? 194 HOH A O   1 
HETATM 1085 O  O   . HOH B 2 .   ? 12.171  6.054   1.705   1.00 49.86 ? 195 HOH A O   1 
HETATM 1086 O  O   . HOH B 2 .   ? -11.761 13.991  -7.996  1.00 45.16 ? 196 HOH A O   1 
HETATM 1087 O  O   . HOH B 2 .   ? 12.756  8.455   -7.086  1.00 50.95 ? 197 HOH A O   1 
HETATM 1088 O  O   . HOH B 2 .   ? -5.371  15.495  0.004   1.00 42.79 ? 198 HOH A O   1 
HETATM 1089 O  O   . HOH B 2 .   ? -8.560  -3.403  8.936   1.00 57.23 ? 199 HOH A O   1 
HETATM 1090 O  O   . HOH B 2 .   ? 2.833   -8.143  -11.872 1.00 36.87 ? 200 HOH A O   1 
HETATM 1091 O  O   . HOH B 2 .   ? 2.744   -9.111  1.942   1.00 42.82 ? 201 HOH A O   1 
HETATM 1092 O  O   . HOH B 2 .   ? 3.671   -2.626  22.006  1.00 44.21 ? 202 HOH A O   1 
HETATM 1093 O  O   . HOH B 2 .   ? 10.177  -0.182  9.685   1.00 46.65 ? 203 HOH A O   1 
HETATM 1094 O  O   . HOH B 2 .   ? 10.551  -2.861  9.211   1.00 50.45 ? 204 HOH A O   1 
HETATM 1095 O  O   . HOH B 2 .   ? -18.734 -11.046 -5.506  1.00 53.49 ? 205 HOH A O   1 
HETATM 1096 O  O   . HOH B 2 .   ? 9.080   1.140   -11.012 1.00 45.98 ? 206 HOH A O   1 
HETATM 1097 O  O   . HOH B 2 .   ? -11.911 11.468  4.036   1.00 56.83 ? 207 HOH A O   1 
HETATM 1098 O  O   . HOH B 2 .   ? -9.026  6.892   -10.043 1.00 50.39 ? 208 HOH A O   1 
HETATM 1099 O  O   . HOH B 2 .   ? -15.088 -0.974  7.375   0.50 16.84 ? 209 HOH A O   1 
HETATM 1100 O  O   . HOH B 2 .   ? 2.496   -11.498 -0.022  0.50 31.73 ? 210 HOH A O   1 
HETATM 1101 O  O   . HOH B 2 .   ? -6.990  4.396   17.527  0.50 47.42 ? 211 HOH A O   1 
HETATM 1102 O  O   . HOH B 2 .   ? -1.540  -9.870  -12.211 0.50 40.73 ? 212 HOH A O   1 
# 
